data_3JU5
#
_entry.id   3JU5
#
_cell.length_a   86.881
_cell.length_b   59.868
_cell.length_c   139.873
_cell.angle_alpha   90.00
_cell.angle_beta   92.72
_cell.angle_gamma   90.00
#
_symmetry.space_group_name_H-M   'P 1 21 1'
#
loop_
_entity.id
_entity.type
_entity.pdbx_description
1 polymer 'Arginine kinase'
2 non-polymer 'MAGNESIUM ION'
3 water water
#
_entity_poly.entity_id   1
_entity_poly.type   'polypeptide(L)'
_entity_poly.pdbx_seq_one_letter_code
;(MSE)ANLNQKKYPAKDDFPNFEGHKSLLSKYLTAD(MSE)YAKLRDVATPSGYTLDRAIQNGVDNPDFHLGLLAGDEET
YTVFADLFDPVIEEYHNGFKKTDNHKTDLDASKILDDVLDPAYVISSRVRTGRNIRG(MSE)ALSPHVCRSERRAIEK
(MSE)VSEALNSLAADLKGKYYSL(MSE)K(MSE)DEKTQQQLIDDHFLFDRPVSRHFTSGG(MSE)ARDFPDGRGIWHN
DKKNFLVWINEEDHTRIIS(MSE)Q(MSE)GGN(MSE)KEVFERFTRGLTEVEKHIKDKTGKEF(MSE)KNDHLGFVLTC
PSNLGTGVRCSVHAKLPH(MSE)AKDKRFEEICTK(MSE)RLQKRGTSGEFTESVGGVYDISNLDRLGSSEVEQVNCVIK
GVKVLIE(MSE)EKKLEKGESIDDLVPK
;
_entity_poly.pdbx_strand_id   A,B,C,D
#
loop_
_chem_comp.id
_chem_comp.type
_chem_comp.name
_chem_comp.formula
MG non-polymer 'MAGNESIUM ION' 'Mg 2'
#
# COMPACT_ATOMS: atom_id res chain seq x y z
N ALA A 2 8.92 15.67 8.34
CA ALA A 2 7.48 15.44 8.52
C ALA A 2 7.28 14.06 7.99
N ASN A 3 6.20 13.39 8.43
CA ASN A 3 5.86 12.12 7.84
C ASN A 3 5.08 12.44 6.55
N LEU A 4 5.68 12.23 5.38
CA LEU A 4 5.04 12.66 4.10
C LEU A 4 3.74 11.95 3.76
N ASN A 5 3.43 10.83 4.43
CA ASN A 5 2.14 10.26 4.11
C ASN A 5 1.05 10.89 4.96
N GLN A 6 1.39 11.64 6.00
CA GLN A 6 0.31 12.21 6.83
C GLN A 6 -0.66 13.02 5.96
N LYS A 7 -0.11 13.79 5.03
CA LYS A 7 -0.97 14.73 4.32
C LYS A 7 -2.02 13.99 3.51
N LYS A 8 -1.84 12.69 3.32
CA LYS A 8 -2.82 11.92 2.52
C LYS A 8 -4.09 11.51 3.22
N TYR A 9 -4.11 11.61 4.56
CA TYR A 9 -5.26 11.19 5.42
C TYR A 9 -6.10 12.34 5.76
N PRO A 10 -7.42 12.14 6.01
CA PRO A 10 -8.26 13.27 6.40
C PRO A 10 -7.70 13.84 7.70
N ALA A 11 -7.77 15.16 7.88
CA ALA A 11 -7.20 15.79 9.10
C ALA A 11 -7.91 15.27 10.33
N LYS A 12 -9.19 14.95 10.21
CA LYS A 12 -9.93 14.44 11.36
C LYS A 12 -9.34 13.14 11.89
N ASP A 13 -8.66 12.40 11.01
CA ASP A 13 -8.00 11.19 11.48
C ASP A 13 -6.71 11.38 12.25
N ASP A 14 -6.14 12.56 12.07
CA ASP A 14 -4.93 12.99 12.79
C ASP A 14 -5.18 13.88 14.01
N PHE A 15 -6.40 14.44 14.11
CA PHE A 15 -6.74 15.29 15.23
C PHE A 15 -6.55 14.63 16.58
N PRO A 16 -5.79 15.27 17.49
CA PRO A 16 -5.55 14.69 18.83
C PRO A 16 -6.88 14.46 19.54
N ASN A 17 -6.88 13.44 20.36
CA ASN A 17 -8.01 13.19 21.26
C ASN A 17 -7.72 13.94 22.55
N PHE A 18 -8.43 15.04 22.76
CA PHE A 18 -8.12 15.82 23.94
C PHE A 18 -9.04 15.53 25.12
N GLU A 19 -9.71 14.42 25.07
CA GLU A 19 -10.55 14.08 26.26
C GLU A 19 -9.72 13.98 27.51
N GLY A 20 -10.14 14.69 28.58
CA GLY A 20 -9.38 14.59 29.85
C GLY A 20 -8.22 15.61 29.93
N HIS A 21 -7.93 16.30 28.83
CA HIS A 21 -6.83 17.28 28.86
C HIS A 21 -7.15 18.55 29.62
N LYS A 22 -6.14 19.15 30.25
CA LYS A 22 -6.34 20.39 30.99
C LYS A 22 -5.56 21.56 30.43
N SER A 23 -5.11 21.48 29.18
CA SER A 23 -4.22 22.46 28.61
C SER A 23 -4.90 23.58 27.83
N LEU A 24 -4.23 24.72 27.73
CA LEU A 24 -4.63 25.80 26.82
C LEU A 24 -4.54 25.27 25.36
N LEU A 25 -3.61 24.32 25.13
CA LEU A 25 -3.54 23.68 23.79
C LEU A 25 -4.92 23.05 23.45
N SER A 26 -5.43 22.22 24.35
CA SER A 26 -6.68 21.48 24.15
C SER A 26 -7.84 22.47 24.03
N LYS A 27 -7.76 23.59 24.76
CA LYS A 27 -8.84 24.60 24.68
C LYS A 27 -8.90 25.30 23.34
N TYR A 28 -7.75 25.66 22.72
CA TYR A 28 -7.76 26.45 21.49
C TYR A 28 -7.54 25.73 20.19
N LEU A 29 -6.95 24.54 20.21
CA LEU A 29 -6.72 23.86 18.93
C LEU A 29 -8.00 23.09 18.55
N THR A 30 -8.88 23.75 17.81
CA THR A 30 -10.12 23.15 17.34
C THR A 30 -9.92 22.13 16.21
N ALA A 31 -10.95 21.33 15.95
CA ALA A 31 -10.85 20.50 14.76
C ALA A 31 -10.50 21.20 13.47
N ASP A 32 -11.17 22.31 13.21
CA ASP A 32 -11.02 23.05 11.98
C ASP A 32 -9.67 23.72 11.98
N MSE A 33 -9.21 24.11 13.15
CA MSE A 33 -7.89 24.80 13.19
C MSE A 33 -6.78 23.77 12.81
O MSE A 33 -5.86 24.03 11.98
CB MSE A 33 -7.64 25.43 14.55
CG MSE A 33 -6.33 26.18 14.50
SE MSE A 33 -5.91 26.85 16.26
CE MSE A 33 -7.47 28.05 16.46
N TYR A 34 -6.89 22.60 13.41
CA TYR A 34 -5.96 21.53 13.11
C TYR A 34 -5.98 21.18 11.64
N ALA A 35 -7.15 21.06 11.04
CA ALA A 35 -7.19 20.74 9.63
C ALA A 35 -6.56 21.86 8.77
N LYS A 36 -6.75 23.09 9.19
CA LYS A 36 -6.09 24.19 8.49
C LYS A 36 -4.56 24.12 8.53
N LEU A 37 -3.99 23.73 9.65
CA LEU A 37 -2.54 23.89 9.86
C LEU A 37 -1.76 22.57 9.88
N ARG A 38 -2.44 21.44 9.79
CA ARG A 38 -1.72 20.22 9.95
C ARG A 38 -0.51 20.10 8.99
N ASP A 39 -0.70 20.52 7.75
CA ASP A 39 0.26 20.26 6.71
C ASP A 39 1.05 21.48 6.36
N VAL A 40 0.95 22.51 7.20
CA VAL A 40 1.73 23.73 7.05
C VAL A 40 2.98 23.62 7.94
N ALA A 41 4.15 23.71 7.31
CA ALA A 41 5.44 23.66 8.07
C ALA A 41 6.13 25.02 8.10
N THR A 42 6.92 25.26 9.15
CA THR A 42 7.77 26.46 9.20
C THR A 42 8.89 26.35 8.14
N PRO A 43 9.61 27.45 7.84
CA PRO A 43 10.69 27.42 6.85
C PRO A 43 11.85 26.51 7.22
N SER A 44 12.01 26.17 8.50
CA SER A 44 13.02 25.18 8.89
C SER A 44 12.50 23.73 8.89
N GLY A 45 11.23 23.53 8.55
CA GLY A 45 10.71 22.16 8.58
C GLY A 45 9.95 21.73 9.83
N TYR A 46 9.75 22.62 10.81
CA TYR A 46 9.04 22.24 12.05
C TYR A 46 7.54 22.20 11.76
N THR A 47 6.85 21.21 12.33
CA THR A 47 5.43 20.93 12.03
C THR A 47 4.51 21.28 13.17
N LEU A 48 3.21 21.31 12.86
CA LEU A 48 2.22 21.55 13.90
C LEU A 48 2.27 20.39 14.88
N ASP A 49 2.30 19.18 14.40
CA ASP A 49 2.32 18.07 15.33
C ASP A 49 3.47 18.17 16.31
N ARG A 50 4.66 18.47 15.79
CA ARG A 50 5.81 18.63 16.69
C ARG A 50 5.57 19.70 17.78
N ALA A 51 5.03 20.85 17.39
CA ALA A 51 4.74 21.98 18.23
C ALA A 51 3.81 21.62 19.36
N ILE A 52 2.89 20.67 19.08
CA ILE A 52 1.86 20.35 20.12
C ILE A 52 2.11 19.05 20.85
N GLN A 53 3.19 18.35 20.46
CA GLN A 53 3.38 16.99 20.97
C GLN A 53 3.51 17.01 22.51
N ASN A 54 4.13 18.06 23.04
CA ASN A 54 4.27 18.21 24.50
C ASN A 54 2.94 18.12 25.28
N GLY A 55 1.92 18.80 24.80
CA GLY A 55 0.55 18.73 25.34
C GLY A 55 -0.15 17.43 25.04
N VAL A 56 -0.05 16.96 23.79
CA VAL A 56 -0.77 15.72 23.40
C VAL A 56 -0.30 14.52 24.25
N ASP A 57 0.99 14.50 24.66
CA ASP A 57 1.50 13.36 25.45
C ASP A 57 1.21 13.48 26.95
N ASN A 58 0.83 14.66 27.40
CA ASN A 58 0.77 15.00 28.84
C ASN A 58 -0.45 15.81 29.19
N PRO A 59 -1.58 15.13 29.34
CA PRO A 59 -2.88 15.81 29.48
C PRO A 59 -2.90 16.72 30.73
N ASP A 60 -2.04 16.47 31.71
CA ASP A 60 -1.98 17.35 32.93
C ASP A 60 -1.24 18.70 32.76
N PHE A 61 -0.54 18.91 31.63
CA PHE A 61 0.21 20.17 31.44
C PHE A 61 -0.74 21.34 31.18
N HIS A 62 -0.39 22.52 31.68
CA HIS A 62 -1.28 23.66 31.54
C HIS A 62 -1.21 24.30 30.14
N LEU A 63 -0.05 24.18 29.48
CA LEU A 63 0.22 24.98 28.27
C LEU A 63 0.23 24.02 27.09
N GLY A 64 1.26 23.17 26.97
CA GLY A 64 1.13 22.08 26.00
C GLY A 64 1.81 22.41 24.64
N LEU A 65 2.47 23.57 24.52
CA LEU A 65 3.02 23.97 23.20
C LEU A 65 4.52 24.31 23.35
N LEU A 66 5.32 24.08 22.31
CA LEU A 66 6.73 24.59 22.36
C LEU A 66 7.08 25.07 20.96
N ALA A 67 7.77 26.18 20.85
CA ALA A 67 8.23 26.66 19.52
C ALA A 67 9.53 25.94 19.02
N GLY A 68 9.62 25.59 17.74
CA GLY A 68 10.83 24.92 17.20
C GLY A 68 11.78 25.92 16.54
N ASP A 69 11.23 27.10 16.22
CA ASP A 69 11.98 28.17 15.56
C ASP A 69 11.21 29.46 15.80
N GLU A 70 11.86 30.55 15.46
CA GLU A 70 11.28 31.82 15.67
C GLU A 70 9.92 31.93 14.93
N GLU A 71 9.86 31.32 13.75
CA GLU A 71 8.70 31.46 12.94
C GLU A 71 7.52 30.63 13.42
N THR A 72 7.76 29.67 14.31
CA THR A 72 6.63 28.91 14.85
C THR A 72 5.50 29.85 15.31
N TYR A 73 5.89 30.96 15.93
CA TYR A 73 4.92 31.85 16.59
C TYR A 73 4.02 32.55 15.55
N THR A 74 4.53 32.75 14.34
CA THR A 74 3.73 33.34 13.30
C THR A 74 3.07 32.35 12.34
N VAL A 75 3.83 31.33 11.94
CA VAL A 75 3.26 30.32 11.07
C VAL A 75 2.03 29.67 11.74
N PHE A 76 2.12 29.46 13.05
CA PHE A 76 1.02 28.85 13.77
C PHE A 76 0.31 29.85 14.73
N ALA A 77 0.27 31.11 14.32
CA ALA A 77 -0.28 32.16 15.14
C ALA A 77 -1.74 31.89 15.52
N ASP A 78 -2.52 31.24 14.63
CA ASP A 78 -3.90 30.88 15.01
C ASP A 78 -4.01 30.20 16.37
N LEU A 79 -3.00 29.37 16.72
CA LEU A 79 -2.97 28.63 17.93
C LEU A 79 -2.19 29.36 18.99
N PHE A 80 -1.02 29.83 18.62
CA PHE A 80 -0.16 30.46 19.63
C PHE A 80 -0.77 31.79 20.16
N ASP A 81 -1.36 32.62 19.28
CA ASP A 81 -1.92 33.94 19.74
C ASP A 81 -2.94 33.80 20.89
N PRO A 82 -3.94 32.94 20.75
CA PRO A 82 -4.89 32.90 21.87
C PRO A 82 -4.34 32.25 23.11
N VAL A 83 -3.37 31.35 22.94
CA VAL A 83 -2.82 30.64 24.12
C VAL A 83 -2.00 31.68 24.88
N ILE A 84 -1.28 32.51 24.14
CA ILE A 84 -0.47 33.56 24.77
C ILE A 84 -1.40 34.58 25.44
N GLU A 85 -2.51 34.92 24.75
CA GLU A 85 -3.45 35.89 25.36
C GLU A 85 -4.00 35.41 26.70
N GLU A 86 -4.41 34.15 26.78
CA GLU A 86 -4.96 33.68 28.04
C GLU A 86 -3.88 33.49 29.11
N TYR A 87 -2.77 32.84 28.72
CA TYR A 87 -1.71 32.58 29.69
C TYR A 87 -1.19 33.87 30.30
N HIS A 88 -1.07 34.91 29.46
CA HIS A 88 -0.45 36.18 29.89
C HIS A 88 -1.50 37.28 30.20
N ASN A 89 -2.65 36.84 30.67
CA ASN A 89 -3.64 37.77 31.28
C ASN A 89 -4.10 38.86 30.34
N GLY A 90 -4.46 38.45 29.12
CA GLY A 90 -5.07 39.39 28.21
C GLY A 90 -4.12 40.07 27.27
N PHE A 91 -2.92 39.47 27.06
CA PHE A 91 -1.92 40.09 26.16
C PHE A 91 -2.27 39.70 24.72
N LYS A 92 -2.87 40.63 24.00
CA LYS A 92 -3.47 40.44 22.67
C LYS A 92 -2.43 40.41 21.55
N LYS A 93 -2.87 39.96 20.38
CA LYS A 93 -1.96 39.99 19.21
C LYS A 93 -1.54 41.42 18.87
N THR A 94 -2.39 42.40 19.21
CA THR A 94 -2.14 43.81 18.90
C THR A 94 -1.31 44.47 20.01
N ASP A 95 -1.18 43.83 21.17
CA ASP A 95 -0.40 44.46 22.29
C ASP A 95 1.06 44.25 21.98
N ASN A 96 1.92 45.13 22.50
CA ASN A 96 3.34 45.02 22.28
C ASN A 96 4.14 45.05 23.56
N HIS A 97 5.32 44.44 23.56
CA HIS A 97 6.03 44.29 24.79
C HIS A 97 7.24 45.25 24.85
N LYS A 98 7.42 45.92 25.96
CA LYS A 98 8.52 46.89 26.08
C LYS A 98 9.56 46.36 27.06
N THR A 99 10.80 46.39 26.64
CA THR A 99 11.92 45.96 27.46
C THR A 99 12.39 47.14 28.27
N ASP A 100 12.86 46.86 29.47
CA ASP A 100 13.52 47.94 30.21
C ASP A 100 14.59 47.27 31.09
N LEU A 101 15.83 47.25 30.59
CA LEU A 101 16.96 46.70 31.36
C LEU A 101 17.81 47.73 32.13
N ASP A 102 17.21 48.86 32.49
CA ASP A 102 17.95 49.96 33.10
C ASP A 102 18.11 49.69 34.57
N ALA A 103 19.30 49.22 34.97
CA ALA A 103 19.53 48.86 36.36
C ALA A 103 19.43 50.03 37.35
N SER A 104 19.64 51.26 36.89
CA SER A 104 19.44 52.46 37.73
C SER A 104 18.01 52.64 38.26
N LYS A 105 17.01 51.95 37.66
CA LYS A 105 15.64 52.13 38.07
C LYS A 105 15.16 51.12 39.12
N ILE A 106 16.00 50.17 39.48
CA ILE A 106 15.62 49.14 40.48
C ILE A 106 15.64 49.76 41.90
N LEU A 107 14.59 49.50 42.67
CA LEU A 107 14.53 49.83 44.10
C LEU A 107 15.82 49.39 44.85
N ASP A 108 16.41 50.27 45.65
CA ASP A 108 17.67 49.99 46.24
C ASP A 108 17.58 49.35 47.66
N ASP A 109 16.40 48.93 48.07
CA ASP A 109 16.23 48.28 49.39
C ASP A 109 16.98 47.00 49.43
N VAL A 110 17.55 46.69 50.59
CA VAL A 110 18.20 45.42 50.79
C VAL A 110 17.29 44.55 51.63
N LEU A 111 16.82 43.47 51.04
CA LEU A 111 15.86 42.59 51.68
C LEU A 111 16.54 41.98 52.94
N ASP A 112 15.82 41.86 54.06
CA ASP A 112 16.45 41.47 55.33
C ASP A 112 17.06 40.08 55.19
N PRO A 113 18.39 39.99 55.30
CA PRO A 113 19.06 38.68 55.09
C PRO A 113 18.81 37.65 56.20
N ALA A 114 18.12 38.05 57.25
CA ALA A 114 17.68 37.05 58.24
C ALA A 114 16.54 36.18 57.64
N TYR A 115 15.90 36.69 56.56
CA TYR A 115 14.72 36.02 55.91
C TYR A 115 15.03 35.59 54.48
N VAL A 116 15.80 36.44 53.80
CA VAL A 116 16.16 36.18 52.42
C VAL A 116 17.57 35.51 52.39
N ILE A 117 17.58 34.26 52.03
CA ILE A 117 18.75 33.36 51.97
C ILE A 117 19.61 33.84 50.81
N SER A 118 18.92 34.10 49.70
CA SER A 118 19.63 34.37 48.41
C SER A 118 18.72 35.13 47.50
N SER A 119 19.28 35.92 46.59
CA SER A 119 18.49 36.69 45.61
C SER A 119 19.00 36.34 44.23
N ARG A 120 18.11 36.23 43.23
CA ARG A 120 18.45 35.70 41.91
C ARG A 120 17.65 36.42 40.82
N VAL A 121 18.32 36.58 39.65
CA VAL A 121 17.58 36.99 38.48
C VAL A 121 18.06 36.10 37.31
N ARG A 122 17.13 35.39 36.71
CA ARG A 122 17.41 34.45 35.65
C ARG A 122 16.68 34.93 34.38
N THR A 123 17.28 34.74 33.21
CA THR A 123 16.52 34.90 32.01
C THR A 123 16.97 33.87 30.98
N GLY A 124 16.29 33.81 29.84
CA GLY A 124 16.72 33.00 28.71
C GLY A 124 16.96 33.86 27.49
N ARG A 125 17.82 33.40 26.59
CA ARG A 125 18.03 34.05 25.32
C ARG A 125 18.27 32.97 24.29
N ASN A 126 17.73 33.20 23.09
CA ASN A 126 17.98 32.37 21.92
C ASN A 126 18.69 33.15 20.84
N ILE A 127 19.45 32.46 20.02
CA ILE A 127 20.18 33.13 18.99
C ILE A 127 19.41 33.15 17.72
N ARG A 128 19.17 34.34 17.15
CA ARG A 128 18.47 34.44 15.87
C ARG A 128 19.22 33.73 14.77
N GLY A 129 18.51 32.97 13.97
CA GLY A 129 19.16 32.23 12.86
C GLY A 129 19.30 30.74 13.15
N MSE A 130 18.99 30.33 14.40
CA MSE A 130 19.13 28.91 14.70
C MSE A 130 17.80 28.38 15.19
O MSE A 130 17.01 29.09 15.84
CB MSE A 130 20.12 28.57 15.86
CG MSE A 130 21.25 29.59 16.23
SE MSE A 130 22.55 29.85 14.92
CE MSE A 130 23.02 28.02 14.55
N ALA A 131 17.54 27.12 14.91
CA ALA A 131 16.34 26.56 15.51
C ALA A 131 16.43 26.46 17.07
N LEU A 132 15.27 26.33 17.71
CA LEU A 132 15.14 26.25 19.17
C LEU A 132 15.27 24.77 19.57
N SER A 133 15.39 24.52 20.87
CA SER A 133 15.72 23.19 21.37
C SER A 133 14.83 22.02 20.90
N PRO A 134 13.55 22.26 20.66
CA PRO A 134 12.73 21.15 20.22
C PRO A 134 13.11 20.61 18.80
N HIS A 135 13.91 21.39 18.05
CA HIS A 135 14.11 21.19 16.66
C HIS A 135 15.59 21.24 16.22
N VAL A 136 16.39 21.92 17.05
CA VAL A 136 17.78 22.24 16.72
C VAL A 136 18.53 20.92 16.42
N CYS A 137 19.44 20.94 15.46
CA CYS A 137 20.25 19.79 15.15
C CYS A 137 21.63 19.88 15.77
N ARG A 138 22.41 18.81 15.70
CA ARG A 138 23.68 18.79 16.43
C ARG A 138 24.65 19.92 15.96
N SER A 139 24.68 20.15 14.64
CA SER A 139 25.63 21.18 14.13
C SER A 139 25.24 22.56 14.61
N GLU A 140 23.93 22.87 14.57
CA GLU A 140 23.42 24.13 15.13
C GLU A 140 23.73 24.29 16.59
N ARG A 141 23.44 23.22 17.36
CA ARG A 141 23.62 23.27 18.77
C ARG A 141 25.12 23.46 19.09
N ARG A 142 26.01 22.77 18.36
CA ARG A 142 27.45 22.94 18.68
C ARG A 142 27.94 24.35 18.33
N ALA A 143 27.38 24.93 17.27
CA ALA A 143 27.75 26.31 16.84
C ALA A 143 27.33 27.28 17.96
N ILE A 144 26.16 27.04 18.52
CA ILE A 144 25.65 27.90 19.59
C ILE A 144 26.55 27.77 20.79
N GLU A 145 26.92 26.55 21.10
CA GLU A 145 27.82 26.29 22.19
C GLU A 145 29.13 27.03 22.03
N LYS A 146 29.69 26.94 20.82
CA LYS A 146 30.98 27.63 20.54
C LYS A 146 30.88 29.14 20.72
N MSE A 147 29.87 29.72 20.11
CA MSE A 147 29.80 31.18 20.20
C MSE A 147 29.52 31.72 21.60
O MSE A 147 30.06 32.80 21.99
CB MSE A 147 28.81 31.77 19.20
CG MSE A 147 27.35 31.56 19.53
SE MSE A 147 26.23 32.37 18.06
CE MSE A 147 26.15 30.73 17.05
N VAL A 148 28.68 31.03 22.31
CA VAL A 148 28.27 31.43 23.66
C VAL A 148 29.42 31.23 24.61
N SER A 149 30.04 30.07 24.59
CA SER A 149 31.21 29.84 25.46
C SER A 149 32.38 30.81 25.14
N GLU A 150 32.63 31.13 23.84
CA GLU A 150 33.70 32.09 23.49
C GLU A 150 33.36 33.46 24.08
N ALA A 151 32.10 33.86 24.01
CA ALA A 151 31.71 35.13 24.63
C ALA A 151 31.86 35.13 26.14
N LEU A 152 31.48 34.03 26.80
CA LEU A 152 31.64 33.96 28.26
C LEU A 152 33.14 33.95 28.67
N ASN A 153 33.98 33.28 27.89
CA ASN A 153 35.39 33.13 28.22
C ASN A 153 36.04 34.51 28.03
N SER A 154 35.39 35.39 27.33
CA SER A 154 35.93 36.73 27.20
C SER A 154 35.71 37.64 28.39
N LEU A 155 34.83 37.22 29.32
CA LEU A 155 34.56 38.09 30.50
C LEU A 155 35.79 38.08 31.44
N ALA A 156 35.99 39.24 32.08
CA ALA A 156 37.17 39.45 32.92
C ALA A 156 36.82 40.09 34.27
N ALA A 157 37.87 40.45 35.02
CA ALA A 157 37.68 40.96 36.38
C ALA A 157 36.74 39.99 37.20
N ASP A 158 35.76 40.52 37.90
CA ASP A 158 34.91 39.64 38.74
C ASP A 158 33.96 38.76 37.87
N LEU A 159 33.82 39.04 36.59
CA LEU A 159 33.10 38.11 35.72
C LEU A 159 33.98 36.99 35.05
N LYS A 160 35.29 36.96 35.35
CA LYS A 160 36.18 35.92 34.80
C LYS A 160 35.66 34.51 35.22
N GLY A 161 35.51 33.54 34.29
CA GLY A 161 35.11 32.20 34.78
C GLY A 161 35.66 31.09 33.92
N LYS A 162 34.94 29.97 33.86
CA LYS A 162 35.42 28.77 33.19
C LYS A 162 34.18 28.11 32.59
N TYR A 163 34.32 27.50 31.42
CA TYR A 163 33.21 26.69 30.83
C TYR A 163 33.43 25.23 31.11
N TYR A 164 32.35 24.53 31.44
CA TYR A 164 32.36 23.13 31.75
C TYR A 164 31.41 22.49 30.77
N SER A 165 31.97 21.84 29.75
CA SER A 165 31.13 21.00 28.88
C SER A 165 30.55 19.78 29.59
N LEU A 166 29.31 19.37 29.28
CA LEU A 166 28.69 18.27 30.02
C LEU A 166 29.13 16.91 29.52
N MSE A 167 29.88 16.96 28.43
CA MSE A 167 30.38 15.79 27.76
CA MSE A 167 30.38 15.79 27.75
C MSE A 167 31.73 15.50 28.40
O MSE A 167 32.00 14.38 28.89
CB MSE A 167 30.57 16.08 26.27
CB MSE A 167 30.55 16.17 26.28
CG MSE A 167 29.33 15.95 25.41
CG MSE A 167 30.51 15.03 25.29
SE MSE A 167 29.13 14.13 24.66
SE MSE A 167 29.75 15.62 23.57
CE MSE A 167 28.48 14.55 22.88
CE MSE A 167 30.02 17.53 23.74
N LYS A 168 32.60 16.53 28.42
CA LYS A 168 33.89 16.52 29.11
C LYS A 168 33.64 16.82 30.57
N MSE A 169 33.47 15.78 31.38
CA MSE A 169 33.36 16.02 32.81
C MSE A 169 34.06 15.00 33.74
O MSE A 169 33.61 13.85 33.85
CB MSE A 169 31.90 16.28 33.19
CG MSE A 169 31.79 17.25 34.37
SE MSE A 169 29.99 17.86 34.79
CE MSE A 169 30.04 19.65 34.00
N ASP A 170 35.15 15.42 34.39
CA ASP A 170 35.86 14.60 35.39
C ASP A 170 34.95 14.28 36.59
N GLU A 171 35.37 13.34 37.44
CA GLU A 171 34.54 12.89 38.57
C GLU A 171 34.58 13.84 39.76
N LYS A 172 35.72 14.54 39.90
CA LYS A 172 35.88 15.60 40.90
C LYS A 172 35.25 16.87 40.35
N THR A 173 34.61 16.76 39.19
CA THR A 173 34.01 17.92 38.53
C THR A 173 32.51 17.88 38.73
N GLN A 174 31.91 16.77 38.31
CA GLN A 174 30.46 16.69 38.36
C GLN A 174 30.00 16.86 39.79
N GLN A 175 30.73 16.22 40.69
CA GLN A 175 30.43 16.27 42.12
C GLN A 175 30.44 17.70 42.65
N GLN A 176 31.53 18.42 42.36
CA GLN A 176 31.71 19.82 42.76
C GLN A 176 30.57 20.77 42.34
N LEU A 177 30.06 20.58 41.13
CA LEU A 177 29.05 21.48 40.55
C LEU A 177 27.66 21.20 41.15
N ILE A 178 27.37 19.92 41.45
CA ILE A 178 26.16 19.56 42.18
C ILE A 178 26.34 20.14 43.57
N ASP A 179 27.56 20.05 44.09
CA ASP A 179 27.93 20.70 45.33
C ASP A 179 27.45 22.15 45.41
N ASP A 180 27.77 22.99 44.41
CA ASP A 180 27.28 24.38 44.40
C ASP A 180 25.82 24.35 43.98
N HIS A 181 25.39 23.18 43.54
CA HIS A 181 24.06 23.04 42.90
C HIS A 181 23.99 23.81 41.57
N PHE A 182 25.04 23.67 40.75
CA PHE A 182 25.11 24.49 39.53
C PHE A 182 24.58 23.72 38.31
N LEU A 183 24.60 22.38 38.45
CA LEU A 183 24.21 21.40 37.44
C LEU A 183 22.70 21.41 37.09
N PHE A 184 22.31 21.72 35.84
CA PHE A 184 20.90 21.55 35.44
C PHE A 184 20.47 20.05 35.35
N ASP A 185 19.22 19.75 35.71
CA ASP A 185 18.74 18.36 35.61
C ASP A 185 18.96 17.89 34.19
N ARG A 186 19.50 16.69 34.01
CA ARG A 186 19.62 16.11 32.68
C ARG A 186 18.21 15.65 32.26
N PRO A 187 17.87 15.75 30.96
CA PRO A 187 16.47 15.96 30.51
C PRO A 187 15.56 14.71 30.50
N VAL A 188 15.07 14.27 31.67
CA VAL A 188 14.31 13.02 31.73
C VAL A 188 12.83 13.25 31.95
N SER A 189 12.50 14.46 32.35
CA SER A 189 11.13 14.79 32.61
C SER A 189 10.34 14.71 31.31
N ARG A 190 9.05 14.52 31.48
CA ARG A 190 8.19 14.22 30.37
C ARG A 190 8.16 15.47 29.53
N HIS A 191 8.35 16.62 30.15
CA HIS A 191 8.28 17.88 29.40
C HIS A 191 9.39 17.92 28.31
N PHE A 192 10.60 17.58 28.70
CA PHE A 192 11.72 17.56 27.73
C PHE A 192 11.66 16.45 26.69
N THR A 193 11.27 15.28 27.09
CA THR A 193 11.27 14.21 26.08
C THR A 193 10.10 14.32 25.12
N SER A 194 8.91 14.67 25.61
CA SER A 194 7.81 14.87 24.67
CA SER A 194 7.80 14.89 24.69
C SER A 194 8.09 16.08 23.75
N GLY A 195 8.80 17.06 24.24
CA GLY A 195 9.02 18.21 23.37
C GLY A 195 10.22 18.12 22.39
N GLY A 196 10.90 16.94 22.27
CA GLY A 196 12.04 16.81 21.33
C GLY A 196 13.31 17.49 21.87
N MSE A 197 13.23 17.98 23.10
CA MSE A 197 14.35 18.76 23.68
C MSE A 197 15.50 17.96 24.28
O MSE A 197 16.52 18.56 24.65
CB MSE A 197 13.91 19.86 24.68
CG MSE A 197 12.91 20.80 24.09
SE MSE A 197 12.39 22.28 25.32
CE MSE A 197 11.42 21.24 26.67
N ALA A 198 15.31 16.64 24.49
CA ALA A 198 16.37 15.83 25.07
C ALA A 198 17.38 15.28 24.07
N ARG A 199 17.11 15.44 22.75
CA ARG A 199 17.88 14.71 21.76
C ARG A 199 19.38 15.03 21.96
N ASP A 200 20.22 14.01 21.81
CA ASP A 200 21.68 14.14 21.72
C ASP A 200 22.35 14.41 23.02
N PHE A 201 21.56 14.50 24.08
CA PHE A 201 22.18 14.88 25.33
C PHE A 201 23.26 13.87 25.67
N PRO A 202 24.41 14.33 26.21
CA PRO A 202 24.79 15.72 26.57
C PRO A 202 25.53 16.55 25.52
N ASP A 203 25.54 16.08 24.29
CA ASP A 203 26.19 16.80 23.21
C ASP A 203 25.69 18.23 23.08
N GLY A 204 26.62 19.19 23.13
CA GLY A 204 26.24 20.59 23.00
C GLY A 204 25.83 21.34 24.28
N ARG A 205 25.75 20.66 25.40
CA ARG A 205 25.28 21.32 26.59
C ARG A 205 26.48 21.57 27.53
N GLY A 206 26.34 22.54 28.41
CA GLY A 206 27.42 22.75 29.41
C GLY A 206 27.03 23.88 30.33
N ILE A 207 27.89 24.21 31.28
CA ILE A 207 27.54 25.19 32.27
C ILE A 207 28.77 26.04 32.37
N TRP A 208 28.57 27.34 32.36
CA TRP A 208 29.67 28.34 32.61
C TRP A 208 29.43 29.07 33.91
N HIS A 209 30.49 29.27 34.73
CA HIS A 209 30.26 30.12 35.86
C HIS A 209 31.54 30.95 36.14
N ASN A 210 31.37 32.15 36.70
CA ASN A 210 32.52 32.92 37.13
C ASN A 210 33.12 32.38 38.40
N ASP A 211 34.38 32.71 38.62
CA ASP A 211 35.06 32.15 39.78
C ASP A 211 34.41 32.54 41.08
N LYS A 212 33.83 33.72 41.13
CA LYS A 212 33.22 34.16 42.36
C LYS A 212 31.80 33.61 42.57
N LYS A 213 31.34 32.80 41.63
CA LYS A 213 30.11 32.03 41.72
C LYS A 213 28.83 32.84 41.93
N ASN A 214 28.71 33.92 41.18
CA ASN A 214 27.55 34.79 41.23
C ASN A 214 27.00 35.14 39.86
N PHE A 215 27.58 34.54 38.83
CA PHE A 215 27.04 34.72 37.50
C PHE A 215 27.22 33.36 36.82
N LEU A 216 26.14 32.79 36.30
CA LEU A 216 26.14 31.41 35.78
C LEU A 216 25.27 31.32 34.50
N VAL A 217 25.67 30.49 33.56
CA VAL A 217 24.95 30.36 32.33
C VAL A 217 24.88 28.89 32.01
N TRP A 218 23.67 28.40 31.72
CA TRP A 218 23.48 27.04 31.26
C TRP A 218 23.33 27.17 29.73
N ILE A 219 24.03 26.34 28.96
CA ILE A 219 24.00 26.36 27.53
C ILE A 219 23.24 25.17 26.93
N ASN A 220 22.23 25.47 26.09
CA ASN A 220 21.53 24.52 25.22
C ASN A 220 20.63 23.56 26.00
N GLU A 221 20.03 24.09 27.09
CA GLU A 221 18.99 23.39 27.80
C GLU A 221 17.63 23.70 27.13
N GLU A 222 16.65 24.26 27.84
CA GLU A 222 15.38 24.50 27.17
C GLU A 222 15.47 25.69 26.17
N ASP A 223 16.30 26.69 26.49
CA ASP A 223 16.63 27.82 25.58
C ASP A 223 18.17 27.80 25.33
N HIS A 224 18.61 28.42 24.25
CA HIS A 224 20.04 28.30 23.92
C HIS A 224 20.87 28.72 25.09
N THR A 225 20.43 29.75 25.81
CA THR A 225 21.13 30.14 27.06
C THR A 225 20.11 30.42 28.17
N ARG A 226 20.50 30.10 29.39
CA ARG A 226 19.79 30.55 30.57
C ARG A 226 20.84 31.30 31.40
N ILE A 227 20.59 32.60 31.62
CA ILE A 227 21.60 33.46 32.22
C ILE A 227 21.13 33.83 33.64
N ILE A 228 21.99 33.60 34.65
CA ILE A 228 21.54 33.69 36.03
C ILE A 228 22.58 34.52 36.79
N SER A 229 22.10 35.53 37.52
CA SER A 229 22.90 36.27 38.47
C SER A 229 22.28 35.96 39.83
N MSE A 230 23.11 35.61 40.80
CA MSE A 230 22.62 35.32 42.16
CA MSE A 230 22.64 35.23 42.15
C MSE A 230 23.67 35.55 43.21
O MSE A 230 24.86 35.49 42.97
CB MSE A 230 22.13 33.89 42.27
CB MSE A 230 22.37 33.73 42.22
CG MSE A 230 23.19 32.88 42.25
CG MSE A 230 23.61 32.90 42.20
SE MSE A 230 22.38 31.13 42.25
SE MSE A 230 24.35 32.75 40.42
CE MSE A 230 21.14 31.35 43.75
CE MSE A 230 25.39 31.17 40.77
N GLN A 231 23.20 35.86 44.42
CA GLN A 231 24.14 36.01 45.52
C GLN A 231 23.41 35.77 46.84
N MSE A 232 24.17 35.50 47.87
CA MSE A 232 23.56 35.43 49.23
CA MSE A 232 23.58 35.44 49.24
C MSE A 232 23.01 36.78 49.68
O MSE A 232 23.48 37.88 49.30
CB MSE A 232 24.51 34.83 50.25
CB MSE A 232 24.62 34.91 50.23
CG MSE A 232 24.60 33.24 50.13
CG MSE A 232 25.12 33.47 49.85
SE MSE A 232 25.71 32.44 51.52
SE MSE A 232 23.77 32.05 49.57
CE MSE A 232 27.04 33.82 51.57
CE MSE A 232 23.74 31.09 51.26
N GLY A 233 21.98 36.70 50.50
CA GLY A 233 21.39 37.90 51.01
C GLY A 233 20.41 38.55 50.10
N GLY A 234 20.11 39.81 50.39
CA GLY A 234 18.93 40.48 49.81
C GLY A 234 19.24 41.67 48.94
N ASN A 235 20.46 41.78 48.44
CA ASN A 235 20.73 43.00 47.68
C ASN A 235 20.32 42.83 46.21
N MSE A 236 19.02 42.96 45.96
CA MSE A 236 18.49 42.62 44.61
C MSE A 236 18.99 43.55 43.57
O MSE A 236 19.26 43.10 42.42
CB MSE A 236 16.95 42.56 44.59
CG MSE A 236 16.38 42.08 43.25
SE MSE A 236 16.76 40.24 42.89
CE MSE A 236 15.43 39.49 44.22
N LYS A 237 19.16 44.86 43.89
CA LYS A 237 19.66 45.79 42.89
C LYS A 237 21.07 45.36 42.42
N GLU A 238 21.94 44.94 43.36
CA GLU A 238 23.28 44.49 42.97
C GLU A 238 23.24 43.28 42.00
N VAL A 239 22.31 42.36 42.27
CA VAL A 239 22.16 41.14 41.48
C VAL A 239 21.74 41.56 40.09
N PHE A 240 20.80 42.50 40.00
CA PHE A 240 20.30 42.95 38.70
C PHE A 240 21.35 43.72 37.88
N GLU A 241 22.13 44.55 38.57
CA GLU A 241 23.17 45.28 37.90
C GLU A 241 24.17 44.32 37.26
N ARG A 242 24.58 43.31 37.99
CA ARG A 242 25.58 42.35 37.46
C ARG A 242 24.95 41.56 36.29
N PHE A 243 23.69 41.16 36.47
CA PHE A 243 22.91 40.50 35.43
C PHE A 243 22.99 41.35 34.10
N THR A 244 22.59 42.61 34.19
CA THR A 244 22.54 43.44 33.00
C THR A 244 23.94 43.64 32.36
N ARG A 245 25.00 43.80 33.17
CA ARG A 245 26.36 43.96 32.62
C ARG A 245 26.79 42.69 31.90
N GLY A 246 26.59 41.56 32.56
CA GLY A 246 26.84 40.29 31.89
C GLY A 246 26.15 40.08 30.57
N LEU A 247 24.85 40.26 30.59
CA LEU A 247 24.03 40.22 29.40
C LEU A 247 24.55 41.12 28.25
N THR A 248 24.85 42.35 28.62
CA THR A 248 25.32 43.33 27.65
C THR A 248 26.63 42.84 27.03
N GLU A 249 27.57 42.43 27.90
CA GLU A 249 28.87 42.09 27.33
C GLU A 249 28.79 40.80 26.53
N VAL A 250 27.97 39.85 26.97
CA VAL A 250 27.88 38.59 26.18
C VAL A 250 27.28 38.88 24.78
N GLU A 251 26.23 39.71 24.73
CA GLU A 251 25.55 40.12 23.48
C GLU A 251 26.51 40.82 22.52
N LYS A 252 27.25 41.76 23.09
CA LYS A 252 28.27 42.49 22.34
C LYS A 252 29.30 41.53 21.71
N HIS A 253 29.87 40.64 22.51
CA HIS A 253 30.83 39.71 21.98
C HIS A 253 30.25 38.90 20.83
N ILE A 254 29.08 38.34 21.07
CA ILE A 254 28.49 37.52 20.03
C ILE A 254 28.30 38.33 18.73
N LYS A 255 27.80 39.55 18.85
CA LYS A 255 27.52 40.36 17.67
C LYS A 255 28.85 40.74 16.99
N ASP A 256 29.79 41.23 17.78
CA ASP A 256 31.10 41.60 17.23
C ASP A 256 31.79 40.40 16.56
N LYS A 257 31.72 39.21 17.15
CA LYS A 257 32.43 38.09 16.54
C LYS A 257 31.71 37.29 15.48
N THR A 258 30.38 37.24 15.51
CA THR A 258 29.66 36.41 14.55
C THR A 258 28.59 37.14 13.76
N GLY A 259 28.28 38.38 14.12
CA GLY A 259 27.23 39.11 13.47
C GLY A 259 25.85 38.75 14.01
N LYS A 260 25.79 37.76 14.90
CA LYS A 260 24.49 37.25 15.35
C LYS A 260 23.92 38.03 16.52
N GLU A 261 22.59 37.90 16.75
CA GLU A 261 21.93 38.68 17.78
C GLU A 261 20.90 37.79 18.48
N PHE A 262 20.34 38.29 19.58
CA PHE A 262 19.32 37.60 20.28
C PHE A 262 18.00 37.66 19.54
N MSE A 263 17.24 36.60 19.65
CA MSE A 263 15.89 36.62 19.06
C MSE A 263 14.97 37.52 19.84
O MSE A 263 14.68 37.28 21.04
CB MSE A 263 15.24 35.25 19.17
CG MSE A 263 15.46 34.31 18.09
SE MSE A 263 14.29 32.71 18.36
CE MSE A 263 15.60 31.60 17.37
N LYS A 264 14.35 38.42 19.14
CA LYS A 264 13.53 39.41 19.76
C LYS A 264 12.66 40.08 18.77
N ASN A 265 11.46 40.42 19.18
CA ASN A 265 10.62 41.29 18.30
C ASN A 265 9.77 42.27 19.09
N ASP A 266 9.20 43.26 18.40
CA ASP A 266 8.40 44.32 19.08
C ASP A 266 7.16 43.78 19.77
N HIS A 267 6.61 42.68 19.22
CA HIS A 267 5.39 42.13 19.76
C HIS A 267 5.60 41.28 21.00
N LEU A 268 6.51 40.31 20.89
CA LEU A 268 6.69 39.35 21.96
C LEU A 268 7.86 39.67 22.88
N GLY A 269 8.60 40.75 22.59
CA GLY A 269 9.92 40.94 23.25
C GLY A 269 10.87 39.76 22.96
N PHE A 270 11.52 39.23 23.99
CA PHE A 270 12.44 38.13 23.74
C PHE A 270 11.69 36.87 23.40
N VAL A 271 12.14 36.19 22.32
CA VAL A 271 11.45 34.91 21.93
C VAL A 271 12.12 33.70 22.63
N LEU A 272 11.33 32.98 23.38
CA LEU A 272 11.77 31.78 24.09
C LEU A 272 10.95 30.60 23.63
N THR A 273 11.46 29.42 23.93
CA THR A 273 10.92 28.16 23.43
C THR A 273 9.53 27.94 23.99
N CYS A 274 9.36 28.16 25.30
CA CYS A 274 8.04 27.92 25.93
C CYS A 274 7.30 29.28 25.90
N PRO A 275 6.04 29.32 25.48
CA PRO A 275 5.33 30.61 25.40
C PRO A 275 5.18 31.23 26.79
N SER A 276 5.29 30.44 27.85
CA SER A 276 5.14 30.95 29.23
C SER A 276 6.21 31.93 29.58
N ASN A 277 7.33 31.83 28.87
CA ASN A 277 8.54 32.67 29.19
C ASN A 277 8.78 33.90 28.30
N LEU A 278 7.86 34.21 27.40
CA LEU A 278 8.08 35.29 26.46
C LEU A 278 8.12 36.66 27.13
N GLY A 279 8.60 37.66 26.41
CA GLY A 279 8.56 39.02 26.95
C GLY A 279 9.93 39.35 27.53
N THR A 280 10.05 39.26 28.83
CA THR A 280 11.37 39.39 29.52
C THR A 280 12.06 38.04 29.66
N GLY A 281 11.29 36.96 29.70
CA GLY A 281 11.91 35.70 30.09
C GLY A 281 12.42 35.69 31.54
N VAL A 282 12.06 36.69 32.34
CA VAL A 282 12.74 36.83 33.66
C VAL A 282 12.00 36.09 34.74
N ARG A 283 12.73 35.28 35.52
CA ARG A 283 12.35 34.82 36.83
C ARG A 283 13.28 35.51 37.81
N CYS A 284 12.72 36.51 38.50
CA CYS A 284 13.41 37.17 39.60
C CYS A 284 12.88 36.55 40.91
N SER A 285 13.76 35.90 41.66
CA SER A 285 13.28 35.17 42.85
C SER A 285 14.09 35.45 44.11
N VAL A 286 13.51 35.14 45.25
CA VAL A 286 14.33 35.03 46.44
C VAL A 286 14.03 33.64 46.99
N HIS A 287 14.91 33.16 47.84
CA HIS A 287 14.63 32.01 48.70
C HIS A 287 14.49 32.64 50.10
N ALA A 288 13.25 32.56 50.63
CA ALA A 288 12.92 33.22 51.86
C ALA A 288 12.34 32.25 52.90
N LYS A 289 12.68 32.52 54.13
CA LYS A 289 12.32 31.68 55.26
C LYS A 289 11.04 32.24 55.86
N LEU A 290 9.90 31.62 55.52
CA LEU A 290 8.55 32.23 55.90
C LEU A 290 7.67 31.18 56.54
N PRO A 291 8.12 30.58 57.63
CA PRO A 291 7.33 29.44 58.16
C PRO A 291 6.00 29.85 58.82
N HIS A 292 5.91 31.05 59.38
CA HIS A 292 4.58 31.53 59.83
C HIS A 292 3.60 31.81 58.68
N MSE A 293 4.10 32.35 57.55
CA MSE A 293 3.26 32.57 56.40
C MSE A 293 2.82 31.23 55.90
O MSE A 293 1.70 31.09 55.38
CB MSE A 293 3.99 33.32 55.28
CG MSE A 293 4.27 34.79 55.52
SE MSE A 293 2.66 35.83 55.95
CE MSE A 293 1.62 35.48 54.38
N ALA A 294 3.69 30.21 56.02
CA ALA A 294 3.29 28.92 55.53
C ALA A 294 2.03 28.31 56.23
N LYS A 295 1.86 28.66 57.50
CA LYS A 295 0.74 28.21 58.31
C LYS A 295 -0.47 29.09 58.05
N ASP A 296 -0.30 30.21 57.33
CA ASP A 296 -1.44 31.07 57.07
C ASP A 296 -2.20 30.74 55.79
N LYS A 297 -3.52 30.50 55.89
CA LYS A 297 -4.30 30.07 54.70
C LYS A 297 -4.42 31.17 53.64
N ARG A 298 -4.04 32.43 53.95
CA ARG A 298 -4.13 33.45 52.95
C ARG A 298 -2.84 33.53 52.09
N PHE A 299 -1.83 32.75 52.42
CA PHE A 299 -0.47 33.01 51.85
C PHE A 299 -0.51 33.02 50.31
N GLU A 300 -1.08 31.99 49.66
CA GLU A 300 -1.19 31.98 48.19
C GLU A 300 -1.94 33.18 47.59
N GLU A 301 -3.09 33.51 48.19
CA GLU A 301 -3.85 34.64 47.80
C GLU A 301 -3.08 35.96 47.93
N ILE A 302 -2.40 36.13 49.04
CA ILE A 302 -1.58 37.34 49.25
C ILE A 302 -0.48 37.46 48.17
N CYS A 303 0.19 36.34 47.89
CA CYS A 303 1.24 36.27 46.83
C CYS A 303 0.60 36.63 45.50
N THR A 304 -0.51 35.97 45.20
CA THR A 304 -1.14 36.25 43.91
C THR A 304 -1.52 37.73 43.76
N LYS A 305 -2.08 38.31 44.81
CA LYS A 305 -2.48 39.70 44.75
C LYS A 305 -1.30 40.62 44.52
N MSE A 306 -0.11 40.21 44.94
CA MSE A 306 1.07 41.02 44.78
C MSE A 306 1.87 40.63 43.51
O MSE A 306 3.03 41.07 43.32
CB MSE A 306 1.95 40.92 46.04
CG MSE A 306 1.21 41.59 47.21
SE MSE A 306 2.32 41.94 48.80
CE MSE A 306 3.17 40.18 48.85
N ARG A 307 1.22 39.80 42.69
CA ARG A 307 1.82 39.31 41.40
C ARG A 307 3.06 38.44 41.64
N LEU A 308 3.04 37.70 42.74
CA LEU A 308 4.13 36.77 43.10
C LEU A 308 3.65 35.29 43.02
N GLN A 309 4.56 34.39 42.67
CA GLN A 309 4.33 32.95 42.78
C GLN A 309 5.19 32.46 43.92
N LYS A 310 4.61 31.58 44.75
CA LYS A 310 5.36 30.90 45.75
C LYS A 310 5.49 29.41 45.38
N ARG A 311 6.69 28.89 45.52
CA ARG A 311 7.01 27.52 45.21
C ARG A 311 7.85 27.02 46.37
N GLY A 312 7.42 25.93 46.96
CA GLY A 312 8.14 25.36 48.10
C GLY A 312 8.89 24.14 47.60
N THR A 313 9.57 23.44 48.50
CA THR A 313 10.29 22.19 48.17
C THR A 313 9.29 21.04 47.94
N SER A 314 8.08 21.21 48.44
CA SER A 314 7.13 20.11 48.52
C SER A 314 5.88 20.49 47.76
N VAL A 321 9.44 22.38 53.26
CA VAL A 321 10.39 22.10 54.36
C VAL A 321 10.95 23.37 54.90
N GLY A 322 10.73 23.59 56.19
CA GLY A 322 11.37 24.71 56.87
C GLY A 322 10.51 25.91 56.70
N GLY A 323 9.45 25.77 55.89
CA GLY A 323 8.79 26.97 55.42
C GLY A 323 9.60 27.87 54.45
N VAL A 324 10.54 27.29 53.76
CA VAL A 324 11.37 28.05 52.82
C VAL A 324 10.74 28.01 51.46
N TYR A 325 10.56 29.19 50.86
CA TYR A 325 9.89 29.30 49.60
C TYR A 325 10.75 30.05 48.62
N ASP A 326 10.71 29.62 47.36
CA ASP A 326 11.13 30.45 46.29
C ASP A 326 9.98 31.43 46.00
N ILE A 327 10.23 32.73 46.06
CA ILE A 327 9.14 33.69 45.78
C ILE A 327 9.60 34.43 44.50
N SER A 328 8.79 34.41 43.44
CA SER A 328 9.23 35.04 42.15
C SER A 328 8.12 35.83 41.46
N ASN A 329 8.43 36.56 40.39
CA ASN A 329 7.40 37.36 39.69
C ASN A 329 6.50 36.44 38.89
N LEU A 330 5.18 36.70 38.97
CA LEU A 330 4.29 35.93 38.14
C LEU A 330 4.33 36.35 36.67
N ASP A 331 4.61 37.64 36.41
CA ASP A 331 4.32 38.27 35.12
C ASP A 331 5.63 38.31 34.32
N ARG A 332 5.53 38.01 33.03
CA ARG A 332 6.70 38.08 32.11
C ARG A 332 6.54 38.97 30.83
N LEU A 333 5.31 39.00 30.29
CA LEU A 333 5.05 39.57 28.97
C LEU A 333 4.11 40.76 29.19
N GLY A 334 4.45 41.95 28.70
CA GLY A 334 3.61 43.14 28.76
C GLY A 334 3.95 43.99 29.97
N SER A 335 5.02 43.63 30.70
CA SER A 335 5.63 44.59 31.68
C SER A 335 7.14 44.38 31.55
N SER A 336 7.93 45.33 32.01
CA SER A 336 9.35 45.27 31.78
C SER A 336 10.14 44.49 32.87
N GLU A 337 11.40 44.15 32.58
CA GLU A 337 12.29 43.60 33.59
C GLU A 337 12.32 44.46 34.89
N VAL A 338 12.44 45.81 34.73
CA VAL A 338 12.56 46.72 35.87
C VAL A 338 11.25 46.55 36.70
N GLU A 339 10.12 46.59 36.03
CA GLU A 339 8.83 46.39 36.75
C GLU A 339 8.76 45.06 37.47
N GLN A 340 9.17 43.99 36.79
CA GLN A 340 9.07 42.65 37.44
C GLN A 340 9.98 42.51 38.64
N VAL A 341 11.22 42.96 38.48
CA VAL A 341 12.16 42.90 39.61
C VAL A 341 11.67 43.79 40.78
N ASN A 342 11.19 44.98 40.45
CA ASN A 342 10.68 45.82 41.54
C ASN A 342 9.43 45.24 42.19
N CYS A 343 8.58 44.55 41.42
CA CYS A 343 7.43 43.86 41.99
C CYS A 343 7.91 42.85 43.06
N VAL A 344 8.96 42.08 42.73
CA VAL A 344 9.49 41.10 43.70
C VAL A 344 10.02 41.79 44.95
N ILE A 345 10.80 42.85 44.76
CA ILE A 345 11.36 43.56 45.91
C ILE A 345 10.24 44.11 46.80
N LYS A 346 9.31 44.81 46.18
CA LYS A 346 8.19 45.41 46.97
C LYS A 346 7.39 44.31 47.74
N GLY A 347 7.07 43.24 47.03
CA GLY A 347 6.22 42.21 47.61
C GLY A 347 6.92 41.37 48.67
N VAL A 348 8.22 41.11 48.48
CA VAL A 348 8.96 40.33 49.50
C VAL A 348 9.14 41.19 50.71
N LYS A 349 9.31 42.51 50.50
CA LYS A 349 9.36 43.35 51.68
C LYS A 349 8.13 43.18 52.53
N VAL A 350 6.98 43.17 51.88
CA VAL A 350 5.69 42.99 52.67
C VAL A 350 5.68 41.63 53.33
N LEU A 351 6.03 40.56 52.60
CA LEU A 351 6.08 39.25 53.27
C LEU A 351 6.95 39.17 54.47
N ILE A 352 8.09 39.89 54.44
CA ILE A 352 8.98 39.84 55.56
C ILE A 352 8.37 40.56 56.72
N GLU A 353 7.75 41.74 56.48
CA GLU A 353 7.10 42.42 57.56
C GLU A 353 5.99 41.61 58.18
N MSE A 354 5.23 40.91 57.34
CA MSE A 354 4.18 40.00 57.87
C MSE A 354 4.81 38.88 58.69
O MSE A 354 4.37 38.62 59.83
CB MSE A 354 3.46 39.36 56.72
CG MSE A 354 2.67 40.39 55.82
SE MSE A 354 1.80 39.41 54.39
CE MSE A 354 0.43 40.72 53.91
N GLU A 355 5.85 38.22 58.15
CA GLU A 355 6.46 37.13 58.87
C GLU A 355 6.84 37.64 60.26
N LYS A 356 7.41 38.86 60.32
CA LYS A 356 7.90 39.39 61.58
C LYS A 356 6.77 39.67 62.57
N LYS A 357 5.65 40.18 62.09
CA LYS A 357 4.47 40.36 62.99
C LYS A 357 3.99 38.99 63.55
N LEU A 358 3.90 37.99 62.70
CA LEU A 358 3.38 36.68 63.08
C LEU A 358 4.28 36.02 64.17
N GLU A 359 5.59 36.22 64.07
CA GLU A 359 6.50 35.72 65.12
C GLU A 359 6.15 36.28 66.49
N LYS A 360 5.64 37.51 66.53
CA LYS A 360 5.32 38.18 67.80
C LYS A 360 3.87 37.97 68.17
N GLY A 361 3.15 37.18 67.38
CA GLY A 361 1.72 36.95 67.62
C GLY A 361 0.93 38.26 67.45
N GLU A 362 1.36 39.07 66.51
CA GLU A 362 0.64 40.31 66.18
C GLU A 362 -0.11 40.19 64.85
N SER A 363 -1.02 41.15 64.61
CA SER A 363 -1.86 41.13 63.38
C SER A 363 -1.06 41.49 62.12
N ILE A 364 -1.38 40.85 61.01
CA ILE A 364 -0.90 41.29 59.69
C ILE A 364 -2.09 41.72 58.86
N ASP A 365 -3.27 41.77 59.48
CA ASP A 365 -4.50 41.85 58.68
C ASP A 365 -4.50 43.17 57.92
N ASP A 366 -3.93 44.17 58.52
CA ASP A 366 -3.84 45.50 57.93
C ASP A 366 -2.71 45.67 56.88
N LEU A 367 -1.87 44.63 56.70
CA LEU A 367 -0.80 44.65 55.72
C LEU A 367 -1.25 43.98 54.43
N VAL A 368 -2.33 43.21 54.51
CA VAL A 368 -2.79 42.41 53.39
C VAL A 368 -3.19 43.36 52.25
N PRO A 369 -2.70 43.07 51.04
CA PRO A 369 -3.05 43.91 49.91
C PRO A 369 -4.54 43.78 49.53
N LYS A 370 -5.13 44.86 49.00
CA LYS A 370 -6.54 44.87 48.64
C LYS A 370 -6.84 43.83 47.56
N ALA B 2 12.31 17.00 8.16
CA ALA B 2 13.71 17.14 8.61
C ALA B 2 13.91 18.59 9.06
N ASN B 3 14.99 18.89 9.77
CA ASN B 3 15.38 20.27 10.04
C ASN B 3 16.12 20.78 8.78
N LEU B 4 15.50 21.71 8.05
CA LEU B 4 16.00 22.24 6.77
C LEU B 4 17.32 23.04 6.96
N ASN B 5 17.53 23.55 8.14
CA ASN B 5 18.79 24.16 8.51
C ASN B 5 19.97 23.20 8.51
N GLN B 6 19.73 21.92 8.81
CA GLN B 6 20.86 21.00 8.94
C GLN B 6 21.72 20.97 7.64
N LYS B 7 21.10 21.03 6.46
CA LYS B 7 21.88 20.90 5.23
C LYS B 7 22.84 22.13 5.03
N LYS B 8 22.60 23.21 5.75
CA LYS B 8 23.45 24.42 5.67
C LYS B 8 24.84 24.23 6.27
N TYR B 9 25.03 23.16 7.06
CA TYR B 9 26.25 22.98 7.81
C TYR B 9 27.03 21.81 7.24
N PRO B 10 28.35 21.82 7.40
CA PRO B 10 29.08 20.63 6.97
C PRO B 10 28.73 19.39 7.78
N ALA B 11 28.69 18.24 7.10
CA ALA B 11 28.36 16.98 7.85
C ALA B 11 29.23 16.72 9.06
N LYS B 12 30.53 17.11 9.02
CA LYS B 12 31.39 16.92 10.19
C LYS B 12 30.78 17.55 11.49
N ASP B 13 30.08 18.67 11.33
CA ASP B 13 29.50 19.44 12.46
C ASP B 13 28.33 18.73 13.09
N ASP B 14 27.79 17.79 12.31
CA ASP B 14 26.63 16.94 12.74
C ASP B 14 27.01 15.57 13.21
N PHE B 15 28.21 15.12 12.84
CA PHE B 15 28.57 13.71 13.11
C PHE B 15 28.55 13.47 14.62
N PRO B 16 27.87 12.39 15.04
CA PRO B 16 27.86 12.11 16.49
C PRO B 16 29.23 11.92 17.08
N ASN B 17 29.31 12.25 18.37
CA ASN B 17 30.51 12.00 19.15
C ASN B 17 30.39 10.65 19.89
N PHE B 18 31.02 9.60 19.34
CA PHE B 18 30.74 8.20 19.77
C PHE B 18 31.73 7.74 20.80
N GLU B 19 32.43 8.67 21.39
CA GLU B 19 33.33 8.27 22.49
C GLU B 19 32.50 7.62 23.64
N GLY B 20 32.97 6.45 24.08
CA GLY B 20 32.37 5.69 25.15
C GLY B 20 31.13 4.89 24.68
N HIS B 21 30.75 5.03 23.40
CA HIS B 21 29.64 4.20 22.91
C HIS B 21 30.02 2.76 22.69
N LYS B 22 29.02 1.93 22.91
CA LYS B 22 29.22 0.43 22.83
C LYS B 22 28.32 -0.24 21.82
N SER B 23 27.85 0.51 20.84
CA SER B 23 26.82 -0.02 19.97
C SER B 23 27.37 -0.41 18.59
N LEU B 24 26.64 -1.23 17.85
CA LEU B 24 27.06 -1.57 16.50
C LEU B 24 26.92 -0.29 15.63
N LEU B 25 25.95 0.55 15.97
CA LEU B 25 25.85 1.88 15.29
C LEU B 25 27.22 2.61 15.35
N SER B 26 27.78 2.70 16.56
CA SER B 26 29.04 3.43 16.73
C SER B 26 30.19 2.76 16.00
N LYS B 27 30.10 1.43 15.85
CA LYS B 27 31.18 0.71 15.21
C LYS B 27 31.20 0.95 13.68
N TYR B 28 29.99 1.03 13.07
CA TYR B 28 29.85 1.09 11.58
C TYR B 28 29.58 2.47 10.94
N LEU B 29 29.06 3.42 11.70
CA LEU B 29 28.70 4.71 11.11
C LEU B 29 29.98 5.56 11.16
N THR B 30 30.73 5.59 10.05
CA THR B 30 31.94 6.37 10.00
C THR B 30 31.59 7.81 9.64
N ALA B 31 32.56 8.71 9.77
CA ALA B 31 32.35 10.10 9.40
C ALA B 31 31.93 10.22 7.92
N ASP B 32 32.64 9.49 7.06
CA ASP B 32 32.29 9.61 5.63
C ASP B 32 30.91 9.04 5.27
N MSE B 33 30.54 7.96 5.94
CA MSE B 33 29.22 7.36 5.68
C MSE B 33 28.16 8.38 6.15
O MSE B 33 27.16 8.56 5.51
CB MSE B 33 29.06 6.03 6.42
CG MSE B 33 27.72 5.42 6.18
SE MSE B 33 27.51 3.80 7.22
CE MSE B 33 29.14 2.87 6.60
N TYR B 34 28.39 8.99 7.30
CA TYR B 34 27.43 9.98 7.82
C TYR B 34 27.31 11.15 6.83
N ALA B 35 28.45 11.62 6.30
CA ALA B 35 28.42 12.69 5.32
C ALA B 35 27.61 12.32 4.09
N LYS B 36 27.80 11.09 3.62
CA LYS B 36 27.07 10.59 2.49
C LYS B 36 25.56 10.62 2.68
N LEU B 37 25.11 10.22 3.85
CA LEU B 37 23.70 9.91 4.03
C LEU B 37 22.92 10.92 4.89
N ARG B 38 23.60 11.86 5.53
CA ARG B 38 22.88 12.78 6.47
C ARG B 38 21.65 13.42 5.81
N ASP B 39 21.78 13.83 4.53
CA ASP B 39 20.68 14.56 3.92
C ASP B 39 19.79 13.77 2.98
N VAL B 40 19.96 12.43 2.97
CA VAL B 40 19.16 11.52 2.18
C VAL B 40 18.00 11.04 3.03
N ALA B 41 16.77 11.28 2.60
CA ALA B 41 15.63 10.77 3.41
C ALA B 41 14.92 9.64 2.69
N THR B 42 14.12 8.88 3.45
CA THR B 42 13.26 7.85 2.81
C THR B 42 12.06 8.56 2.13
N PRO B 43 11.32 7.85 1.30
CA PRO B 43 10.19 8.52 0.64
C PRO B 43 9.14 9.07 1.59
N SER B 44 8.97 8.46 2.74
CA SER B 44 8.03 8.99 3.73
C SER B 44 8.61 10.08 4.61
N GLY B 45 9.89 10.44 4.40
CA GLY B 45 10.49 11.56 5.11
C GLY B 45 11.32 11.19 6.32
N TYR B 46 11.57 9.91 6.55
CA TYR B 46 12.39 9.55 7.77
C TYR B 46 13.85 9.85 7.47
N THR B 47 14.64 10.31 8.45
CA THR B 47 16.02 10.73 8.18
C THR B 47 17.01 9.84 8.91
N LEU B 48 18.27 9.99 8.54
CA LEU B 48 19.37 9.24 9.16
C LEU B 48 19.42 9.59 10.59
N ASP B 49 19.34 10.89 10.92
CA ASP B 49 19.48 11.19 12.34
C ASP B 49 18.31 10.57 13.14
N ARG B 50 17.11 10.53 12.58
CA ARG B 50 16.00 9.89 13.33
C ARG B 50 16.29 8.40 13.56
N ALA B 51 16.80 7.73 12.53
CA ALA B 51 17.08 6.30 12.57
C ALA B 51 18.12 6.00 13.64
N ILE B 52 19.05 6.92 13.87
CA ILE B 52 20.18 6.67 14.82
C ILE B 52 20.02 7.27 16.20
N GLN B 53 18.91 8.00 16.40
CA GLN B 53 18.73 8.79 17.61
C GLN B 53 18.79 7.95 18.89
N ASN B 54 18.16 6.75 18.81
CA ASN B 54 18.07 5.80 19.91
C ASN B 54 19.52 5.54 20.45
N GLY B 55 20.46 5.32 19.54
CA GLY B 55 21.83 5.01 20.00
C GLY B 55 22.65 6.25 20.38
N VAL B 56 22.53 7.30 19.58
CA VAL B 56 23.18 8.57 19.94
C VAL B 56 22.86 9.05 21.37
N ASP B 57 21.57 8.93 21.77
CA ASP B 57 21.19 9.24 23.16
C ASP B 57 21.58 8.22 24.27
N ASN B 58 22.01 7.01 23.90
CA ASN B 58 22.10 5.89 24.86
C ASN B 58 23.31 5.05 24.49
N PRO B 59 24.50 5.51 24.90
CA PRO B 59 25.77 4.90 24.48
C PRO B 59 25.88 3.40 24.77
N ASP B 60 25.15 2.90 25.78
CA ASP B 60 25.22 1.47 26.11
C ASP B 60 24.29 0.51 25.35
N PHE B 61 23.42 1.03 24.49
CA PHE B 61 22.49 0.16 23.79
C PHE B 61 23.31 -0.55 22.76
N HIS B 62 22.98 -1.81 22.47
CA HIS B 62 23.80 -2.63 21.62
C HIS B 62 23.70 -2.30 20.11
N LEU B 63 22.48 -2.03 19.64
CA LEU B 63 22.27 -1.77 18.22
C LEU B 63 22.26 -0.30 17.94
N GLY B 64 21.27 0.39 18.46
CA GLY B 64 21.31 1.86 18.45
C GLY B 64 20.50 2.40 17.29
N LEU B 65 19.88 1.51 16.52
CA LEU B 65 19.15 1.92 15.31
C LEU B 65 17.69 1.49 15.39
N LEU B 66 16.81 2.32 14.82
CA LEU B 66 15.38 1.95 14.66
C LEU B 66 14.86 2.34 13.30
N ALA B 67 14.11 1.45 12.63
CA ALA B 67 13.65 1.82 11.29
C ALA B 67 12.30 2.56 11.38
N GLY B 68 12.09 3.55 10.48
CA GLY B 68 10.89 4.37 10.53
C GLY B 68 9.89 3.89 9.47
N ASP B 69 10.38 3.05 8.55
CA ASP B 69 9.57 2.53 7.41
C ASP B 69 10.38 1.40 6.75
N GLU B 70 9.78 0.70 5.79
CA GLU B 70 10.55 -0.45 5.26
C GLU B 70 11.75 0.08 4.48
N GLU B 71 11.57 1.24 3.84
CA GLU B 71 12.68 1.80 2.99
C GLU B 71 13.92 2.23 3.76
N THR B 72 13.79 2.43 5.06
CA THR B 72 14.90 2.74 5.94
C THR B 72 16.05 1.77 5.69
N TYR B 73 15.69 0.48 5.56
CA TYR B 73 16.69 -0.55 5.48
C TYR B 73 17.43 -0.45 4.16
N THR B 74 16.83 0.05 3.08
CA THR B 74 17.50 0.17 1.78
CA THR B 74 17.59 0.15 1.85
C THR B 74 18.22 1.51 1.63
N VAL B 75 17.52 2.58 2.00
CA VAL B 75 18.08 3.95 1.83
C VAL B 75 19.32 4.08 2.66
N PHE B 76 19.26 3.54 3.87
CA PHE B 76 20.44 3.51 4.73
C PHE B 76 21.15 2.16 4.86
N ALA B 77 21.11 1.37 3.80
CA ALA B 77 21.75 0.04 3.76
C ALA B 77 23.24 0.07 4.13
N ASP B 78 23.97 1.12 3.83
CA ASP B 78 25.40 1.17 4.13
C ASP B 78 25.61 1.01 5.64
N LEU B 79 24.68 1.54 6.41
CA LEU B 79 24.70 1.37 7.89
C LEU B 79 23.97 0.10 8.39
N PHE B 80 22.73 -0.10 7.92
CA PHE B 80 21.95 -1.27 8.39
C PHE B 80 22.55 -2.63 8.00
N ASP B 81 23.16 -2.67 6.81
CA ASP B 81 23.65 -4.00 6.33
C ASP B 81 24.71 -4.55 7.29
N PRO B 82 25.80 -3.75 7.60
CA PRO B 82 26.84 -4.34 8.43
C PRO B 82 26.34 -4.57 9.87
N VAL B 83 25.39 -3.78 10.31
CA VAL B 83 24.87 -3.94 11.71
C VAL B 83 24.10 -5.23 11.68
N ILE B 84 23.31 -5.41 10.63
CA ILE B 84 22.56 -6.70 10.56
C ILE B 84 23.49 -7.90 10.47
N GLU B 85 24.48 -7.83 9.56
CA GLU B 85 25.46 -8.91 9.47
C GLU B 85 26.16 -9.26 10.80
N GLU B 86 26.62 -8.27 11.56
CA GLU B 86 27.15 -8.64 12.83
C GLU B 86 26.15 -9.21 13.88
N TYR B 87 24.99 -8.59 14.00
CA TYR B 87 24.12 -8.97 15.08
C TYR B 87 23.58 -10.38 14.82
N HIS B 88 23.33 -10.66 13.54
CA HIS B 88 22.69 -11.94 13.12
C HIS B 88 23.73 -12.96 12.64
N ASN B 89 24.96 -12.82 13.15
CA ASN B 89 25.90 -13.95 13.07
C ASN B 89 26.21 -14.29 11.62
N GLY B 90 26.37 -13.25 10.82
CA GLY B 90 26.95 -13.40 9.48
C GLY B 90 25.94 -13.34 8.34
N PHE B 91 24.72 -12.89 8.60
CA PHE B 91 23.71 -12.79 7.51
C PHE B 91 24.04 -11.61 6.61
N LYS B 92 24.35 -11.91 5.33
CA LYS B 92 24.97 -10.95 4.39
C LYS B 92 23.94 -10.16 3.58
N LYS B 93 24.34 -9.05 2.97
CA LYS B 93 23.37 -8.29 2.19
C LYS B 93 22.88 -9.18 0.99
N THR B 94 23.70 -10.16 0.60
CA THR B 94 23.43 -11.03 -0.54
C THR B 94 22.71 -12.31 -0.12
N ASP B 95 22.55 -12.53 1.18
CA ASP B 95 21.80 -13.67 1.68
C ASP B 95 20.30 -13.30 1.63
N ASN B 96 19.40 -14.26 1.49
CA ASN B 96 17.98 -13.99 1.56
C ASN B 96 17.29 -14.93 2.56
N HIS B 97 16.31 -14.41 3.28
CA HIS B 97 15.68 -15.15 4.37
C HIS B 97 14.51 -15.99 3.89
N LYS B 98 14.38 -17.24 4.37
CA LYS B 98 13.27 -18.09 3.98
C LYS B 98 12.35 -18.31 5.12
N THR B 99 11.06 -18.08 4.83
CA THR B 99 9.96 -18.14 5.82
C THR B 99 9.38 -19.52 5.71
N ASP B 100 9.09 -20.16 6.84
CA ASP B 100 8.32 -21.37 6.77
C ASP B 100 7.45 -21.41 8.04
N LEU B 101 6.15 -21.21 7.84
CA LEU B 101 5.23 -21.18 8.98
C LEU B 101 4.33 -22.44 8.99
N ASP B 102 4.81 -23.53 8.37
CA ASP B 102 4.02 -24.79 8.27
C ASP B 102 4.00 -25.55 9.60
N ALA B 103 2.90 -25.43 10.37
CA ALA B 103 2.80 -26.04 11.65
C ALA B 103 2.86 -27.62 11.54
N SER B 104 2.53 -28.17 10.40
CA SER B 104 2.63 -29.64 10.27
C SER B 104 4.06 -30.15 10.32
N LYS B 105 5.04 -29.23 10.16
CA LYS B 105 6.44 -29.61 10.24
C LYS B 105 7.10 -29.55 11.64
N ILE B 106 6.31 -29.16 12.65
CA ILE B 106 6.85 -29.00 14.01
C ILE B 106 6.78 -30.39 14.61
N LEU B 107 7.87 -30.77 15.26
CA LEU B 107 7.99 -32.06 15.94
C LEU B 107 6.91 -32.18 16.98
N ASP B 108 6.32 -33.38 17.07
CA ASP B 108 5.28 -33.59 18.05
C ASP B 108 5.71 -34.08 19.44
N ASP B 109 7.01 -34.20 19.72
CA ASP B 109 7.49 -34.53 21.10
C ASP B 109 6.83 -33.62 22.14
N VAL B 110 6.36 -34.13 23.30
CA VAL B 110 5.80 -33.19 24.33
C VAL B 110 6.94 -33.17 25.35
N LEU B 111 7.48 -32.03 25.68
CA LEU B 111 8.67 -32.08 26.52
C LEU B 111 8.15 -32.49 27.90
N ASP B 112 8.94 -33.27 28.62
CA ASP B 112 8.59 -33.79 29.95
C ASP B 112 8.00 -32.74 30.87
N PRO B 113 6.72 -32.91 31.27
CA PRO B 113 6.12 -31.89 32.11
C PRO B 113 6.73 -31.79 33.51
N ALA B 114 7.45 -32.80 33.94
CA ALA B 114 8.22 -32.70 35.16
C ALA B 114 9.32 -31.62 35.04
N TYR B 115 9.80 -31.34 33.83
CA TYR B 115 10.91 -30.39 33.60
C TYR B 115 10.48 -29.10 32.91
N VAL B 116 9.46 -29.15 32.08
CA VAL B 116 9.05 -27.96 31.33
C VAL B 116 7.80 -27.38 31.94
N ILE B 117 7.97 -26.20 32.50
CA ILE B 117 6.87 -25.50 33.23
C ILE B 117 5.89 -24.85 32.27
N SER B 118 6.41 -24.24 31.18
CA SER B 118 5.56 -23.45 30.24
C SER B 118 6.24 -23.35 28.88
N SER B 119 5.43 -22.94 27.86
CA SER B 119 5.89 -22.90 26.44
C SER B 119 5.26 -21.68 25.81
N ARG B 120 6.02 -20.94 25.01
CA ARG B 120 5.48 -19.65 24.44
C ARG B 120 6.14 -19.45 23.08
N VAL B 121 5.43 -18.78 22.15
CA VAL B 121 6.03 -18.41 20.86
C VAL B 121 5.56 -16.98 20.70
N ARG B 122 6.47 -16.07 20.40
CA ARG B 122 6.07 -14.68 20.22
C ARG B 122 6.64 -14.16 18.85
N THR B 123 5.90 -13.32 18.11
CA THR B 123 6.49 -12.66 16.95
C THR B 123 5.95 -11.20 16.87
N GLY B 124 6.38 -10.43 15.89
CA GLY B 124 5.79 -9.11 15.66
C GLY B 124 5.50 -9.00 14.15
N ARG B 125 4.53 -8.17 13.80
CA ARG B 125 4.26 -7.90 12.44
C ARG B 125 3.95 -6.42 12.28
N ASN B 126 4.34 -5.91 11.14
CA ASN B 126 3.92 -4.56 10.77
C ASN B 126 3.11 -4.71 9.52
N ILE B 127 2.38 -3.64 9.23
CA ILE B 127 1.53 -3.55 8.01
C ILE B 127 2.27 -2.87 6.85
N ARG B 128 2.41 -3.58 5.73
CA ARG B 128 3.13 -3.07 4.57
C ARG B 128 2.63 -1.70 4.17
N GLY B 129 3.58 -0.82 3.86
CA GLY B 129 3.23 0.50 3.31
C GLY B 129 2.86 1.51 4.38
N MSE B 130 2.78 1.11 5.66
CA MSE B 130 2.51 2.05 6.78
CA MSE B 130 2.57 2.12 6.69
C MSE B 130 3.82 2.39 7.51
O MSE B 130 4.66 1.52 7.64
CB MSE B 130 1.52 1.46 7.84
CB MSE B 130 1.41 1.63 7.53
CG MSE B 130 0.19 0.92 7.32
CG MSE B 130 0.43 0.97 6.57
SE MSE B 130 -0.87 2.27 6.37
SE MSE B 130 -1.27 0.81 7.40
CE MSE B 130 -2.03 2.83 7.83
CE MSE B 130 -1.58 2.71 7.77
N ALA B 131 3.96 3.63 8.03
CA ALA B 131 5.16 3.91 8.81
C ALA B 131 5.28 3.08 10.10
N LEU B 132 6.51 2.81 10.56
CA LEU B 132 6.72 2.05 11.79
C LEU B 132 6.74 3.08 12.97
N SER B 133 6.66 2.55 14.19
CA SER B 133 6.42 3.34 15.37
C SER B 133 7.28 4.56 15.57
N PRO B 134 8.57 4.55 15.14
CA PRO B 134 9.33 5.81 15.32
C PRO B 134 8.88 6.98 14.47
N HIS B 135 8.00 6.69 13.49
CA HIS B 135 7.66 7.65 12.47
C HIS B 135 6.15 7.77 12.27
N VAL B 136 5.43 6.74 12.65
CA VAL B 136 3.95 6.70 12.31
C VAL B 136 3.18 7.92 12.82
N CYS B 137 2.22 8.45 12.04
CA CYS B 137 1.44 9.56 12.57
C CYS B 137 0.12 9.05 13.18
N ARG B 138 -0.63 9.93 13.83
CA ARG B 138 -1.86 9.46 14.51
C ARG B 138 -2.86 8.81 13.56
N SER B 139 -3.00 9.38 12.38
CA SER B 139 -3.97 8.78 11.46
C SER B 139 -3.59 7.36 11.01
N GLU B 140 -2.32 7.16 10.59
CA GLU B 140 -1.84 5.79 10.31
C GLU B 140 -2.00 4.88 11.47
N ARG B 141 -1.63 5.34 12.66
CA ARG B 141 -1.67 4.47 13.81
C ARG B 141 -3.13 4.07 14.14
N ARG B 142 -4.07 5.00 14.10
CA ARG B 142 -5.49 4.69 14.20
C ARG B 142 -6.06 3.68 13.16
N ALA B 143 -5.63 3.79 11.91
CA ALA B 143 -6.07 2.91 10.87
C ALA B 143 -5.52 1.54 11.10
N ILE B 144 -4.25 1.49 11.58
CA ILE B 144 -3.72 0.19 12.04
C ILE B 144 -4.50 -0.43 13.16
N GLU B 145 -4.75 0.35 14.19
CA GLU B 145 -5.58 -0.20 15.28
C GLU B 145 -6.94 -0.72 14.73
N LYS B 146 -7.60 0.06 13.91
CA LYS B 146 -8.89 -0.37 13.34
C LYS B 146 -8.77 -1.71 12.59
N MSE B 147 -7.81 -1.83 11.65
CA MSE B 147 -7.82 -3.03 10.84
C MSE B 147 -7.40 -4.24 11.65
O MSE B 147 -7.93 -5.37 11.44
CB MSE B 147 -6.96 -2.86 9.56
CG MSE B 147 -5.46 -2.78 9.91
SE MSE B 147 -4.41 -2.54 8.32
CE MSE B 147 -4.78 -0.71 7.97
N VAL B 148 -6.47 -4.02 12.60
CA VAL B 148 -6.06 -5.15 13.42
C VAL B 148 -7.14 -5.55 14.43
N SER B 149 -7.71 -4.58 15.12
CA SER B 149 -8.75 -4.92 16.12
C SER B 149 -9.98 -5.56 15.43
N GLU B 150 -10.31 -5.12 14.24
CA GLU B 150 -11.44 -5.74 13.49
C GLU B 150 -11.13 -7.19 13.15
N ALA B 151 -9.91 -7.44 12.66
CA ALA B 151 -9.46 -8.81 12.36
C ALA B 151 -9.53 -9.70 13.61
N LEU B 152 -8.98 -9.23 14.72
CA LEU B 152 -9.00 -10.04 15.97
C LEU B 152 -10.46 -10.28 16.45
N ASN B 153 -11.32 -9.32 16.28
CA ASN B 153 -12.70 -9.42 16.79
C ASN B 153 -13.48 -10.44 15.94
N SER B 154 -12.95 -10.76 14.75
CA SER B 154 -13.63 -11.62 13.83
C SER B 154 -13.37 -13.04 14.18
N LEU B 155 -12.30 -13.31 14.94
CA LEU B 155 -11.85 -14.69 15.24
C LEU B 155 -12.89 -15.42 16.06
N ALA B 156 -13.01 -16.72 15.85
CA ALA B 156 -14.07 -17.46 16.56
C ALA B 156 -13.51 -18.75 17.13
N ALA B 157 -14.41 -19.58 17.67
CA ALA B 157 -14.10 -20.83 18.34
C ALA B 157 -13.04 -20.65 19.42
N ASP B 158 -11.97 -21.44 19.34
CA ASP B 158 -10.94 -21.34 20.36
C ASP B 158 -10.23 -20.01 20.31
N LEU B 159 -10.37 -19.29 19.20
CA LEU B 159 -9.65 -18.02 19.09
C LEU B 159 -10.56 -16.86 19.44
N LYS B 160 -11.80 -17.14 19.89
CA LYS B 160 -12.72 -16.04 20.17
C LYS B 160 -12.17 -15.18 21.30
N GLY B 161 -12.20 -13.86 21.18
CA GLY B 161 -11.70 -13.06 22.29
C GLY B 161 -12.25 -11.63 22.42
N LYS B 162 -11.46 -10.73 23.01
CA LYS B 162 -11.98 -9.41 23.26
C LYS B 162 -10.81 -8.40 23.21
N TYR B 163 -11.11 -7.23 22.66
CA TYR B 163 -10.19 -6.11 22.49
C TYR B 163 -10.34 -5.10 23.65
N TYR B 164 -9.20 -4.70 24.21
CA TYR B 164 -9.16 -3.68 25.21
C TYR B 164 -8.31 -2.49 24.78
N SER B 165 -8.96 -1.36 24.44
CA SER B 165 -8.26 -0.18 24.05
C SER B 165 -7.57 0.38 25.28
N LEU B 166 -6.40 0.99 25.13
CA LEU B 166 -5.77 1.58 26.30
C LEU B 166 -6.30 2.95 26.59
N MSE B 167 -7.05 3.55 25.69
CA MSE B 167 -7.59 4.86 26.08
C MSE B 167 -8.70 4.71 27.11
O MSE B 167 -9.61 3.87 26.95
CB MSE B 167 -8.07 5.63 24.91
CG MSE B 167 -7.05 5.61 23.88
SE MSE B 167 -7.34 7.07 22.72
CE MSE B 167 -6.46 8.49 23.67
N LYS B 168 -8.60 5.42 28.21
CA LYS B 168 -9.73 5.46 29.12
C LYS B 168 -9.98 4.08 29.71
N MSE B 169 -8.98 3.21 29.67
CA MSE B 169 -9.10 1.96 30.39
C MSE B 169 -9.32 2.31 31.85
O MSE B 169 -8.60 3.14 32.42
CB MSE B 169 -7.81 1.14 30.20
CG MSE B 169 -7.86 -0.23 30.79
SE MSE B 169 -6.19 -1.11 30.39
CE MSE B 169 -6.60 -2.00 28.65
N ASP B 170 -10.36 1.74 32.43
CA ASP B 170 -10.66 1.90 33.84
C ASP B 170 -9.71 1.09 34.71
N GLU B 171 -9.60 1.49 35.98
CA GLU B 171 -8.64 0.89 36.91
C GLU B 171 -8.90 -0.60 37.18
N LYS B 172 -10.15 -1.02 37.12
CA LYS B 172 -10.51 -2.42 37.33
C LYS B 172 -9.85 -3.31 36.26
N THR B 173 -9.96 -2.84 35.03
CA THR B 173 -9.48 -3.60 33.87
C THR B 173 -8.00 -3.59 33.81
N GLN B 174 -7.43 -2.44 34.15
CA GLN B 174 -6.01 -2.28 34.14
C GLN B 174 -5.41 -3.28 35.11
N GLN B 175 -6.03 -3.39 36.28
CA GLN B 175 -5.54 -4.33 37.33
C GLN B 175 -5.70 -5.81 36.86
N GLN B 176 -6.81 -6.13 36.20
CA GLN B 176 -7.00 -7.53 35.75
C GLN B 176 -5.92 -7.90 34.75
N LEU B 177 -5.73 -7.00 33.78
CA LEU B 177 -4.73 -7.27 32.75
C LEU B 177 -3.32 -7.30 33.31
N ILE B 178 -3.07 -6.47 34.29
CA ILE B 178 -1.76 -6.47 34.95
C ILE B 178 -1.52 -7.81 35.63
N ASP B 179 -2.52 -8.26 36.39
CA ASP B 179 -2.46 -9.59 37.04
C ASP B 179 -2.25 -10.77 36.06
N ASP B 180 -2.82 -10.65 34.86
CA ASP B 180 -2.62 -11.66 33.81
C ASP B 180 -1.29 -11.51 33.08
N HIS B 181 -0.52 -10.49 33.42
CA HIS B 181 0.70 -10.17 32.70
C HIS B 181 0.36 -9.91 31.23
N PHE B 182 -0.78 -9.28 31.00
CA PHE B 182 -1.27 -8.99 29.65
C PHE B 182 -0.99 -7.55 29.20
N LEU B 183 -0.87 -6.62 30.14
CA LEU B 183 -0.68 -5.20 29.76
C LEU B 183 0.79 -4.85 29.45
N PHE B 184 1.09 -4.17 28.34
CA PHE B 184 2.47 -3.75 28.12
C PHE B 184 2.82 -2.46 28.81
N ASP B 185 4.12 -2.20 29.02
CA ASP B 185 4.63 -0.99 29.70
C ASP B 185 4.22 0.24 28.92
N ARG B 186 3.84 1.32 29.59
CA ARG B 186 3.71 2.62 28.96
C ARG B 186 5.14 2.91 28.54
N PRO B 187 5.33 3.85 27.59
CA PRO B 187 6.68 3.88 26.95
C PRO B 187 7.56 4.94 27.59
N VAL B 188 7.93 4.70 28.84
CA VAL B 188 8.82 5.57 29.57
C VAL B 188 10.32 5.21 29.45
N SER B 189 10.63 4.00 28.97
CA SER B 189 11.99 3.56 28.76
C SER B 189 12.71 4.43 27.75
N ARG B 190 14.04 4.56 27.85
CA ARG B 190 14.63 5.52 26.93
C ARG B 190 14.68 4.96 25.53
N HIS B 191 14.62 3.65 25.40
CA HIS B 191 14.50 3.04 24.07
C HIS B 191 13.31 3.62 23.34
N PHE B 192 12.18 3.75 24.05
CA PHE B 192 11.03 4.37 23.43
C PHE B 192 11.04 5.87 23.28
N THR B 193 11.54 6.58 24.27
CA THR B 193 11.57 8.03 24.11
C THR B 193 12.58 8.51 23.09
N SER B 194 13.80 7.96 23.10
CA SER B 194 14.79 8.36 22.11
C SER B 194 14.40 7.93 20.68
N GLY B 195 13.65 6.84 20.57
CA GLY B 195 13.26 6.40 19.26
C GLY B 195 11.96 6.97 18.62
N GLY B 196 11.31 7.91 19.32
CA GLY B 196 10.11 8.56 18.84
C GLY B 196 8.91 7.62 18.93
N MSE B 197 9.01 6.49 19.69
CA MSE B 197 7.91 5.48 19.73
C MSE B 197 6.91 5.78 20.85
O MSE B 197 5.89 5.12 20.95
CB MSE B 197 8.45 4.09 19.92
CG MSE B 197 9.42 3.73 18.76
SE MSE B 197 9.99 1.86 18.83
CE MSE B 197 11.24 2.09 20.35
N ALA B 198 7.20 6.76 21.68
CA ALA B 198 6.24 7.12 22.76
C ALA B 198 5.16 8.12 22.40
N ARG B 199 5.28 8.77 21.25
CA ARG B 199 4.34 9.83 20.81
C ARG B 199 2.88 9.41 20.94
N ASP B 200 2.11 10.26 21.60
CA ASP B 200 0.63 10.25 21.54
C ASP B 200 0.07 9.20 22.47
N PHE B 201 0.90 8.37 23.08
CA PHE B 201 0.42 7.36 24.01
C PHE B 201 -0.62 7.94 24.97
N PRO B 202 -1.74 7.22 25.16
CA PRO B 202 -2.16 5.88 24.73
C PRO B 202 -2.92 5.80 23.40
N ASP B 203 -2.96 6.89 22.64
CA ASP B 203 -3.69 6.93 21.41
C ASP B 203 -3.27 5.84 20.42
N GLY B 204 -4.25 4.98 20.01
CA GLY B 204 -3.97 3.96 19.00
C GLY B 204 -3.47 2.67 19.60
N ARG B 205 -3.26 2.63 20.92
CA ARG B 205 -2.69 1.38 21.51
C ARG B 205 -3.78 0.53 22.15
N GLY B 206 -3.55 -0.79 22.20
CA GLY B 206 -4.54 -1.69 22.79
C GLY B 206 -3.94 -3.07 23.01
N ILE B 207 -4.70 -3.91 23.68
N ILE B 207 -4.66 -3.89 23.74
CA ILE B 207 -4.31 -5.31 23.89
CA ILE B 207 -4.31 -5.29 23.76
C ILE B 207 -5.55 -6.19 23.63
C ILE B 207 -5.56 -6.14 23.50
N TRP B 208 -5.34 -7.34 23.03
CA TRP B 208 -6.45 -8.24 22.72
C TRP B 208 -6.04 -9.57 23.28
N HIS B 209 -6.97 -10.37 23.82
CA HIS B 209 -6.60 -11.75 24.09
C HIS B 209 -7.82 -12.62 23.90
N ASN B 210 -7.57 -13.89 23.74
CA ASN B 210 -8.73 -14.80 23.50
C ASN B 210 -9.31 -15.18 24.83
N ASP B 211 -10.51 -15.71 24.81
CA ASP B 211 -11.14 -16.02 26.10
C ASP B 211 -10.43 -17.13 26.85
N LYS B 212 -9.74 -18.00 26.12
CA LYS B 212 -8.95 -19.07 26.71
C LYS B 212 -7.63 -18.62 27.27
N LYS B 213 -7.30 -17.33 27.09
CA LYS B 213 -6.09 -16.69 27.60
C LYS B 213 -4.82 -17.44 27.22
N ASN B 214 -4.76 -17.85 25.97
CA ASN B 214 -3.57 -18.58 25.51
C ASN B 214 -3.12 -18.00 24.16
N PHE B 215 -3.66 -16.85 23.83
CA PHE B 215 -3.28 -16.13 22.56
C PHE B 215 -3.45 -14.66 22.90
N LEU B 216 -2.41 -13.82 22.67
CA LEU B 216 -2.42 -12.50 23.16
C LEU B 216 -1.79 -11.57 22.11
N VAL B 217 -2.37 -10.39 21.89
CA VAL B 217 -1.81 -9.49 20.89
C VAL B 217 -1.71 -8.11 21.48
N TRP B 218 -0.56 -7.47 21.23
CA TRP B 218 -0.42 -6.08 21.62
C TRP B 218 -0.45 -5.24 20.37
N ILE B 219 -1.19 -4.12 20.41
CA ILE B 219 -1.34 -3.31 19.17
C ILE B 219 -0.64 -1.93 19.36
N ASN B 220 0.23 -1.59 18.39
CA ASN B 220 0.89 -0.30 18.31
C ASN B 220 1.92 0.00 19.43
N GLU B 221 2.56 -1.05 19.94
CA GLU B 221 3.65 -0.83 20.88
C GLU B 221 4.93 -0.67 20.01
N GLU B 222 5.94 -1.51 20.14
CA GLU B 222 7.15 -1.25 19.33
C GLU B 222 6.89 -1.58 17.86
N ASP B 223 6.20 -2.69 17.59
CA ASP B 223 5.74 -2.99 16.24
C ASP B 223 4.21 -2.90 16.18
N HIS B 224 3.66 -2.83 14.98
CA HIS B 224 2.25 -2.58 14.89
C HIS B 224 1.48 -3.68 15.64
N THR B 225 1.99 -4.93 15.61
CA THR B 225 1.44 -5.98 16.43
C THR B 225 2.54 -6.79 17.05
N ARG B 226 2.33 -7.24 18.28
CA ARG B 226 3.17 -8.29 18.82
C ARG B 226 2.22 -9.44 19.13
N ILE B 227 2.53 -10.67 18.70
CA ILE B 227 1.58 -11.77 18.77
C ILE B 227 2.19 -12.91 19.56
N ILE B 228 1.45 -13.38 20.56
CA ILE B 228 2.02 -14.36 21.51
C ILE B 228 1.03 -15.52 21.71
N SER B 229 1.52 -16.76 21.63
CA SER B 229 0.74 -17.90 22.02
C SER B 229 1.46 -18.60 23.19
N MSE B 230 0.76 -19.03 24.27
CA MSE B 230 1.56 -19.50 25.43
C MSE B 230 0.63 -20.42 26.25
O MSE B 230 -0.58 -20.22 26.22
CB MSE B 230 1.95 -18.28 26.30
CG MSE B 230 0.72 -17.62 26.99
SE MSE B 230 -0.29 -16.42 25.80
CE MSE B 230 -1.47 -15.62 27.09
N GLN B 231 1.18 -21.43 26.89
CA GLN B 231 0.41 -22.21 27.89
C GLN B 231 1.36 -22.91 28.86
N MSE B 232 0.83 -23.39 29.97
CA MSE B 232 1.63 -24.25 30.86
CA MSE B 232 1.68 -24.22 30.84
C MSE B 232 1.99 -25.56 30.16
O MSE B 232 1.26 -26.02 29.27
CB MSE B 232 0.82 -24.57 32.10
CB MSE B 232 1.06 -24.39 32.24
CG MSE B 232 0.38 -23.30 32.74
CG MSE B 232 0.92 -23.07 32.99
SE MSE B 232 1.98 -22.34 33.40
SE MSE B 232 -0.12 -23.15 34.71
CE MSE B 232 2.73 -23.73 34.53
CE MSE B 232 -1.62 -24.29 34.12
N GLY B 233 3.07 -26.16 30.57
CA GLY B 233 3.43 -27.49 30.07
C GLY B 233 4.30 -27.39 28.84
N GLY B 234 4.59 -28.54 28.24
CA GLY B 234 5.60 -28.62 27.17
C GLY B 234 5.10 -28.96 25.76
N ASN B 235 3.82 -28.73 25.48
CA ASN B 235 3.24 -29.09 24.15
C ASN B 235 3.48 -27.91 23.17
N MSE B 236 4.74 -27.79 22.74
CA MSE B 236 5.13 -26.62 21.94
C MSE B 236 4.42 -26.71 20.56
O MSE B 236 4.12 -25.70 19.98
CB MSE B 236 6.64 -26.64 21.65
CG MSE B 236 7.08 -25.46 20.76
SE MSE B 236 6.74 -23.71 21.64
CE MSE B 236 8.14 -23.91 22.99
N LYS B 237 4.16 -27.91 20.07
CA LYS B 237 3.52 -28.05 18.79
C LYS B 237 2.11 -27.46 18.87
N GLU B 238 1.39 -27.70 19.98
CA GLU B 238 0.06 -27.09 20.10
C GLU B 238 0.14 -25.56 20.17
N VAL B 239 1.14 -25.10 20.90
CA VAL B 239 1.36 -23.62 21.02
C VAL B 239 1.57 -22.99 19.61
N PHE B 240 2.46 -23.60 18.82
CA PHE B 240 2.75 -23.10 17.46
C PHE B 240 1.56 -23.24 16.52
N GLU B 241 0.83 -24.34 16.62
CA GLU B 241 -0.30 -24.50 15.74
C GLU B 241 -1.35 -23.39 15.96
N ARG B 242 -1.56 -22.99 17.21
CA ARG B 242 -2.59 -22.02 17.51
C ARG B 242 -2.05 -20.66 17.07
N PHE B 243 -0.77 -20.47 17.35
CA PHE B 243 -0.06 -19.25 16.85
C PHE B 243 -0.23 -19.03 15.34
N THR B 244 0.07 -20.06 14.55
CA THR B 244 0.02 -19.92 13.11
C THR B 244 -1.41 -19.85 12.61
N ARG B 245 -2.32 -20.64 13.18
CA ARG B 245 -3.73 -20.50 12.77
C ARG B 245 -4.26 -19.03 13.02
N GLY B 246 -3.98 -18.46 14.20
CA GLY B 246 -4.33 -17.10 14.53
C GLY B 246 -3.74 -16.10 13.53
N LEU B 247 -2.48 -16.24 13.25
CA LEU B 247 -1.79 -15.32 12.31
C LEU B 247 -2.39 -15.40 10.90
N THR B 248 -2.69 -16.62 10.45
CA THR B 248 -3.28 -16.82 9.11
C THR B 248 -4.64 -16.15 9.02
N GLU B 249 -5.42 -16.28 10.08
CA GLU B 249 -6.78 -15.76 10.04
C GLU B 249 -6.81 -14.25 10.12
N VAL B 250 -5.87 -13.68 10.88
CA VAL B 250 -5.80 -12.23 11.04
C VAL B 250 -5.31 -11.68 9.72
N GLU B 251 -4.26 -12.27 9.15
CA GLU B 251 -3.75 -11.72 7.93
C GLU B 251 -4.80 -11.80 6.79
N LYS B 252 -5.55 -12.91 6.75
CA LYS B 252 -6.57 -13.07 5.71
C LYS B 252 -7.67 -12.02 5.84
N HIS B 253 -8.07 -11.70 7.08
CA HIS B 253 -9.07 -10.69 7.33
C HIS B 253 -8.53 -9.31 6.90
N ILE B 254 -7.32 -8.96 7.30
CA ILE B 254 -6.81 -7.63 6.89
C ILE B 254 -6.73 -7.53 5.38
N LYS B 255 -6.34 -8.61 4.75
CA LYS B 255 -6.13 -8.59 3.29
C LYS B 255 -7.51 -8.34 2.62
N ASP B 256 -8.50 -9.13 3.05
CA ASP B 256 -9.86 -9.04 2.49
C ASP B 256 -10.45 -7.65 2.76
N LYS B 257 -10.37 -7.17 4.01
CA LYS B 257 -10.99 -5.84 4.35
C LYS B 257 -10.29 -4.57 3.88
N THR B 258 -8.95 -4.57 3.67
CA THR B 258 -8.12 -3.36 3.37
C THR B 258 -7.22 -3.54 2.21
N GLY B 259 -6.98 -4.79 1.81
CA GLY B 259 -5.99 -5.09 0.76
C GLY B 259 -4.56 -5.02 1.33
N LYS B 260 -4.44 -4.66 2.63
CA LYS B 260 -3.10 -4.67 3.20
C LYS B 260 -2.67 -6.01 3.71
N GLU B 261 -1.39 -6.12 3.98
CA GLU B 261 -0.88 -7.40 4.44
C GLU B 261 0.36 -7.13 5.22
N PHE B 262 0.98 -8.19 5.75
CA PHE B 262 2.18 -7.92 6.58
C PHE B 262 3.42 -7.42 5.80
N MSE B 263 4.17 -6.53 6.45
CA MSE B 263 5.42 -6.01 5.86
C MSE B 263 6.52 -7.11 5.84
O MSE B 263 6.89 -7.64 6.89
CB MSE B 263 5.85 -4.77 6.67
CG MSE B 263 7.01 -4.08 6.13
SE MSE B 263 7.60 -2.59 7.26
CE MSE B 263 6.06 -1.41 7.06
N LYS B 264 7.00 -7.42 4.63
CA LYS B 264 7.90 -8.57 4.43
C LYS B 264 8.56 -8.42 3.08
N ASN B 265 9.83 -8.82 3.01
CA ASN B 265 10.46 -8.90 1.72
C ASN B 265 11.38 -10.09 1.62
N ASP B 266 11.83 -10.37 0.39
CA ASP B 266 12.67 -11.52 0.14
C ASP B 266 14.00 -11.51 0.87
N HIS B 267 14.56 -10.36 1.14
CA HIS B 267 15.86 -10.29 1.81
C HIS B 267 15.82 -10.47 3.31
N LEU B 268 14.90 -9.73 3.95
CA LEU B 268 14.87 -9.65 5.37
C LEU B 268 13.74 -10.47 6.01
N GLY B 269 12.87 -11.08 5.21
CA GLY B 269 11.72 -11.77 5.83
C GLY B 269 10.76 -10.69 6.40
N PHE B 270 10.20 -10.94 7.59
CA PHE B 270 9.37 -9.91 8.20
C PHE B 270 10.18 -8.70 8.64
N VAL B 271 9.64 -7.54 8.31
CA VAL B 271 10.34 -6.28 8.57
C VAL B 271 9.86 -5.74 9.91
N LEU B 272 10.76 -5.62 10.85
CA LEU B 272 10.36 -5.12 12.17
C LEU B 272 11.17 -3.81 12.43
N THR B 273 10.81 -3.08 13.47
CA THR B 273 11.33 -1.78 13.77
C THR B 273 12.78 -1.87 14.25
N CYS B 274 13.06 -2.80 15.14
CA CYS B 274 14.45 -3.00 15.63
C CYS B 274 15.09 -4.12 14.79
N PRO B 275 16.26 -3.85 14.21
CA PRO B 275 16.93 -4.83 13.36
C PRO B 275 17.16 -6.15 14.06
N SER B 276 17.15 -6.15 15.39
CA SER B 276 17.30 -7.45 16.16
C SER B 276 16.16 -8.48 15.90
N ASN B 277 15.01 -7.97 15.45
CA ASN B 277 13.81 -8.82 15.30
C ASN B 277 13.50 -9.22 13.88
N LEU B 278 14.42 -8.96 12.94
CA LEU B 278 14.06 -9.29 11.54
C LEU B 278 13.97 -10.80 11.22
N GLY B 279 13.51 -11.14 10.02
CA GLY B 279 13.52 -12.57 9.60
C GLY B 279 12.21 -13.22 10.03
N THR B 280 12.25 -14.03 11.08
CA THR B 280 11.05 -14.61 11.66
C THR B 280 10.47 -13.71 12.75
N GLY B 281 11.30 -12.83 13.32
CA GLY B 281 10.94 -12.11 14.57
C GLY B 281 10.39 -13.06 15.66
N VAL B 282 10.73 -14.34 15.56
CA VAL B 282 10.23 -15.31 16.57
C VAL B 282 11.14 -15.48 17.77
N ARG B 283 10.53 -15.42 18.95
CA ARG B 283 11.16 -15.85 20.17
C ARG B 283 10.31 -16.98 20.72
N CYS B 284 10.87 -18.16 20.57
CA CYS B 284 10.19 -19.39 20.93
C CYS B 284 10.86 -19.85 22.22
N SER B 285 10.10 -19.98 23.33
CA SER B 285 10.79 -20.31 24.58
C SER B 285 10.06 -21.29 25.47
N VAL B 286 10.84 -21.99 26.30
CA VAL B 286 10.22 -22.76 27.39
C VAL B 286 10.85 -22.32 28.70
N HIS B 287 10.10 -22.38 29.81
CA HIS B 287 10.77 -22.38 31.12
C HIS B 287 11.04 -23.82 31.57
N ALA B 288 12.30 -24.08 31.86
CA ALA B 288 12.78 -25.46 32.13
C ALA B 288 13.56 -25.51 33.44
N LYS B 289 13.32 -26.59 34.21
CA LYS B 289 13.91 -26.76 35.56
C LYS B 289 15.18 -27.52 35.36
N LEU B 290 16.29 -26.80 35.28
CA LEU B 290 17.65 -27.39 34.99
C LEU B 290 18.73 -27.01 36.03
N PRO B 291 18.48 -27.32 37.31
CA PRO B 291 19.42 -26.86 38.35
C PRO B 291 20.80 -27.52 38.27
N HIS B 292 20.87 -28.77 37.85
CA HIS B 292 22.20 -29.41 37.67
C HIS B 292 22.94 -28.83 36.49
N MSE B 293 22.25 -28.62 35.36
CA MSE B 293 22.95 -28.01 34.20
C MSE B 293 23.46 -26.62 34.58
O MSE B 293 24.53 -26.22 34.15
CB MSE B 293 22.03 -27.86 33.00
CG MSE B 293 21.59 -29.10 32.36
SE MSE B 293 23.13 -29.90 31.48
CE MSE B 293 24.18 -28.43 30.90
N ALA B 294 22.71 -25.90 35.43
CA ALA B 294 23.10 -24.57 35.88
C ALA B 294 24.49 -24.50 36.55
N LYS B 295 24.89 -25.61 37.14
CA LYS B 295 26.20 -25.76 37.80
C LYS B 295 27.29 -26.35 36.91
N ASP B 296 26.92 -26.72 35.69
CA ASP B 296 27.90 -27.14 34.73
C ASP B 296 28.47 -25.95 33.92
N LYS B 297 29.79 -25.74 34.00
CA LYS B 297 30.43 -24.63 33.30
C LYS B 297 30.24 -24.66 31.77
N ARG B 298 29.85 -25.78 31.25
CA ARG B 298 29.65 -25.86 29.81
C ARG B 298 28.25 -25.48 29.32
N PHE B 299 27.36 -25.14 30.23
CA PHE B 299 25.92 -25.00 29.91
C PHE B 299 25.78 -24.02 28.75
N GLU B 300 26.50 -22.90 28.85
CA GLU B 300 26.33 -21.86 27.88
C GLU B 300 26.82 -22.32 26.53
N GLU B 301 28.01 -22.92 26.48
CA GLU B 301 28.49 -23.38 25.18
C GLU B 301 27.64 -24.51 24.55
N ILE B 302 27.07 -25.39 25.37
CA ILE B 302 26.13 -26.39 24.88
C ILE B 302 24.89 -25.67 24.19
N CYS B 303 24.38 -24.67 24.85
CA CYS B 303 23.24 -23.94 24.29
C CYS B 303 23.64 -23.33 22.94
N THR B 304 24.72 -22.58 22.92
CA THR B 304 25.09 -21.92 21.69
C THR B 304 25.29 -22.92 20.59
N LYS B 305 25.96 -24.01 20.96
CA LYS B 305 26.16 -25.05 20.00
C LYS B 305 24.86 -25.59 19.47
N MSE B 306 23.78 -25.63 20.27
CA MSE B 306 22.50 -26.08 19.74
CA MSE B 306 22.50 -26.10 19.73
C MSE B 306 21.61 -24.93 19.21
O MSE B 306 20.41 -25.12 18.90
CB MSE B 306 21.78 -26.91 20.81
CB MSE B 306 21.74 -27.08 20.66
CG MSE B 306 22.64 -28.11 21.25
CG MSE B 306 21.44 -26.62 22.10
SE MSE B 306 21.67 -29.45 22.24
SE MSE B 306 20.92 -27.95 23.54
CE MSE B 306 21.63 -28.52 23.97
CE MSE B 306 22.33 -29.29 23.35
N ARG B 307 22.21 -23.74 19.15
CA ARG B 307 21.54 -22.55 18.58
C ARG B 307 20.38 -22.18 19.50
N LEU B 308 20.63 -22.25 20.83
CA LEU B 308 19.71 -21.79 21.87
C LEU B 308 20.37 -20.73 22.71
N GLN B 309 19.56 -20.00 23.49
CA GLN B 309 20.02 -18.97 24.41
C GLN B 309 19.35 -19.34 25.70
N LYS B 310 20.03 -19.14 26.81
CA LYS B 310 19.41 -19.40 28.10
C LYS B 310 19.45 -18.19 29.01
N ARG B 311 18.44 -18.07 29.86
CA ARG B 311 18.33 -16.97 30.78
C ARG B 311 17.66 -17.50 32.06
N GLY B 312 18.35 -17.37 33.21
CA GLY B 312 17.85 -17.72 34.51
C GLY B 312 16.54 -17.00 34.75
N THR B 313 15.62 -17.65 35.45
CA THR B 313 14.34 -16.99 35.77
C THR B 313 13.80 -17.53 37.13
N SER B 314 12.97 -16.73 37.79
CA SER B 314 12.32 -17.16 39.04
C SER B 314 11.36 -16.10 39.50
N GLY B 315 10.23 -16.54 40.04
CA GLY B 315 9.29 -15.59 40.66
C GLY B 315 7.85 -16.06 40.62
N SER B 320 9.15 -19.07 44.63
CA SER B 320 10.58 -19.04 44.37
C SER B 320 11.16 -20.47 44.28
N VAL B 321 11.45 -20.94 43.08
CA VAL B 321 12.16 -22.22 42.89
C VAL B 321 13.43 -21.99 42.08
N GLY B 322 14.58 -22.48 42.56
CA GLY B 322 15.87 -22.27 41.91
C GLY B 322 16.17 -23.17 40.71
N GLY B 323 17.11 -22.78 39.86
CA GLY B 323 17.49 -23.64 38.75
C GLY B 323 16.60 -23.59 37.50
N VAL B 324 15.69 -22.61 37.45
CA VAL B 324 14.81 -22.46 36.27
C VAL B 324 15.38 -21.55 35.21
N TYR B 325 15.27 -22.01 33.97
CA TYR B 325 15.85 -21.32 32.83
C TYR B 325 14.81 -21.12 31.71
N ASP B 326 14.77 -19.89 31.19
CA ASP B 326 14.05 -19.65 29.91
C ASP B 326 15.02 -20.00 28.78
N ILE B 327 14.66 -21.02 27.99
CA ILE B 327 15.54 -21.53 26.93
C ILE B 327 14.82 -21.14 25.64
N SER B 328 15.51 -20.39 24.77
CA SER B 328 14.85 -19.88 23.55
C SER B 328 15.75 -20.08 22.34
N ASN B 329 15.18 -19.90 21.14
CA ASN B 329 16.01 -19.94 19.92
C ASN B 329 16.98 -18.78 19.82
N LEU B 330 18.22 -19.06 19.43
CA LEU B 330 19.18 -17.98 19.21
C LEU B 330 18.89 -17.18 17.92
N ASP B 331 18.45 -17.85 16.87
CA ASP B 331 18.41 -17.23 15.53
C ASP B 331 17.06 -16.54 15.26
N ARG B 332 17.11 -15.48 14.44
CA ARG B 332 15.90 -14.86 13.86
C ARG B 332 15.99 -14.79 12.36
N LEU B 333 17.15 -14.37 11.85
CA LEU B 333 17.29 -14.16 10.42
C LEU B 333 18.14 -15.27 9.79
N GLY B 334 17.70 -15.88 8.69
CA GLY B 334 18.53 -16.84 8.01
C GLY B 334 18.17 -18.25 8.33
N SER B 335 17.20 -18.42 9.23
CA SER B 335 16.60 -19.76 9.37
C SER B 335 15.11 -19.56 9.56
N SER B 336 14.30 -20.61 9.38
CA SER B 336 12.83 -20.42 9.29
C SER B 336 12.19 -20.55 10.68
N GLU B 337 10.90 -20.18 10.78
CA GLU B 337 10.17 -20.38 12.06
C GLU B 337 10.13 -21.88 12.42
N VAL B 338 9.84 -22.73 11.45
CA VAL B 338 9.87 -24.19 11.68
C VAL B 338 11.24 -24.62 12.21
N GLU B 339 12.30 -24.17 11.55
CA GLU B 339 13.65 -24.53 12.05
C GLU B 339 13.91 -24.04 13.48
N GLN B 340 13.52 -22.80 13.79
CA GLN B 340 13.81 -22.21 15.12
C GLN B 340 12.99 -22.90 16.22
N VAL B 341 11.71 -23.17 15.95
CA VAL B 341 10.87 -23.85 16.98
C VAL B 341 11.31 -25.31 17.19
N ASN B 342 11.62 -26.01 16.10
CA ASN B 342 12.15 -27.37 16.25
C ASN B 342 13.55 -27.38 16.90
N CYS B 343 14.34 -26.32 16.74
CA CYS B 343 15.63 -26.24 17.45
CA CYS B 343 15.64 -26.18 17.43
C CYS B 343 15.34 -26.19 18.93
N VAL B 344 14.36 -25.40 19.33
CA VAL B 344 14.00 -25.38 20.79
C VAL B 344 13.57 -26.76 21.30
N ILE B 345 12.68 -27.41 20.55
CA ILE B 345 12.13 -28.68 21.01
C ILE B 345 13.23 -29.75 21.10
N LYS B 346 14.08 -29.81 20.08
CA LYS B 346 15.17 -30.84 20.05
C LYS B 346 16.20 -30.53 21.12
N GLY B 347 16.53 -29.24 21.22
CA GLY B 347 17.51 -28.76 22.22
C GLY B 347 17.08 -29.02 23.66
N VAL B 348 15.86 -28.63 23.99
CA VAL B 348 15.35 -28.92 25.32
C VAL B 348 15.30 -30.43 25.64
N LYS B 349 14.91 -31.24 24.66
CA LYS B 349 14.99 -32.70 24.87
C LYS B 349 16.37 -33.15 25.33
N VAL B 350 17.42 -32.72 24.64
CA VAL B 350 18.80 -33.01 25.02
C VAL B 350 19.16 -32.47 26.42
N LEU B 351 18.75 -31.24 26.68
CA LEU B 351 19.09 -30.66 27.99
C LEU B 351 18.45 -31.49 29.11
N ILE B 352 17.28 -32.03 28.90
CA ILE B 352 16.57 -32.74 29.95
C ILE B 352 17.30 -34.08 30.13
N GLU B 353 17.63 -34.75 29.03
CA GLU B 353 18.47 -35.97 29.16
C GLU B 353 19.77 -35.67 29.93
N MSE B 354 20.46 -34.58 29.58
CA MSE B 354 21.69 -34.30 30.31
C MSE B 354 21.35 -34.07 31.80
O MSE B 354 22.04 -34.55 32.73
CB MSE B 354 22.40 -33.05 29.78
CG MSE B 354 22.89 -33.19 28.32
SE MSE B 354 23.55 -31.45 27.68
CE MSE B 354 24.52 -32.08 26.05
N GLU B 355 20.30 -33.31 32.04
CA GLU B 355 19.94 -33.01 33.41
C GLU B 355 19.65 -34.31 34.22
N LYS B 356 18.93 -35.24 33.62
CA LYS B 356 18.66 -36.53 34.26
C LYS B 356 19.92 -37.33 34.56
N LYS B 357 20.91 -37.29 33.67
CA LYS B 357 22.23 -37.88 33.95
C LYS B 357 22.92 -37.23 35.16
N LEU B 358 22.99 -35.91 35.16
CA LEU B 358 23.63 -35.23 36.28
C LEU B 358 22.92 -35.50 37.62
N GLU B 359 21.62 -35.78 37.59
CA GLU B 359 20.86 -36.05 38.83
C GLU B 359 21.45 -37.29 39.51
N LYS B 360 21.84 -38.26 38.70
CA LYS B 360 22.49 -39.46 39.25
C LYS B 360 24.06 -39.38 39.37
N GLY B 361 24.64 -38.19 39.28
CA GLY B 361 26.08 -38.05 39.22
C GLY B 361 26.78 -38.81 38.11
N GLU B 362 26.09 -39.07 37.01
CA GLU B 362 26.76 -39.59 35.83
C GLU B 362 27.34 -38.54 34.90
N SER B 363 28.19 -38.99 34.00
CA SER B 363 28.98 -38.05 33.22
C SER B 363 28.12 -37.64 32.02
N ILE B 364 28.28 -36.41 31.56
CA ILE B 364 27.66 -36.00 30.26
C ILE B 364 28.71 -35.74 29.14
N ASP B 365 29.90 -36.29 29.33
CA ASP B 365 31.09 -35.90 28.53
C ASP B 365 30.92 -36.31 27.09
N ASP B 366 30.19 -37.39 26.89
CA ASP B 366 29.98 -37.89 25.53
C ASP B 366 28.79 -37.23 24.85
N LEU B 367 27.97 -36.50 25.60
CA LEU B 367 26.76 -35.87 25.04
C LEU B 367 26.99 -34.42 24.67
N VAL B 368 28.03 -33.81 25.21
CA VAL B 368 28.35 -32.44 24.79
C VAL B 368 28.80 -32.41 23.29
N PRO B 369 27.98 -31.81 22.40
CA PRO B 369 28.56 -31.73 21.05
C PRO B 369 30.00 -31.20 21.16
N LYS B 370 30.91 -31.70 20.32
CA LYS B 370 32.31 -31.25 20.29
C LYS B 370 32.49 -29.85 19.69
N ALA C 2 -9.09 -14.72 -8.29
CA ALA C 2 -8.16 -15.75 -8.90
C ALA C 2 -8.94 -17.03 -8.90
N ASN C 3 -8.45 -18.00 -9.64
CA ASN C 3 -8.96 -19.33 -9.58
C ASN C 3 -8.25 -19.98 -8.37
N LEU C 4 -9.05 -20.23 -7.32
CA LEU C 4 -8.47 -20.69 -6.04
C LEU C 4 -7.95 -22.14 -6.13
N ASN C 5 -8.29 -22.86 -7.18
CA ASN C 5 -7.63 -24.14 -7.39
C ASN C 5 -6.24 -24.08 -7.96
N GLN C 6 -5.89 -22.95 -8.58
CA GLN C 6 -4.62 -22.85 -9.26
C GLN C 6 -3.52 -23.16 -8.25
N LYS C 7 -3.64 -22.63 -7.03
CA LYS C 7 -2.49 -22.78 -6.09
C LYS C 7 -2.20 -24.25 -5.68
N LYS C 8 -3.11 -25.16 -5.96
CA LYS C 8 -2.93 -26.58 -5.63
C LYS C 8 -2.09 -27.35 -6.67
N TYR C 9 -1.89 -26.73 -7.85
CA TYR C 9 -1.13 -27.35 -8.93
C TYR C 9 0.34 -26.95 -8.83
N PRO C 10 1.28 -27.81 -9.24
CA PRO C 10 2.66 -27.36 -9.42
C PRO C 10 2.80 -26.13 -10.31
N ALA C 11 3.66 -25.18 -9.98
CA ALA C 11 3.72 -23.98 -10.78
C ALA C 11 4.20 -24.29 -12.20
N LYS C 12 5.09 -25.28 -12.36
CA LYS C 12 5.56 -25.60 -13.70
C LYS C 12 4.38 -25.93 -14.61
N ASP C 13 3.29 -26.40 -14.05
CA ASP C 13 2.12 -26.81 -14.83
C ASP C 13 1.29 -25.65 -15.34
N ASP C 14 1.44 -24.53 -14.64
CA ASP C 14 0.83 -23.23 -15.04
C ASP C 14 1.75 -22.31 -15.86
N PHE C 15 3.05 -22.60 -15.85
CA PHE C 15 4.03 -21.74 -16.46
C PHE C 15 3.68 -21.59 -17.93
N PRO C 16 3.63 -20.35 -18.48
CA PRO C 16 3.24 -20.26 -19.89
C PRO C 16 4.18 -20.95 -20.81
N ASN C 17 3.67 -21.39 -21.95
CA ASN C 17 4.56 -21.85 -23.02
C ASN C 17 5.04 -20.75 -23.94
N PHE C 18 6.30 -20.32 -23.77
CA PHE C 18 6.75 -19.16 -24.45
C PHE C 18 7.54 -19.56 -25.72
N GLU C 19 7.40 -20.81 -26.18
CA GLU C 19 8.16 -21.19 -27.38
C GLU C 19 7.83 -20.21 -28.47
N GLY C 20 8.85 -19.62 -29.08
CA GLY C 20 8.64 -18.82 -30.28
C GLY C 20 8.34 -17.36 -29.93
N HIS C 21 7.99 -17.11 -28.67
CA HIS C 21 7.73 -15.74 -28.22
C HIS C 21 8.99 -14.82 -28.25
N LYS C 22 8.82 -13.56 -28.66
CA LYS C 22 9.92 -12.57 -28.62
C LYS C 22 9.63 -11.41 -27.67
N SER C 23 8.56 -11.48 -26.89
CA SER C 23 8.21 -10.36 -26.01
C SER C 23 9.23 -10.19 -24.87
N LEU C 24 9.26 -8.98 -24.28
CA LEU C 24 10.05 -8.74 -23.11
C LEU C 24 9.51 -9.60 -21.97
N LEU C 25 8.19 -9.82 -21.96
CA LEU C 25 7.61 -10.70 -20.97
C LEU C 25 8.31 -12.06 -21.02
N SER C 26 8.38 -12.62 -22.23
CA SER C 26 8.85 -14.02 -22.42
C SER C 26 10.34 -14.07 -22.09
N LYS C 27 11.05 -12.97 -22.37
CA LYS C 27 12.49 -12.85 -22.06
C LYS C 27 12.77 -12.97 -20.56
N TYR C 28 12.00 -12.27 -19.74
CA TYR C 28 12.30 -12.17 -18.32
C TYR C 28 11.52 -13.01 -17.35
N LEU C 29 10.36 -13.53 -17.75
CA LEU C 29 9.57 -14.31 -16.81
C LEU C 29 10.09 -15.73 -16.79
N THR C 30 11.03 -16.02 -15.88
CA THR C 30 11.54 -17.36 -15.79
C THR C 30 10.62 -18.31 -15.07
N ALA C 31 10.91 -19.60 -15.18
CA ALA C 31 10.14 -20.59 -14.45
C ALA C 31 10.14 -20.40 -12.92
N ASP C 32 11.32 -20.10 -12.36
CA ASP C 32 11.33 -19.87 -10.94
C ASP C 32 10.64 -18.56 -10.50
N MSE C 33 10.71 -17.56 -11.36
CA MSE C 33 10.14 -16.29 -11.04
C MSE C 33 8.60 -16.51 -11.08
O MSE C 33 7.89 -16.09 -10.17
CB MSE C 33 10.52 -15.26 -12.09
CG MSE C 33 9.86 -13.87 -11.85
SE MSE C 33 10.28 -12.56 -13.14
CE MSE C 33 12.32 -12.59 -12.85
N TYR C 34 8.13 -17.20 -12.11
CA TYR C 34 6.68 -17.56 -12.16
C TYR C 34 6.23 -18.34 -10.93
N ALA C 35 7.00 -19.35 -10.57
CA ALA C 35 6.68 -20.14 -9.37
C ALA C 35 6.61 -19.27 -8.10
N LYS C 36 7.47 -18.28 -8.02
CA LYS C 36 7.56 -17.41 -6.88
C LYS C 36 6.35 -16.46 -6.76
N LEU C 37 5.87 -16.04 -7.92
CA LEU C 37 4.82 -14.98 -8.03
C LEU C 37 3.41 -15.44 -8.43
N ARG C 38 3.23 -16.68 -8.87
CA ARG C 38 1.93 -17.12 -9.38
C ARG C 38 0.81 -16.92 -8.35
N ASP C 39 1.08 -17.19 -7.07
CA ASP C 39 0.01 -17.18 -6.09
C ASP C 39 -0.04 -15.90 -5.22
N VAL C 40 0.67 -14.87 -5.66
CA VAL C 40 0.74 -13.65 -4.90
C VAL C 40 -0.19 -12.68 -5.51
N ALA C 41 -1.12 -12.15 -4.73
CA ALA C 41 -2.09 -11.17 -5.26
C ALA C 41 -1.74 -9.75 -4.91
N THR C 42 -2.17 -8.79 -5.72
CA THR C 42 -1.93 -7.39 -5.35
C THR C 42 -2.91 -6.92 -4.29
N PRO C 43 -2.78 -5.68 -3.79
CA PRO C 43 -3.73 -5.26 -2.74
C PRO C 43 -5.18 -5.18 -3.21
N SER C 44 -5.41 -5.01 -4.54
CA SER C 44 -6.79 -5.14 -5.05
C SER C 44 -7.20 -6.55 -5.56
N GLY C 45 -6.38 -7.61 -5.42
CA GLY C 45 -6.78 -8.88 -5.93
C GLY C 45 -6.28 -9.22 -7.33
N TYR C 46 -5.50 -8.32 -7.94
CA TYR C 46 -5.00 -8.68 -9.27
C TYR C 46 -3.87 -9.66 -9.19
N THR C 47 -3.75 -10.50 -10.23
CA THR C 47 -2.92 -11.69 -10.15
C THR C 47 -1.83 -11.57 -11.25
N LEU C 48 -0.81 -12.40 -11.14
CA LEU C 48 0.25 -12.36 -12.11
C LEU C 48 -0.33 -12.87 -13.44
N ASP C 49 -1.13 -13.94 -13.43
CA ASP C 49 -1.65 -14.40 -14.69
C ASP C 49 -2.43 -13.27 -15.39
N ARG C 50 -3.25 -12.51 -14.66
CA ARG C 50 -3.95 -11.38 -15.36
C ARG C 50 -2.98 -10.39 -15.98
N ALA C 51 -1.89 -10.10 -15.25
CA ALA C 51 -0.89 -9.14 -15.67
C ALA C 51 -0.18 -9.55 -16.93
N ILE C 52 -0.02 -10.86 -17.10
CA ILE C 52 0.74 -11.32 -18.26
C ILE C 52 -0.12 -11.84 -19.40
N GLN C 53 -1.44 -11.86 -19.21
CA GLN C 53 -2.32 -12.46 -20.22
C GLN C 53 -2.16 -11.85 -21.59
N ASN C 54 -1.99 -10.51 -21.64
CA ASN C 54 -1.81 -9.79 -22.89
C ASN C 54 -0.69 -10.43 -23.78
N GLY C 55 0.44 -10.68 -23.16
CA GLY C 55 1.58 -11.27 -23.89
C GLY C 55 1.37 -12.75 -24.19
N VAL C 56 0.86 -13.49 -23.22
CA VAL C 56 0.59 -14.90 -23.44
C VAL C 56 -0.34 -15.16 -24.68
N ASP C 57 -1.34 -14.31 -24.86
CA ASP C 57 -2.31 -14.48 -25.89
C ASP C 57 -1.82 -13.95 -27.26
N ASN C 58 -0.77 -13.15 -27.25
CA ASN C 58 -0.38 -12.36 -28.42
C ASN C 58 1.14 -12.37 -28.56
N PRO C 59 1.68 -13.49 -29.03
CA PRO C 59 3.12 -13.76 -29.05
C PRO C 59 3.85 -12.71 -29.88
N ASP C 60 3.14 -12.07 -30.79
CA ASP C 60 3.71 -11.01 -31.60
C ASP C 60 3.96 -9.68 -30.86
N PHE C 61 3.36 -9.51 -29.67
CA PHE C 61 3.43 -8.20 -29.00
C PHE C 61 4.82 -7.99 -28.39
N HIS C 62 5.34 -6.76 -28.38
CA HIS C 62 6.72 -6.52 -27.85
C HIS C 62 6.85 -6.56 -26.32
N LEU C 63 5.79 -6.13 -25.63
CA LEU C 63 5.90 -5.98 -24.17
C LEU C 63 5.14 -7.08 -23.51
N GLY C 64 3.81 -7.03 -23.54
CA GLY C 64 2.99 -8.21 -23.14
C GLY C 64 2.55 -8.23 -21.68
N LEU C 65 2.70 -7.09 -21.00
CA LEU C 65 2.30 -6.94 -19.56
C LEU C 65 1.39 -5.74 -19.35
N LEU C 66 0.42 -5.85 -18.43
CA LEU C 66 -0.41 -4.65 -18.12
C LEU C 66 -0.54 -4.59 -16.59
N ALA C 67 -0.49 -3.40 -16.00
CA ALA C 67 -0.72 -3.30 -14.56
C ALA C 67 -2.24 -3.24 -14.27
N GLY C 68 -2.67 -3.80 -13.15
CA GLY C 68 -4.10 -3.84 -12.79
C GLY C 68 -4.38 -2.85 -11.68
N ASP C 69 -3.29 -2.44 -11.01
CA ASP C 69 -3.38 -1.42 -9.96
C ASP C 69 -2.01 -0.81 -9.77
N GLU C 70 -1.94 0.24 -8.98
CA GLU C 70 -0.70 0.98 -8.84
C GLU C 70 0.37 0.07 -8.28
N GLU C 71 0.01 -0.78 -7.29
CA GLU C 71 0.97 -1.68 -6.64
C GLU C 71 1.41 -2.82 -7.50
N THR C 72 0.75 -3.03 -8.64
CA THR C 72 1.26 -4.12 -9.54
C THR C 72 2.77 -4.02 -9.77
N TYR C 73 3.19 -2.79 -9.99
CA TYR C 73 4.56 -2.56 -10.37
C TYR C 73 5.54 -3.01 -9.28
N THR C 74 5.15 -2.91 -8.02
CA THR C 74 6.09 -3.32 -6.94
C THR C 74 5.89 -4.76 -6.55
N VAL C 75 4.64 -5.21 -6.50
CA VAL C 75 4.33 -6.56 -6.09
C VAL C 75 4.97 -7.51 -7.13
N PHE C 76 4.89 -7.19 -8.42
CA PHE C 76 5.53 -8.05 -9.40
C PHE C 76 6.80 -7.40 -9.98
N ALA C 77 7.51 -6.57 -9.16
CA ALA C 77 8.72 -5.94 -9.62
C ALA C 77 9.79 -6.84 -10.23
N ASP C 78 9.88 -8.08 -9.76
CA ASP C 78 10.86 -9.02 -10.33
C ASP C 78 10.69 -9.09 -11.86
N LEU C 79 9.46 -8.95 -12.34
CA LEU C 79 9.17 -9.06 -13.75
C LEU C 79 9.13 -7.71 -14.37
N PHE C 80 8.42 -6.78 -13.73
CA PHE C 80 8.31 -5.43 -14.29
C PHE C 80 9.65 -4.61 -14.35
N ASP C 81 10.48 -4.72 -13.32
CA ASP C 81 11.79 -4.03 -13.26
C ASP C 81 12.68 -4.26 -14.50
N PRO C 82 13.00 -5.52 -14.80
CA PRO C 82 13.82 -5.74 -16.02
C PRO C 82 13.09 -5.44 -17.32
N VAL C 83 11.79 -5.66 -17.36
CA VAL C 83 11.07 -5.26 -18.61
C VAL C 83 11.23 -3.75 -18.82
N ILE C 84 10.94 -3.01 -17.75
CA ILE C 84 11.04 -1.58 -17.78
C ILE C 84 12.47 -1.16 -18.20
N GLU C 85 13.43 -1.78 -17.56
CA GLU C 85 14.86 -1.46 -17.83
C GLU C 85 15.23 -1.56 -19.32
N GLU C 86 14.91 -2.67 -19.93
CA GLU C 86 15.23 -2.90 -21.33
C GLU C 86 14.37 -1.98 -22.20
N TYR C 87 13.07 -1.96 -21.95
CA TYR C 87 12.26 -1.16 -22.88
C TYR C 87 12.61 0.36 -22.87
N HIS C 88 12.91 0.86 -21.68
CA HIS C 88 13.20 2.27 -21.54
C HIS C 88 14.73 2.50 -21.52
N ASN C 89 15.47 1.64 -22.21
CA ASN C 89 16.87 1.99 -22.53
C ASN C 89 17.79 2.17 -21.35
N GLY C 90 17.78 1.18 -20.47
CA GLY C 90 18.63 1.21 -19.28
C GLY C 90 18.11 1.91 -18.04
N PHE C 91 16.81 2.22 -17.99
CA PHE C 91 16.25 2.81 -16.78
C PHE C 91 16.11 1.75 -15.64
N LYS C 92 17.02 1.83 -14.66
CA LYS C 92 17.14 0.77 -13.70
C LYS C 92 16.20 0.92 -12.52
N LYS C 93 16.08 -0.14 -11.74
CA LYS C 93 15.20 -0.08 -10.56
C LYS C 93 15.65 0.99 -9.57
N THR C 94 16.90 1.43 -9.70
CA THR C 94 17.42 2.45 -8.81
C THR C 94 17.38 3.85 -9.42
N ASP C 95 17.11 3.96 -10.72
CA ASP C 95 17.12 5.28 -11.34
C ASP C 95 15.79 5.89 -11.00
N ASN C 96 15.70 7.22 -10.94
CA ASN C 96 14.45 7.92 -10.69
C ASN C 96 14.03 8.86 -11.78
N HIS C 97 12.75 9.18 -11.83
CA HIS C 97 12.21 9.93 -12.94
C HIS C 97 11.85 11.32 -12.44
N LYS C 98 12.32 12.37 -13.13
CA LYS C 98 11.97 13.72 -12.77
C LYS C 98 10.92 14.30 -13.67
N THR C 99 9.84 14.83 -13.07
CA THR C 99 8.76 15.46 -13.81
C THR C 99 9.09 16.93 -14.00
N ASP C 100 8.73 17.50 -15.16
CA ASP C 100 8.87 18.93 -15.38
C ASP C 100 7.83 19.44 -16.38
N LEU C 101 6.74 20.03 -15.84
CA LEU C 101 5.61 20.53 -16.66
C LEU C 101 5.57 22.03 -16.73
N ASP C 102 6.74 22.66 -16.62
CA ASP C 102 6.85 24.11 -16.70
C ASP C 102 6.82 24.60 -18.14
N ALA C 103 5.72 25.17 -18.61
CA ALA C 103 5.58 25.51 -20.01
C ALA C 103 6.59 26.59 -20.40
N SER C 104 7.11 27.31 -19.40
CA SER C 104 7.94 28.47 -19.74
C SER C 104 9.31 27.98 -20.29
N LYS C 105 9.66 26.70 -20.13
CA LYS C 105 10.89 26.14 -20.66
C LYS C 105 10.76 25.67 -22.12
N ILE C 106 9.56 25.74 -22.65
CA ILE C 106 9.41 25.15 -24.00
C ILE C 106 9.95 26.15 -25.01
N LEU C 107 10.77 25.67 -25.95
CA LEU C 107 11.15 26.50 -27.11
C LEU C 107 9.98 27.24 -27.74
N ASP C 108 10.11 28.53 -27.98
CA ASP C 108 8.99 29.20 -28.60
C ASP C 108 8.97 29.20 -30.15
N ASP C 109 9.83 28.41 -30.77
CA ASP C 109 9.86 28.33 -32.26
C ASP C 109 8.51 27.92 -32.80
N VAL C 110 8.03 28.56 -33.84
CA VAL C 110 6.84 28.09 -34.55
C VAL C 110 7.23 27.31 -35.79
N LEU C 111 6.96 26.02 -35.78
CA LEU C 111 7.44 25.22 -36.87
C LEU C 111 6.80 25.67 -38.12
N ASP C 112 7.58 25.63 -39.22
CA ASP C 112 7.12 26.15 -40.46
C ASP C 112 5.85 25.51 -40.91
N PRO C 113 4.84 26.37 -41.15
CA PRO C 113 3.50 25.90 -41.39
C PRO C 113 3.37 25.32 -42.78
N ALA C 114 4.39 25.51 -43.60
CA ALA C 114 4.42 24.94 -44.93
C ALA C 114 4.72 23.43 -44.80
N TYR C 115 5.38 23.05 -43.71
CA TYR C 115 5.74 21.64 -43.43
C TYR C 115 4.88 20.96 -42.37
N VAL C 116 4.62 21.69 -41.29
CA VAL C 116 3.92 21.11 -40.14
C VAL C 116 2.43 21.42 -40.16
N ILE C 117 1.61 20.39 -40.33
CA ILE C 117 0.21 20.49 -40.55
C ILE C 117 -0.51 20.70 -39.21
N SER C 118 0.05 20.11 -38.17
CA SER C 118 -0.52 20.17 -36.83
C SER C 118 0.45 19.70 -35.78
N SER C 119 0.18 20.15 -34.55
CA SER C 119 1.04 19.89 -33.41
C SER C 119 0.13 19.39 -32.27
N ARG C 120 0.58 18.42 -31.45
CA ARG C 120 -0.33 17.80 -30.46
C ARG C 120 0.56 17.35 -29.31
N VAL C 121 0.04 17.43 -28.08
CA VAL C 121 0.72 16.80 -26.97
C VAL C 121 -0.35 15.94 -26.25
N ARG C 122 -0.01 14.68 -25.99
CA ARG C 122 -0.95 13.77 -25.32
C ARG C 122 -0.31 13.17 -24.08
N THR C 123 -1.08 13.00 -23.01
CA THR C 123 -0.59 12.22 -21.91
C THR C 123 -1.75 11.39 -21.32
N GLY C 124 -1.45 10.56 -20.32
CA GLY C 124 -2.49 9.78 -19.61
C GLY C 124 -2.35 9.99 -18.11
N ARG C 125 -3.45 9.89 -17.32
CA ARG C 125 -3.33 9.97 -15.84
C ARG C 125 -4.32 8.95 -15.28
N ASN C 126 -3.93 8.37 -14.14
CA ASN C 126 -4.81 7.49 -13.36
C ASN C 126 -5.04 8.09 -12.01
N ILE C 127 -6.19 7.79 -11.44
CA ILE C 127 -6.54 8.23 -10.10
C ILE C 127 -6.12 7.21 -9.04
N ARG C 128 -5.30 7.66 -8.09
CA ARG C 128 -4.85 6.80 -7.00
C ARG C 128 -6.01 6.20 -6.18
N GLY C 129 -5.91 4.92 -5.84
CA GLY C 129 -6.87 4.28 -4.94
C GLY C 129 -7.92 3.56 -5.77
N MSE C 130 -7.85 3.68 -7.10
CA MSE C 130 -8.82 2.99 -7.99
C MSE C 130 -7.98 1.98 -8.81
O MSE C 130 -6.84 2.30 -9.23
CB MSE C 130 -9.45 3.95 -9.02
CG MSE C 130 -9.97 5.33 -8.54
SE MSE C 130 -11.20 5.18 -7.07
CE MSE C 130 -12.88 5.46 -7.96
N ALA C 131 -8.58 0.87 -9.17
CA ALA C 131 -7.91 -0.10 -10.04
C ALA C 131 -7.73 0.51 -11.45
N LEU C 132 -6.82 -0.08 -12.23
CA LEU C 132 -6.56 0.36 -13.62
C LEU C 132 -7.45 -0.47 -14.51
N SER C 133 -7.50 -0.08 -15.79
CA SER C 133 -8.44 -0.65 -16.74
C SER C 133 -8.49 -2.17 -16.85
N PRO C 134 -7.36 -2.90 -16.67
CA PRO C 134 -7.45 -4.35 -16.75
C PRO C 134 -8.27 -4.97 -15.62
N HIS C 135 -8.58 -4.18 -14.58
CA HIS C 135 -9.13 -4.76 -13.37
C HIS C 135 -10.28 -3.99 -12.78
N VAL C 136 -10.37 -2.69 -13.12
CA VAL C 136 -11.39 -1.80 -12.61
C VAL C 136 -12.85 -2.39 -12.74
N CYS C 137 -13.68 -2.30 -11.67
CA CYS C 137 -15.09 -2.73 -11.72
C CYS C 137 -16.01 -1.59 -12.12
N ARG C 138 -17.26 -1.91 -12.36
CA ARG C 138 -18.19 -0.88 -12.88
C ARG C 138 -18.34 0.31 -11.95
N SER C 139 -18.41 0.06 -10.64
CA SER C 139 -18.60 1.16 -9.73
C SER C 139 -17.38 2.04 -9.65
N GLU C 140 -16.18 1.47 -9.66
CA GLU C 140 -14.98 2.31 -9.67
C GLU C 140 -14.94 3.13 -10.96
N ARG C 141 -15.26 2.46 -12.07
CA ARG C 141 -15.18 3.12 -13.35
C ARG C 141 -16.20 4.31 -13.40
N ARG C 142 -17.42 4.09 -12.92
CA ARG C 142 -18.40 5.15 -12.80
C ARG C 142 -17.99 6.30 -11.91
N ALA C 143 -17.30 5.99 -10.81
CA ALA C 143 -16.80 7.05 -9.88
C ALA C 143 -15.72 7.89 -10.58
N ILE C 144 -14.85 7.23 -11.35
CA ILE C 144 -13.81 7.96 -12.14
C ILE C 144 -14.46 8.82 -13.16
N GLU C 145 -15.46 8.27 -13.88
CA GLU C 145 -16.15 9.10 -14.86
C GLU C 145 -16.76 10.33 -14.23
N LYS C 146 -17.36 10.15 -13.04
CA LYS C 146 -18.06 11.26 -12.39
C LYS C 146 -17.08 12.39 -12.03
N MSE C 147 -15.98 12.00 -11.39
CA MSE C 147 -15.06 12.98 -10.81
C MSE C 147 -14.27 13.65 -11.95
O MSE C 147 -14.09 14.87 -11.92
CB MSE C 147 -14.16 12.32 -9.77
CG MSE C 147 -13.13 11.39 -10.40
SE MSE C 147 -11.91 10.80 -8.95
CE MSE C 147 -12.93 9.35 -8.20
N VAL C 148 -14.00 12.88 -13.01
CA VAL C 148 -13.28 13.49 -14.14
C VAL C 148 -14.17 14.40 -14.94
N SER C 149 -15.40 13.95 -15.22
CA SER C 149 -16.31 14.82 -15.98
C SER C 149 -16.66 16.08 -15.19
N GLU C 150 -16.82 15.95 -13.89
CA GLU C 150 -17.06 17.15 -13.11
C GLU C 150 -15.91 18.16 -13.17
N ALA C 151 -14.65 17.66 -13.14
CA ALA C 151 -13.46 18.50 -13.16
C ALA C 151 -13.41 19.20 -14.54
N LEU C 152 -13.69 18.42 -15.58
CA LEU C 152 -13.65 19.01 -16.94
C LEU C 152 -14.82 19.99 -17.19
N ASN C 153 -16.02 19.67 -16.69
CA ASN C 153 -17.13 20.65 -16.80
C ASN C 153 -16.85 21.92 -15.99
N SER C 154 -15.93 21.87 -15.03
CA SER C 154 -15.56 23.06 -14.24
C SER C 154 -14.67 23.97 -15.06
N LEU C 155 -14.12 23.49 -16.16
CA LEU C 155 -13.23 24.39 -16.90
C LEU C 155 -14.03 25.61 -17.53
N ALA C 156 -13.38 26.76 -17.61
CA ALA C 156 -14.03 28.01 -17.91
C ALA C 156 -13.25 28.67 -19.05
N ALA C 157 -13.81 29.75 -19.60
CA ALA C 157 -12.97 30.60 -20.42
C ALA C 157 -12.66 29.84 -21.69
N ASP C 158 -11.41 29.86 -22.12
CA ASP C 158 -11.12 29.18 -23.37
C ASP C 158 -11.05 27.67 -23.21
N LEU C 159 -11.05 27.15 -22.00
CA LEU C 159 -11.15 25.69 -21.87
C LEU C 159 -12.59 25.15 -21.61
N LYS C 160 -13.61 26.02 -21.72
CA LYS C 160 -15.03 25.64 -21.57
C LYS C 160 -15.42 24.60 -22.59
N GLY C 161 -16.02 23.51 -22.13
CA GLY C 161 -16.39 22.43 -23.05
C GLY C 161 -17.61 21.63 -22.60
N LYS C 162 -17.73 20.44 -23.16
CA LYS C 162 -18.90 19.62 -22.82
C LYS C 162 -18.50 18.18 -22.82
N TYR C 163 -19.21 17.41 -22.03
CA TYR C 163 -18.89 15.95 -21.88
C TYR C 163 -19.93 15.09 -22.61
N TYR C 164 -19.50 14.02 -23.25
CA TYR C 164 -20.41 13.07 -23.95
C TYR C 164 -20.11 11.66 -23.44
N SER C 165 -21.01 11.09 -22.60
CA SER C 165 -20.96 9.64 -22.31
C SER C 165 -21.14 8.81 -23.58
N LEU C 166 -20.37 7.73 -23.70
CA LEU C 166 -20.51 6.84 -24.84
C LEU C 166 -21.75 5.95 -24.77
N MSE C 167 -22.34 5.85 -23.58
CA MSE C 167 -23.53 5.01 -23.26
C MSE C 167 -24.73 5.70 -23.97
O MSE C 167 -24.90 6.88 -23.80
CB MSE C 167 -23.86 5.05 -21.75
CG MSE C 167 -23.09 4.20 -20.68
SE MSE C 167 -24.24 2.71 -20.02
CE MSE C 167 -24.84 2.12 -21.81
N LYS C 168 -25.53 4.97 -24.73
CA LYS C 168 -26.72 5.57 -25.40
C LYS C 168 -26.41 6.96 -26.01
N MSE C 169 -25.40 6.99 -26.88
CA MSE C 169 -25.02 8.25 -27.49
C MSE C 169 -25.86 8.53 -28.73
O MSE C 169 -25.99 7.66 -29.60
CB MSE C 169 -23.54 8.24 -27.84
CG MSE C 169 -23.10 9.48 -28.53
SE MSE C 169 -21.21 9.32 -28.98
CE MSE C 169 -20.49 10.53 -27.58
N ASP C 170 -26.45 9.71 -28.79
CA ASP C 170 -27.05 10.29 -30.01
C ASP C 170 -26.27 9.99 -31.31
N GLU C 171 -26.96 9.56 -32.38
CA GLU C 171 -26.31 9.40 -33.69
C GLU C 171 -25.88 10.73 -34.31
N LYS C 172 -26.59 11.81 -33.99
CA LYS C 172 -26.18 13.14 -34.39
C LYS C 172 -24.88 13.47 -33.69
N THR C 173 -24.94 13.33 -32.37
CA THR C 173 -23.78 13.46 -31.52
C THR C 173 -22.62 12.64 -32.09
N GLN C 174 -22.85 11.35 -32.25
CA GLN C 174 -21.82 10.48 -32.74
C GLN C 174 -21.24 10.98 -34.05
N GLN C 175 -22.09 11.45 -34.96
CA GLN C 175 -21.61 11.81 -36.28
C GLN C 175 -20.68 13.03 -36.20
N GLN C 176 -21.10 14.02 -35.43
CA GLN C 176 -20.30 15.21 -35.24
C GLN C 176 -18.91 14.83 -34.71
N LEU C 177 -18.87 13.89 -33.76
CA LEU C 177 -17.62 13.56 -33.10
C LEU C 177 -16.74 12.77 -34.05
N ILE C 178 -17.39 11.99 -34.91
CA ILE C 178 -16.63 11.27 -35.89
C ILE C 178 -16.04 12.26 -36.94
N ASP C 179 -16.84 13.24 -37.35
CA ASP C 179 -16.37 14.24 -38.31
C ASP C 179 -15.16 15.01 -37.78
N ASP C 180 -15.13 15.25 -36.45
CA ASP C 180 -14.04 16.00 -35.79
C ASP C 180 -12.86 15.10 -35.44
N HIS C 181 -13.04 13.78 -35.61
CA HIS C 181 -11.98 12.83 -35.29
C HIS C 181 -11.77 12.76 -33.78
N PHE C 182 -12.84 12.95 -33.02
CA PHE C 182 -12.73 13.02 -31.58
C PHE C 182 -13.11 11.71 -30.93
N LEU C 183 -13.56 10.74 -31.72
CA LEU C 183 -14.01 9.48 -31.11
C LEU C 183 -12.88 8.47 -31.10
N PHE C 184 -12.55 7.95 -29.91
CA PHE C 184 -11.57 6.87 -29.77
C PHE C 184 -12.10 5.55 -30.38
N ASP C 185 -11.21 4.66 -30.77
CA ASP C 185 -11.62 3.48 -31.57
C ASP C 185 -12.52 2.36 -30.91
N ARG C 186 -12.57 2.23 -29.59
CA ARG C 186 -13.51 1.25 -29.00
C ARG C 186 -12.90 -0.19 -28.99
N PRO C 187 -13.10 -0.91 -27.86
CA PRO C 187 -12.12 -1.91 -27.47
C PRO C 187 -12.31 -3.31 -28.10
N VAL C 188 -11.99 -3.42 -29.39
CA VAL C 188 -12.06 -4.69 -30.11
C VAL C 188 -10.69 -5.36 -30.42
N SER C 189 -9.58 -4.66 -30.19
CA SER C 189 -8.32 -5.23 -30.60
C SER C 189 -8.04 -6.31 -29.57
N ARG C 190 -7.28 -7.31 -30.01
CA ARG C 190 -6.80 -8.34 -29.06
C ARG C 190 -6.04 -7.77 -27.85
N HIS C 191 -5.45 -6.57 -27.98
CA HIS C 191 -4.71 -5.98 -26.89
C HIS C 191 -5.70 -5.66 -25.77
N PHE C 192 -6.82 -5.00 -26.12
CA PHE C 192 -7.80 -4.66 -25.13
C PHE C 192 -8.48 -5.90 -24.54
N THR C 193 -8.85 -6.88 -25.36
CA THR C 193 -9.61 -8.00 -24.82
C THR C 193 -8.69 -8.90 -23.98
N SER C 194 -7.50 -9.18 -24.50
CA SER C 194 -6.59 -10.00 -23.75
C SER C 194 -6.20 -9.30 -22.42
N GLY C 195 -6.16 -7.97 -22.41
CA GLY C 195 -5.79 -7.19 -21.23
C GLY C 195 -6.94 -7.00 -20.26
N GLY C 196 -8.16 -7.50 -20.57
CA GLY C 196 -9.28 -7.34 -19.62
C GLY C 196 -9.84 -5.92 -19.65
N MSE C 197 -9.37 -5.12 -20.61
CA MSE C 197 -9.75 -3.68 -20.64
C MSE C 197 -11.08 -3.41 -21.36
O MSE C 197 -11.57 -2.32 -21.31
CB MSE C 197 -8.63 -2.86 -21.27
CG MSE C 197 -7.35 -2.99 -20.47
SE MSE C 197 -5.94 -1.85 -21.10
CE MSE C 197 -5.50 -2.86 -22.73
N ALA C 198 -11.68 -4.42 -22.00
CA ALA C 198 -12.90 -4.14 -22.76
C ALA C 198 -14.19 -4.40 -21.98
N ARG C 199 -14.07 -4.93 -20.78
CA ARG C 199 -15.31 -5.30 -20.04
C ARG C 199 -16.22 -4.11 -19.87
N ASP C 200 -17.52 -4.40 -20.06
CA ASP C 200 -18.60 -3.48 -19.76
C ASP C 200 -18.81 -2.41 -20.80
N PHE C 201 -17.98 -2.36 -21.83
CA PHE C 201 -18.04 -1.21 -22.74
C PHE C 201 -19.42 -1.09 -23.28
N PRO C 202 -19.98 0.15 -23.41
CA PRO C 202 -19.46 1.48 -23.25
C PRO C 202 -19.60 2.06 -21.87
N ASP C 203 -20.01 1.23 -20.91
CA ASP C 203 -20.35 1.73 -19.57
C ASP C 203 -19.14 2.45 -18.97
N GLY C 204 -19.38 3.71 -18.61
CA GLY C 204 -18.39 4.55 -17.91
C GLY C 204 -17.31 5.19 -18.82
N ARG C 205 -17.42 4.97 -20.12
CA ARG C 205 -16.44 5.52 -21.07
C ARG C 205 -17.09 6.79 -21.59
N GLY C 206 -16.29 7.77 -21.95
CA GLY C 206 -16.84 8.98 -22.58
C GLY C 206 -15.74 9.88 -23.15
N ILE C 207 -16.18 10.96 -23.72
CA ILE C 207 -15.25 11.90 -24.42
C ILE C 207 -15.72 13.29 -24.04
N TRP C 208 -14.73 14.11 -23.75
CA TRP C 208 -14.97 15.55 -23.45
C TRP C 208 -14.13 16.37 -24.40
N HIS C 209 -14.66 17.50 -24.86
CA HIS C 209 -13.75 18.40 -25.62
C HIS C 209 -14.19 19.84 -25.36
N ASN C 210 -13.28 20.79 -25.49
CA ASN C 210 -13.69 22.18 -25.37
C ASN C 210 -14.37 22.73 -26.62
N ASP C 211 -15.06 23.84 -26.43
CA ASP C 211 -15.79 24.43 -27.55
C ASP C 211 -14.84 24.91 -28.66
N LYS C 212 -13.63 25.31 -28.29
CA LYS C 212 -12.65 25.71 -29.35
C LYS C 212 -11.95 24.50 -30.00
N LYS C 213 -12.25 23.29 -29.55
CA LYS C 213 -11.81 22.05 -30.25
C LYS C 213 -10.29 22.02 -30.38
N ASN C 214 -9.60 22.28 -29.26
CA ASN C 214 -8.15 22.16 -29.19
C ASN C 214 -7.67 21.54 -27.87
N PHE C 215 -8.61 20.92 -27.13
CA PHE C 215 -8.29 20.20 -25.90
C PHE C 215 -9.38 19.10 -25.74
N LEU C 216 -8.94 17.91 -25.45
CA LEU C 216 -9.84 16.74 -25.63
C LEU C 216 -9.39 15.72 -24.60
N VAL C 217 -10.35 15.05 -23.98
CA VAL C 217 -9.99 14.01 -23.03
C VAL C 217 -10.87 12.77 -23.32
N TRP C 218 -10.24 11.59 -23.30
CA TRP C 218 -10.95 10.36 -23.39
C TRP C 218 -10.93 9.76 -21.97
N ILE C 219 -12.11 9.28 -21.55
CA ILE C 219 -12.35 8.85 -20.16
C ILE C 219 -12.52 7.33 -20.15
N ASN C 220 -11.71 6.66 -19.34
CA ASN C 220 -11.83 5.20 -19.03
C ASN C 220 -11.59 4.29 -20.23
N GLU C 221 -10.66 4.69 -21.08
CA GLU C 221 -10.20 3.79 -22.11
C GLU C 221 -9.00 3.03 -21.55
N GLU C 222 -7.83 3.15 -22.20
CA GLU C 222 -6.67 2.38 -21.65
C GLU C 222 -6.23 2.81 -20.22
N ASP C 223 -6.17 4.13 -20.05
CA ASP C 223 -5.92 4.77 -18.74
C ASP C 223 -7.13 5.57 -18.31
N HIS C 224 -7.23 5.93 -17.02
CA HIS C 224 -8.47 6.64 -16.58
C HIS C 224 -8.78 7.84 -17.42
N THR C 225 -7.75 8.64 -17.78
CA THR C 225 -7.89 9.70 -18.74
C THR C 225 -6.75 9.59 -19.78
N ARG C 226 -7.08 9.98 -21.00
CA ARG C 226 -6.09 10.37 -22.04
C ARG C 226 -6.41 11.88 -22.42
N ILE C 227 -5.42 12.74 -22.19
CA ILE C 227 -5.57 14.17 -22.26
C ILE C 227 -4.74 14.69 -23.42
N ILE C 228 -5.38 15.39 -24.34
CA ILE C 228 -4.69 15.80 -25.59
C ILE C 228 -4.93 17.29 -25.86
N SER C 229 -3.89 18.01 -26.30
CA SER C 229 -4.01 19.43 -26.64
C SER C 229 -3.50 19.46 -28.08
N MSE C 230 -4.21 20.07 -28.99
CA MSE C 230 -3.84 19.95 -30.40
C MSE C 230 -4.31 21.15 -31.22
O MSE C 230 -5.33 21.76 -30.90
CB MSE C 230 -4.44 18.68 -31.05
CG MSE C 230 -6.01 18.71 -31.22
SE MSE C 230 -6.95 18.47 -29.53
CE MSE C 230 -8.72 18.24 -30.28
N GLN C 231 -3.59 21.49 -32.30
CA GLN C 231 -4.10 22.50 -33.19
C GLN C 231 -3.36 22.44 -34.51
N MSE C 232 -3.92 23.13 -35.50
CA MSE C 232 -3.24 23.24 -36.79
CA MSE C 232 -3.26 23.27 -36.79
C MSE C 232 -1.97 24.09 -36.66
O MSE C 232 -1.85 24.92 -35.80
CB MSE C 232 -4.19 23.83 -37.84
CB MSE C 232 -4.17 23.98 -37.79
CG MSE C 232 -5.45 22.99 -38.02
CG MSE C 232 -5.37 23.15 -38.21
SE MSE C 232 -6.60 23.54 -39.53
SE MSE C 232 -4.90 21.47 -39.07
CE MSE C 232 -5.32 24.76 -40.46
CE MSE C 232 -6.52 21.21 -40.11
N GLY C 233 -1.02 23.85 -37.56
CA GLY C 233 0.21 24.63 -37.52
C GLY C 233 1.25 24.16 -36.52
N GLY C 234 2.26 25.00 -36.30
CA GLY C 234 3.44 24.50 -35.63
C GLY C 234 3.77 25.23 -34.34
N ASN C 235 2.78 25.83 -33.71
CA ASN C 235 3.08 26.52 -32.46
C ASN C 235 3.02 25.59 -31.24
N MSE C 236 4.07 24.81 -31.05
CA MSE C 236 4.06 23.76 -30.06
C MSE C 236 3.99 24.32 -28.67
O MSE C 236 3.39 23.74 -27.77
CB MSE C 236 5.29 22.86 -30.21
CG MSE C 236 5.34 21.71 -29.28
SE MSE C 236 3.84 20.42 -29.58
CE MSE C 236 4.40 19.48 -31.21
N LYS C 237 4.67 25.46 -28.46
CA LYS C 237 4.61 26.05 -27.17
C LYS C 237 3.18 26.44 -26.76
N GLU C 238 2.40 27.00 -27.67
CA GLU C 238 1.05 27.35 -27.32
C GLU C 238 0.32 26.02 -26.94
N VAL C 239 0.63 24.96 -27.69
CA VAL C 239 -0.12 23.68 -27.47
C VAL C 239 0.23 23.20 -26.05
N PHE C 240 1.49 23.30 -25.70
CA PHE C 240 1.90 22.80 -24.40
C PHE C 240 1.36 23.69 -23.28
N GLU C 241 1.32 24.99 -23.53
CA GLU C 241 0.78 25.92 -22.52
C GLU C 241 -0.69 25.56 -22.19
N ARG C 242 -1.47 25.34 -23.21
CA ARG C 242 -2.86 24.95 -23.03
C ARG C 242 -2.98 23.59 -22.27
N PHE C 243 -2.19 22.63 -22.74
CA PHE C 243 -2.07 21.31 -22.11
C PHE C 243 -1.85 21.45 -20.63
N THR C 244 -0.82 22.20 -20.22
CA THR C 244 -0.54 22.31 -18.77
C THR C 244 -1.56 23.12 -17.97
N ARG C 245 -2.10 24.19 -18.55
CA ARG C 245 -3.19 24.93 -17.88
C ARG C 245 -4.35 23.95 -17.55
N GLY C 246 -4.75 23.17 -18.54
CA GLY C 246 -5.83 22.23 -18.41
C GLY C 246 -5.56 21.14 -17.37
N LEU C 247 -4.41 20.51 -17.48
CA LEU C 247 -3.98 19.49 -16.53
C LEU C 247 -3.96 20.04 -15.12
N THR C 248 -3.39 21.23 -14.97
CA THR C 248 -3.23 21.80 -13.59
C THR C 248 -4.60 22.01 -12.94
N GLU C 249 -5.57 22.47 -13.71
CA GLU C 249 -6.88 22.79 -13.13
C GLU C 249 -7.73 21.53 -12.90
N VAL C 250 -7.66 20.61 -13.84
CA VAL C 250 -8.39 19.33 -13.58
C VAL C 250 -7.81 18.70 -12.33
N GLU C 251 -6.47 18.75 -12.13
CA GLU C 251 -5.88 18.06 -10.96
C GLU C 251 -6.35 18.71 -9.66
N LYS C 252 -6.38 20.03 -9.70
CA LYS C 252 -6.84 20.84 -8.56
C LYS C 252 -8.29 20.56 -8.20
N HIS C 253 -9.14 20.42 -9.21
CA HIS C 253 -10.56 20.18 -8.98
C HIS C 253 -10.79 18.80 -8.37
N ILE C 254 -10.18 17.79 -8.96
CA ILE C 254 -10.33 16.47 -8.36
C ILE C 254 -9.84 16.48 -6.87
N LYS C 255 -8.71 17.11 -6.59
CA LYS C 255 -8.19 17.07 -5.26
C LYS C 255 -9.12 17.86 -4.31
N ASP C 256 -9.66 18.96 -4.77
CA ASP C 256 -10.54 19.76 -3.91
C ASP C 256 -11.92 19.15 -3.71
N LYS C 257 -12.44 18.45 -4.70
CA LYS C 257 -13.80 17.93 -4.62
C LYS C 257 -13.84 16.50 -4.12
N THR C 258 -12.73 15.77 -4.19
CA THR C 258 -12.76 14.34 -3.83
C THR C 258 -11.66 13.95 -2.83
N GLY C 259 -10.63 14.77 -2.76
CA GLY C 259 -9.44 14.46 -2.02
C GLY C 259 -8.45 13.51 -2.71
N LYS C 260 -8.76 13.13 -3.93
CA LYS C 260 -7.90 12.16 -4.63
C LYS C 260 -6.79 12.84 -5.42
N GLU C 261 -5.81 12.06 -5.81
CA GLU C 261 -4.64 12.61 -6.50
C GLU C 261 -4.29 11.67 -7.65
N PHE C 262 -3.36 12.09 -8.52
CA PHE C 262 -2.92 11.20 -9.60
C PHE C 262 -1.90 10.18 -9.10
N MSE C 263 -1.87 9.01 -9.72
CA MSE C 263 -0.87 8.01 -9.39
C MSE C 263 0.44 8.49 -9.97
O MSE C 263 0.55 8.67 -11.18
CB MSE C 263 -1.17 6.71 -10.13
CG MSE C 263 -2.19 5.94 -9.57
SE MSE C 263 -2.36 4.24 -10.58
CE MSE C 263 -4.17 3.78 -10.07
N LYS C 264 1.43 8.64 -9.10
CA LYS C 264 2.73 9.11 -9.47
C LYS C 264 3.65 8.69 -8.36
N ASN C 265 4.89 8.36 -8.68
CA ASN C 265 5.89 8.19 -7.59
C ASN C 265 7.26 8.65 -8.11
N ASP C 266 8.26 8.75 -7.24
CA ASP C 266 9.48 9.40 -7.75
C ASP C 266 10.36 8.50 -8.61
N HIS C 267 10.02 7.22 -8.65
CA HIS C 267 10.76 6.24 -9.37
C HIS C 267 10.22 6.17 -10.80
N LEU C 268 8.91 5.91 -10.94
CA LEU C 268 8.28 5.75 -12.26
C LEU C 268 7.65 6.99 -12.86
N GLY C 269 7.60 8.11 -12.11
CA GLY C 269 6.86 9.26 -12.58
C GLY C 269 5.34 8.90 -12.55
N PHE C 270 4.60 9.27 -13.58
CA PHE C 270 3.15 8.98 -13.63
C PHE C 270 2.94 7.53 -13.96
N VAL C 271 2.04 6.83 -13.19
CA VAL C 271 1.87 5.38 -13.29
C VAL C 271 0.71 5.16 -14.28
N LEU C 272 0.99 4.41 -15.36
CA LEU C 272 0.02 4.22 -16.44
C LEU C 272 -0.09 2.73 -16.59
N THR C 273 -1.15 2.28 -17.25
CA THR C 273 -1.44 0.86 -17.34
C THR C 273 -0.40 0.07 -18.14
N CYS C 274 0.05 0.62 -19.25
CA CYS C 274 1.10 -0.05 -20.06
C CYS C 274 2.48 0.50 -19.64
N PRO C 275 3.43 -0.38 -19.26
CA PRO C 275 4.77 0.06 -18.86
C PRO C 275 5.46 0.88 -19.93
N SER C 276 5.01 0.76 -21.18
CA SER C 276 5.54 1.61 -22.28
C SER C 276 5.28 3.11 -22.07
N ASN C 277 4.30 3.47 -21.21
CA ASN C 277 3.81 4.85 -21.11
C ASN C 277 4.22 5.52 -19.77
N LEU C 278 5.05 4.81 -19.02
CA LEU C 278 5.46 5.34 -17.73
C LEU C 278 6.30 6.63 -17.83
N GLY C 279 6.44 7.36 -16.72
CA GLY C 279 7.35 8.48 -16.72
C GLY C 279 6.52 9.71 -16.95
N THR C 280 6.57 10.25 -18.16
CA THR C 280 5.75 11.40 -18.53
C THR C 280 4.43 10.94 -19.11
N GLY C 281 4.39 9.70 -19.61
CA GLY C 281 3.23 9.30 -20.42
C GLY C 281 2.99 10.17 -21.68
N VAL C 282 3.98 10.96 -22.08
CA VAL C 282 3.76 11.95 -23.11
C VAL C 282 4.08 11.48 -24.50
N ARG C 283 3.13 11.65 -25.41
CA ARG C 283 3.42 11.56 -26.82
C ARG C 283 3.20 12.95 -27.40
N CYS C 284 4.32 13.59 -27.74
CA CYS C 284 4.32 14.93 -28.36
C CYS C 284 4.58 14.70 -29.84
N SER C 285 3.70 15.20 -30.70
CA SER C 285 3.71 14.77 -32.14
C SER C 285 3.47 15.97 -33.04
N VAL C 286 4.07 15.91 -34.22
CA VAL C 286 3.60 16.75 -35.28
C VAL C 286 3.24 15.87 -36.48
N HIS C 287 2.38 16.37 -37.35
CA HIS C 287 2.19 15.72 -38.63
C HIS C 287 2.92 16.66 -39.58
N ALA C 288 3.93 16.13 -40.30
CA ALA C 288 4.82 16.95 -41.07
C ALA C 288 4.93 16.41 -42.46
N LYS C 289 4.98 17.32 -43.45
CA LYS C 289 4.99 16.96 -44.86
C LYS C 289 6.43 16.87 -45.32
N LEU C 290 6.96 15.64 -45.40
CA LEU C 290 8.38 15.43 -45.65
C LEU C 290 8.57 14.39 -46.77
N PRO C 291 8.09 14.70 -47.97
CA PRO C 291 8.15 13.66 -49.01
C PRO C 291 9.58 13.33 -49.43
N HIS C 292 10.47 14.30 -49.40
CA HIS C 292 11.89 14.01 -49.79
C HIS C 292 12.62 13.18 -48.73
N MSE C 293 12.42 13.51 -47.45
CA MSE C 293 12.96 12.65 -46.36
C MSE C 293 12.40 11.25 -46.46
O MSE C 293 13.13 10.30 -46.14
CB MSE C 293 12.57 13.18 -44.96
CG MSE C 293 13.30 14.43 -44.54
SE MSE C 293 15.24 14.25 -44.63
CE MSE C 293 15.57 12.82 -43.39
N ALA C 294 11.12 11.07 -46.81
CA ALA C 294 10.56 9.74 -46.94
C ALA C 294 11.32 8.89 -47.92
N LYS C 295 11.94 9.51 -48.92
CA LYS C 295 12.66 8.80 -50.02
C LYS C 295 14.11 8.48 -49.59
N ASP C 296 14.52 9.01 -48.45
CA ASP C 296 15.85 8.82 -47.95
C ASP C 296 15.84 7.59 -47.04
N LYS C 297 16.68 6.62 -47.41
CA LYS C 297 16.86 5.44 -46.55
C LYS C 297 17.35 5.69 -45.15
N ARG C 298 17.91 6.86 -44.86
CA ARG C 298 18.46 7.12 -43.56
C ARG C 298 17.39 7.78 -42.65
N PHE C 299 16.21 8.06 -43.20
CA PHE C 299 15.14 8.77 -42.42
C PHE C 299 14.91 8.21 -41.02
N GLU C 300 14.57 6.94 -40.94
CA GLU C 300 14.42 6.27 -39.64
C GLU C 300 15.63 6.40 -38.71
N GLU C 301 16.78 5.91 -39.15
CA GLU C 301 17.99 6.16 -38.41
C GLU C 301 18.27 7.59 -37.95
N ILE C 302 17.99 8.63 -38.78
CA ILE C 302 18.17 10.01 -38.41
C ILE C 302 17.20 10.38 -37.25
N CYS C 303 15.95 9.91 -37.35
CA CYS C 303 14.99 10.21 -36.31
C CYS C 303 15.48 9.56 -34.94
N THR C 304 15.90 8.33 -35.00
CA THR C 304 16.26 7.60 -33.77
C THR C 304 17.39 8.38 -33.11
N LYS C 305 18.36 8.80 -33.92
CA LYS C 305 19.45 9.57 -33.42
C LYS C 305 18.97 10.81 -32.73
N MSE C 306 17.93 11.44 -33.26
CA MSE C 306 17.46 12.63 -32.59
C MSE C 306 16.39 12.34 -31.49
O MSE C 306 15.74 13.25 -30.97
CB MSE C 306 16.95 13.60 -33.64
CG MSE C 306 18.11 13.95 -34.57
SE MSE C 306 17.67 15.31 -35.75
CE MSE C 306 15.91 14.69 -36.31
N ARG C 307 16.28 11.06 -31.14
CA ARG C 307 15.28 10.57 -30.13
C ARG C 307 13.81 10.71 -30.61
N LEU C 308 13.58 10.54 -31.92
CA LEU C 308 12.25 10.67 -32.50
C LEU C 308 11.85 9.37 -33.17
N GLN C 309 10.57 9.19 -33.37
CA GLN C 309 10.05 8.15 -34.16
C GLN C 309 9.17 8.78 -35.25
N LYS C 310 9.27 8.22 -36.46
CA LYS C 310 8.42 8.68 -37.59
C LYS C 310 7.49 7.56 -38.03
N ARG C 311 6.26 7.95 -38.39
CA ARG C 311 5.31 6.95 -38.85
C ARG C 311 4.56 7.60 -39.99
N GLY C 312 4.48 6.88 -41.10
CA GLY C 312 3.72 7.32 -42.25
C GLY C 312 2.31 6.80 -42.16
N THR C 313 1.52 7.05 -43.20
CA THR C 313 0.19 6.46 -43.23
C THR C 313 0.30 4.97 -43.64
N SER C 314 1.35 4.58 -44.33
CA SER C 314 1.26 3.35 -45.10
C SER C 314 2.44 2.40 -44.88
N GLY C 315 2.81 2.18 -43.62
CA GLY C 315 4.03 1.41 -43.28
C GLY C 315 5.30 1.96 -43.89
N THR C 318 8.87 3.88 -48.80
CA THR C 318 8.33 4.41 -50.08
C THR C 318 7.50 5.69 -49.89
N GLU C 319 6.22 5.55 -49.53
CA GLU C 319 5.32 6.70 -49.63
C GLU C 319 4.12 6.74 -48.67
N SER C 320 4.03 7.79 -47.87
CA SER C 320 2.83 8.07 -47.05
C SER C 320 1.89 8.97 -47.80
N VAL C 321 0.62 8.77 -47.56
CA VAL C 321 -0.34 9.62 -48.26
C VAL C 321 -0.09 11.12 -47.93
N GLY C 322 0.04 11.94 -48.95
CA GLY C 322 0.13 13.41 -48.78
C GLY C 322 1.54 13.77 -48.31
N GLY C 323 2.37 12.74 -48.22
CA GLY C 323 3.75 12.89 -47.75
C GLY C 323 3.84 13.20 -46.24
N VAL C 324 2.78 12.91 -45.51
CA VAL C 324 2.69 13.26 -44.08
C VAL C 324 3.22 12.15 -43.15
N TYR C 325 4.15 12.52 -42.27
CA TYR C 325 4.70 11.64 -41.25
C TYR C 325 4.31 12.11 -39.86
N ASP C 326 3.91 11.18 -38.98
CA ASP C 326 3.69 11.60 -37.61
C ASP C 326 5.09 11.49 -36.96
N ILE C 327 5.60 12.55 -36.38
CA ILE C 327 6.97 12.52 -35.81
C ILE C 327 6.74 12.80 -34.35
N SER C 328 7.26 11.90 -33.50
CA SER C 328 7.01 12.04 -32.07
C SER C 328 8.23 11.70 -31.23
N ASN C 329 8.17 12.00 -29.93
CA ASN C 329 9.34 11.69 -29.02
C ASN C 329 9.41 10.21 -28.78
N LEU C 330 10.62 9.62 -28.91
CA LEU C 330 10.85 8.25 -28.51
C LEU C 330 10.76 7.95 -27.01
N ASP C 331 11.25 8.87 -26.21
CA ASP C 331 11.49 8.59 -24.79
C ASP C 331 10.35 9.10 -23.91
N ARG C 332 10.09 8.34 -22.88
CA ARG C 332 9.07 8.74 -21.88
C ARG C 332 9.51 8.71 -20.42
N LEU C 333 10.39 7.79 -20.07
CA LEU C 333 10.78 7.58 -18.67
C LEU C 333 12.25 8.02 -18.51
N GLY C 334 12.56 8.81 -17.48
CA GLY C 334 13.98 9.24 -17.30
C GLY C 334 14.37 10.53 -18.02
N SER C 335 13.44 11.25 -18.60
CA SER C 335 13.68 12.60 -19.08
C SER C 335 12.34 13.28 -18.88
N SER C 336 12.33 14.61 -18.89
CA SER C 336 11.09 15.30 -18.46
C SER C 336 10.17 15.63 -19.64
N GLU C 337 8.95 16.08 -19.33
CA GLU C 337 8.07 16.58 -20.38
C GLU C 337 8.68 17.69 -21.19
N VAL C 338 9.33 18.62 -20.49
CA VAL C 338 10.00 19.73 -21.14
C VAL C 338 11.02 19.21 -22.11
N GLU C 339 11.83 18.28 -21.66
CA GLU C 339 12.86 17.72 -22.49
C GLU C 339 12.30 17.02 -23.72
N GLN C 340 11.25 16.21 -23.52
CA GLN C 340 10.55 15.53 -24.65
C GLN C 340 9.98 16.44 -25.76
N VAL C 341 9.24 17.48 -25.36
CA VAL C 341 8.58 18.40 -26.28
C VAL C 341 9.69 19.14 -27.00
N ASN C 342 10.68 19.57 -26.20
CA ASN C 342 11.80 20.30 -26.78
C ASN C 342 12.56 19.47 -27.81
N CYS C 343 12.64 18.18 -27.54
CA CYS C 343 13.29 17.23 -28.41
C CYS C 343 12.54 17.23 -29.75
N VAL C 344 11.20 17.16 -29.69
CA VAL C 344 10.44 17.17 -30.88
C VAL C 344 10.66 18.44 -31.65
N ILE C 345 10.58 19.56 -30.95
CA ILE C 345 10.64 20.85 -31.59
C ILE C 345 12.01 20.93 -32.30
N LYS C 346 13.06 20.66 -31.57
CA LYS C 346 14.38 20.80 -32.18
C LYS C 346 14.63 19.85 -33.32
N GLY C 347 14.18 18.59 -33.20
CA GLY C 347 14.41 17.54 -34.22
C GLY C 347 13.61 17.83 -35.46
N VAL C 348 12.38 18.31 -35.31
CA VAL C 348 11.58 18.66 -36.47
C VAL C 348 12.15 19.85 -37.24
N LYS C 349 12.81 20.77 -36.52
CA LYS C 349 13.37 21.95 -37.21
C LYS C 349 14.48 21.45 -38.10
N VAL C 350 15.24 20.47 -37.61
CA VAL C 350 16.34 19.94 -38.43
C VAL C 350 15.77 19.15 -39.62
N LEU C 351 14.74 18.31 -39.37
CA LEU C 351 14.04 17.67 -40.50
C LEU C 351 13.56 18.63 -41.57
N ILE C 352 12.91 19.72 -41.17
CA ILE C 352 12.52 20.71 -42.15
C ILE C 352 13.72 21.27 -42.92
N GLU C 353 14.81 21.59 -42.21
CA GLU C 353 16.00 22.11 -42.91
C GLU C 353 16.53 21.13 -43.96
N MSE C 354 16.51 19.85 -43.60
CA MSE C 354 16.97 18.80 -44.48
C MSE C 354 16.03 18.71 -45.70
O MSE C 354 16.46 18.58 -46.86
CB MSE C 354 16.98 17.46 -43.73
CG MSE C 354 18.03 17.29 -42.69
SE MSE C 354 17.76 15.61 -41.77
CE MSE C 354 19.55 15.61 -40.82
N GLU C 355 14.74 18.68 -45.41
CA GLU C 355 13.74 18.66 -46.47
C GLU C 355 13.99 19.79 -47.47
N LYS C 356 14.23 20.98 -46.96
CA LYS C 356 14.49 22.11 -47.82
C LYS C 356 15.73 21.94 -48.68
N LYS C 357 16.81 21.37 -48.11
CA LYS C 357 18.03 21.09 -48.91
C LYS C 357 17.73 20.06 -50.00
N LEU C 358 16.93 19.03 -49.68
CA LEU C 358 16.66 17.95 -50.66
C LEU C 358 15.76 18.46 -51.77
N GLU C 359 14.86 19.39 -51.44
CA GLU C 359 14.06 20.07 -52.49
C GLU C 359 14.93 20.66 -53.60
N LYS C 360 16.03 21.34 -53.21
CA LYS C 360 16.99 22.00 -54.12
C LYS C 360 18.07 21.07 -54.67
N GLY C 361 17.95 19.78 -54.37
CA GLY C 361 18.94 18.81 -54.87
C GLY C 361 20.30 18.97 -54.22
N GLU C 362 20.32 19.57 -53.02
CA GLU C 362 21.54 19.76 -52.25
C GLU C 362 21.83 18.60 -51.24
N SER C 363 23.05 18.55 -50.70
CA SER C 363 23.42 17.51 -49.79
C SER C 363 22.84 17.80 -48.41
N ILE C 364 22.52 16.76 -47.66
CA ILE C 364 22.24 16.90 -46.18
C ILE C 364 23.28 16.23 -45.35
N ASP C 365 24.34 15.80 -46.04
CA ASP C 365 25.18 14.82 -45.44
C ASP C 365 25.87 15.50 -44.26
N ASP C 366 25.95 16.82 -44.29
CA ASP C 366 26.55 17.54 -43.19
C ASP C 366 25.60 17.73 -42.00
N LEU C 367 24.30 17.67 -42.24
CA LEU C 367 23.30 17.82 -41.21
C LEU C 367 22.97 16.53 -40.47
N VAL C 368 23.37 15.39 -41.02
CA VAL C 368 22.99 14.11 -40.46
C VAL C 368 23.63 13.92 -39.09
N PRO C 369 22.80 13.73 -38.07
CA PRO C 369 23.32 13.70 -36.71
C PRO C 369 24.46 12.69 -36.55
N LYS C 370 25.46 13.11 -35.78
CA LYS C 370 26.53 12.29 -35.31
C LYS C 370 26.01 10.97 -34.74
N ALA D 2 -11.21 -11.88 -7.11
CA ALA D 2 -12.20 -10.77 -7.41
C ALA D 2 -11.43 -9.49 -7.20
N ASN D 3 -12.03 -8.35 -7.55
CA ASN D 3 -11.52 -7.06 -7.25
C ASN D 3 -11.94 -6.73 -5.84
N LEU D 4 -10.94 -6.67 -4.95
CA LEU D 4 -11.24 -6.62 -3.52
C LEU D 4 -11.93 -5.30 -3.17
N ASN D 5 -11.75 -4.26 -3.97
CA ASN D 5 -12.40 -3.02 -3.62
C ASN D 5 -13.83 -2.90 -4.09
N GLN D 6 -14.31 -3.82 -4.93
CA GLN D 6 -15.69 -3.73 -5.41
C GLN D 6 -16.71 -3.71 -4.25
N LYS D 7 -16.52 -4.62 -3.26
CA LYS D 7 -17.47 -4.72 -2.14
C LYS D 7 -17.57 -3.45 -1.33
N LYS D 8 -16.61 -2.53 -1.45
CA LYS D 8 -16.68 -1.27 -0.69
C LYS D 8 -17.62 -0.27 -1.26
N TYR D 9 -18.07 -0.50 -2.52
CA TYR D 9 -18.97 0.44 -3.19
C TYR D 9 -20.43 -0.05 -3.07
N PRO D 10 -21.37 0.87 -3.14
CA PRO D 10 -22.78 0.46 -3.08
C PRO D 10 -23.08 -0.43 -4.29
N ALA D 11 -23.81 -1.51 -4.05
CA ALA D 11 -24.16 -2.44 -5.13
C ALA D 11 -24.82 -1.72 -6.32
N LYS D 12 -25.68 -0.74 -6.04
CA LYS D 12 -26.34 -0.01 -7.14
C LYS D 12 -25.30 0.62 -8.13
N ASP D 13 -24.09 0.93 -7.64
CA ASP D 13 -23.09 1.56 -8.51
C ASP D 13 -22.34 0.55 -9.32
N ASP D 14 -22.53 -0.76 -9.02
CA ASP D 14 -22.00 -1.86 -9.87
C ASP D 14 -23.07 -2.47 -10.71
N PHE D 15 -24.34 -2.15 -10.45
CA PHE D 15 -25.42 -2.87 -11.17
C PHE D 15 -25.36 -2.51 -12.66
N PRO D 16 -25.42 -3.51 -13.53
CA PRO D 16 -25.36 -3.20 -14.94
C PRO D 16 -26.56 -2.35 -15.37
N ASN D 17 -26.34 -1.58 -16.41
CA ASN D 17 -27.37 -0.76 -17.04
C ASN D 17 -27.96 -1.61 -18.15
N PHE D 18 -29.12 -2.17 -17.92
CA PHE D 18 -29.62 -3.19 -18.84
C PHE D 18 -30.53 -2.52 -19.88
N GLU D 19 -30.47 -1.19 -20.02
CA GLU D 19 -31.28 -0.57 -21.07
C GLU D 19 -30.91 -1.13 -22.44
N GLY D 20 -31.93 -1.54 -23.18
CA GLY D 20 -31.62 -1.99 -24.51
C GLY D 20 -31.30 -3.47 -24.56
N HIS D 21 -31.08 -4.09 -23.40
CA HIS D 21 -30.75 -5.53 -23.40
C HIS D 21 -31.96 -6.43 -23.62
N LYS D 22 -31.71 -7.58 -24.26
CA LYS D 22 -32.77 -8.52 -24.66
C LYS D 22 -32.56 -9.92 -24.09
N SER D 23 -31.84 -10.01 -22.97
CA SER D 23 -31.36 -11.31 -22.50
C SER D 23 -32.21 -11.76 -21.32
N LEU D 24 -32.21 -13.07 -21.07
CA LEU D 24 -32.80 -13.62 -19.90
C LEU D 24 -32.01 -13.10 -18.70
N LEU D 25 -30.69 -12.98 -18.86
CA LEU D 25 -29.95 -12.28 -17.76
C LEU D 25 -30.58 -10.95 -17.33
N SER D 26 -30.90 -10.07 -18.30
CA SER D 26 -31.38 -8.75 -17.98
C SER D 26 -32.82 -8.85 -17.40
N LYS D 27 -33.52 -9.90 -17.80
CA LYS D 27 -34.84 -10.12 -17.28
C LYS D 27 -34.88 -10.46 -15.79
N TYR D 28 -33.98 -11.33 -15.35
CA TYR D 28 -34.07 -11.93 -14.01
C TYR D 28 -33.08 -11.40 -13.02
N LEU D 29 -32.03 -10.74 -13.50
CA LEU D 29 -31.04 -10.19 -12.54
C LEU D 29 -31.53 -8.83 -12.05
N THR D 30 -32.25 -8.86 -10.92
CA THR D 30 -32.78 -7.62 -10.38
C THR D 30 -31.74 -6.88 -9.58
N ALA D 31 -32.02 -5.62 -9.33
CA ALA D 31 -31.13 -4.84 -8.51
C ALA D 31 -30.86 -5.50 -7.13
N ASP D 32 -31.93 -5.95 -6.47
CA ASP D 32 -31.74 -6.56 -5.15
C ASP D 32 -30.96 -7.87 -5.21
N MSE D 33 -31.23 -8.69 -6.24
CA MSE D 33 -30.53 -10.00 -6.40
C MSE D 33 -29.03 -9.68 -6.63
O MSE D 33 -28.11 -10.35 -6.11
CB MSE D 33 -31.08 -10.72 -7.62
CG MSE D 33 -30.43 -12.16 -7.77
SE MSE D 33 -31.08 -13.00 -9.35
CE MSE D 33 -33.06 -13.15 -8.91
N TYR D 34 -28.79 -8.65 -7.43
CA TYR D 34 -27.38 -8.24 -7.68
C TYR D 34 -26.75 -7.83 -6.38
N ALA D 35 -27.48 -7.08 -5.55
CA ALA D 35 -26.89 -6.62 -4.28
C ALA D 35 -26.55 -7.78 -3.38
N LYS D 36 -27.42 -8.81 -3.44
CA LYS D 36 -27.27 -10.03 -2.65
C LYS D 36 -26.04 -10.84 -3.02
N LEU D 37 -25.77 -10.91 -4.31
CA LEU D 37 -24.82 -11.88 -4.81
C LEU D 37 -23.53 -11.27 -5.38
N ARG D 38 -23.42 -9.96 -5.44
CA ARG D 38 -22.24 -9.35 -6.11
C ARG D 38 -20.97 -9.82 -5.41
N ASP D 39 -21.01 -9.95 -4.07
CA ASP D 39 -19.83 -10.17 -3.28
C ASP D 39 -19.71 -11.57 -2.78
N VAL D 40 -20.51 -12.47 -3.36
CA VAL D 40 -20.46 -13.88 -3.08
C VAL D 40 -19.77 -14.60 -4.18
N ALA D 41 -18.73 -15.39 -3.85
CA ALA D 41 -18.05 -16.21 -4.94
C ALA D 41 -18.22 -17.68 -4.73
N THR D 42 -17.99 -18.46 -5.80
CA THR D 42 -17.98 -19.91 -5.63
C THR D 42 -16.70 -20.32 -4.86
N PRO D 43 -16.66 -21.54 -4.35
CA PRO D 43 -15.44 -21.93 -3.60
C PRO D 43 -14.14 -21.79 -4.44
N SER D 44 -14.24 -21.93 -5.76
CA SER D 44 -13.04 -21.74 -6.58
C SER D 44 -12.74 -20.34 -7.04
N GLY D 45 -13.51 -19.40 -6.56
CA GLY D 45 -13.26 -17.99 -6.74
C GLY D 45 -14.01 -17.31 -7.89
N TYR D 46 -14.95 -18.01 -8.51
CA TYR D 46 -15.67 -17.41 -9.67
C TYR D 46 -16.76 -16.46 -9.13
N THR D 47 -16.91 -15.32 -9.74
CA THR D 47 -17.75 -14.23 -9.19
C THR D 47 -19.01 -14.06 -10.05
N LEU D 48 -19.98 -13.34 -9.50
CA LEU D 48 -21.21 -13.06 -10.23
C LEU D 48 -20.85 -12.19 -11.43
N ASP D 49 -20.04 -11.11 -11.26
CA ASP D 49 -19.67 -10.32 -12.49
C ASP D 49 -19.06 -11.17 -13.59
N ARG D 50 -18.17 -12.14 -13.26
CA ARG D 50 -17.54 -13.02 -14.30
C ARG D 50 -18.60 -13.86 -14.97
N ALA D 51 -19.53 -14.36 -14.18
CA ALA D 51 -20.64 -15.19 -14.72
C ALA D 51 -21.54 -14.40 -15.70
N ILE D 52 -21.81 -13.15 -15.42
CA ILE D 52 -22.74 -12.39 -16.32
C ILE D 52 -22.03 -11.47 -17.36
N GLN D 53 -20.71 -11.48 -17.43
CA GLN D 53 -20.01 -10.54 -18.26
C GLN D 53 -20.40 -10.73 -19.78
N ASN D 54 -20.64 -11.99 -20.17
CA ASN D 54 -21.00 -12.36 -21.53
C ASN D 54 -22.23 -11.54 -21.97
N GLY D 55 -23.23 -11.45 -21.07
CA GLY D 55 -24.47 -10.73 -21.33
C GLY D 55 -24.28 -9.22 -21.18
N VAL D 56 -23.57 -8.81 -20.15
CA VAL D 56 -23.35 -7.35 -19.92
C VAL D 56 -22.67 -6.71 -21.15
N ASP D 57 -21.76 -7.44 -21.78
CA ASP D 57 -21.05 -6.86 -22.92
C ASP D 57 -21.84 -6.94 -24.23
N ASN D 58 -22.82 -7.79 -24.26
CA ASN D 58 -23.46 -8.14 -25.54
C ASN D 58 -24.96 -8.16 -25.32
N PRO D 59 -25.59 -6.99 -25.45
CA PRO D 59 -26.98 -6.91 -25.06
C PRO D 59 -27.96 -7.75 -25.92
N ASP D 60 -27.52 -8.18 -27.10
CA ASP D 60 -28.43 -9.02 -27.93
C ASP D 60 -28.35 -10.48 -27.71
N PHE D 61 -27.37 -10.96 -26.93
CA PHE D 61 -27.33 -12.38 -26.65
C PHE D 61 -28.57 -12.79 -25.80
N HIS D 62 -29.11 -13.95 -26.06
CA HIS D 62 -30.37 -14.28 -25.47
C HIS D 62 -30.25 -14.73 -24.02
N LEU D 63 -29.12 -15.36 -23.72
CA LEU D 63 -28.96 -15.89 -22.36
C LEU D 63 -28.07 -14.98 -21.55
N GLY D 64 -26.80 -14.82 -21.98
CA GLY D 64 -25.91 -13.84 -21.26
C GLY D 64 -25.14 -14.33 -20.07
N LEU D 65 -25.17 -15.65 -19.80
CA LEU D 65 -24.55 -16.23 -18.55
C LEU D 65 -23.69 -17.42 -18.93
N LEU D 66 -22.54 -17.54 -18.26
CA LEU D 66 -21.72 -18.70 -18.42
C LEU D 66 -21.25 -19.16 -17.08
N ALA D 67 -21.19 -20.46 -16.92
CA ALA D 67 -20.80 -20.98 -15.62
C ALA D 67 -19.26 -21.21 -15.57
N GLY D 68 -18.67 -20.98 -14.41
CA GLY D 68 -17.24 -21.10 -14.24
C GLY D 68 -16.79 -22.39 -13.57
N ASP D 69 -17.74 -23.08 -12.96
CA ASP D 69 -17.52 -24.32 -12.26
C ASP D 69 -18.93 -24.91 -12.00
N GLU D 70 -18.98 -26.14 -11.47
CA GLU D 70 -20.24 -26.79 -11.22
C GLU D 70 -21.05 -25.96 -10.23
N GLU D 71 -20.32 -25.43 -9.26
CA GLU D 71 -20.92 -24.75 -8.14
C GLU D 71 -21.57 -23.45 -8.55
N THR D 72 -21.18 -22.88 -9.69
CA THR D 72 -21.85 -21.65 -10.16
C THR D 72 -23.38 -21.79 -10.11
N TYR D 73 -23.86 -22.92 -10.59
CA TYR D 73 -25.30 -23.17 -10.74
C TYR D 73 -26.04 -23.16 -9.41
N THR D 74 -25.34 -23.50 -8.34
CA THR D 74 -25.98 -23.51 -6.99
C THR D 74 -25.71 -22.21 -6.19
N VAL D 75 -24.47 -21.74 -6.23
CA VAL D 75 -24.13 -20.47 -5.53
C VAL D 75 -25.01 -19.33 -6.11
N PHE D 76 -25.15 -19.32 -7.44
CA PHE D 76 -25.92 -18.25 -8.09
C PHE D 76 -27.23 -18.78 -8.60
N ALA D 77 -27.77 -19.77 -7.90
CA ALA D 77 -29.08 -20.30 -8.31
C ALA D 77 -30.23 -19.31 -8.39
N ASP D 78 -30.24 -18.21 -7.60
CA ASP D 78 -31.36 -17.24 -7.71
C ASP D 78 -31.44 -16.71 -9.13
N LEU D 79 -30.26 -16.66 -9.80
CA LEU D 79 -30.17 -16.18 -11.18
C LEU D 79 -30.27 -17.33 -12.20
N PHE D 80 -29.50 -18.38 -12.01
CA PHE D 80 -29.45 -19.43 -13.02
C PHE D 80 -30.77 -20.22 -13.06
N ASP D 81 -31.40 -20.39 -11.90
CA ASP D 81 -32.70 -21.18 -11.89
C ASP D 81 -33.79 -20.59 -12.81
N PRO D 82 -34.13 -19.25 -12.67
CA PRO D 82 -35.17 -18.79 -13.52
C PRO D 82 -34.77 -18.69 -14.97
N VAL D 83 -33.52 -18.37 -15.25
CA VAL D 83 -33.05 -18.43 -16.63
C VAL D 83 -33.19 -19.83 -17.24
N ILE D 84 -32.72 -20.84 -16.55
CA ILE D 84 -32.91 -22.22 -17.04
C ILE D 84 -34.40 -22.54 -17.20
N GLU D 85 -35.22 -22.20 -16.21
CA GLU D 85 -36.67 -22.47 -16.34
C GLU D 85 -37.29 -21.90 -17.59
N GLU D 86 -37.02 -20.63 -17.89
CA GLU D 86 -37.59 -20.01 -19.06
C GLU D 86 -37.00 -20.60 -20.36
N TYR D 87 -35.69 -20.79 -20.37
CA TYR D 87 -35.07 -21.25 -21.61
C TYR D 87 -35.50 -22.68 -21.99
N HIS D 88 -35.57 -23.53 -21.00
CA HIS D 88 -35.85 -24.97 -21.17
C HIS D 88 -37.33 -25.24 -21.02
N ASN D 89 -38.17 -24.32 -21.54
CA ASN D 89 -39.68 -24.63 -21.68
C ASN D 89 -40.25 -25.11 -20.35
N GLY D 90 -39.93 -24.41 -19.23
CA GLY D 90 -40.52 -24.75 -17.93
C GLY D 90 -39.85 -25.72 -17.00
N PHE D 91 -38.55 -25.95 -17.21
CA PHE D 91 -37.82 -26.82 -16.34
C PHE D 91 -37.48 -26.18 -14.99
N LYS D 92 -38.20 -26.61 -13.92
CA LYS D 92 -38.17 -25.91 -12.64
C LYS D 92 -37.08 -26.37 -11.72
N LYS D 93 -36.82 -25.61 -10.66
CA LYS D 93 -35.70 -26.02 -9.79
C LYS D 93 -35.99 -27.36 -9.18
N THR D 94 -37.29 -27.71 -9.17
CA THR D 94 -37.74 -28.92 -8.52
C THR D 94 -37.82 -30.08 -9.54
N ASP D 95 -37.69 -29.80 -10.83
CA ASP D 95 -37.74 -30.86 -11.85
C ASP D 95 -36.35 -31.49 -11.92
N ASN D 96 -36.24 -32.77 -12.25
CA ASN D 96 -34.92 -33.40 -12.37
C ASN D 96 -34.76 -34.06 -13.76
N HIS D 97 -33.51 -34.28 -14.16
CA HIS D 97 -33.24 -34.65 -15.54
C HIS D 97 -32.85 -36.11 -15.58
N LYS D 98 -33.46 -36.85 -16.49
CA LYS D 98 -33.05 -38.24 -16.65
C LYS D 98 -32.23 -38.53 -17.96
N THR D 99 -31.11 -39.18 -17.78
CA THR D 99 -30.20 -39.57 -18.87
C THR D 99 -30.61 -40.97 -19.36
N ASP D 100 -30.56 -41.19 -20.68
CA ASP D 100 -30.80 -42.53 -21.26
C ASP D 100 -29.90 -42.61 -22.49
N LEU D 101 -28.79 -43.31 -22.38
CA LEU D 101 -27.87 -43.43 -23.53
C LEU D 101 -27.90 -44.83 -24.12
N ASP D 102 -29.04 -45.50 -23.98
CA ASP D 102 -29.13 -46.92 -24.43
C ASP D 102 -29.41 -46.92 -25.93
N ALA D 103 -28.38 -47.25 -26.70
CA ALA D 103 -28.48 -47.14 -28.17
C ALA D 103 -29.55 -48.06 -28.75
N SER D 104 -29.79 -49.16 -28.04
CA SER D 104 -30.77 -50.16 -28.49
C SER D 104 -32.23 -49.65 -28.47
N LYS D 105 -32.49 -48.48 -27.91
CA LYS D 105 -33.84 -47.91 -27.87
C LYS D 105 -34.02 -46.86 -28.96
N ILE D 106 -33.01 -46.69 -29.82
CA ILE D 106 -33.13 -45.70 -30.87
C ILE D 106 -33.90 -46.29 -32.05
N LEU D 107 -34.84 -45.54 -32.64
CA LEU D 107 -35.56 -46.04 -33.84
C LEU D 107 -34.56 -46.46 -34.93
N ASP D 108 -34.79 -47.60 -35.61
CA ASP D 108 -33.75 -48.11 -36.48
C ASP D 108 -33.94 -47.66 -37.93
N ASP D 109 -34.84 -46.72 -38.16
CA ASP D 109 -35.15 -46.28 -39.51
C ASP D 109 -33.91 -45.69 -40.14
N VAL D 110 -33.66 -46.03 -41.40
CA VAL D 110 -32.64 -45.36 -42.17
C VAL D 110 -33.38 -44.27 -42.97
N LEU D 111 -33.12 -43.01 -42.63
CA LEU D 111 -33.88 -41.93 -43.27
C LEU D 111 -33.50 -41.90 -44.75
N ASP D 112 -34.46 -41.60 -45.62
CA ASP D 112 -34.23 -41.79 -47.06
C ASP D 112 -32.98 -41.04 -47.54
N PRO D 113 -32.02 -41.74 -48.14
CA PRO D 113 -30.77 -41.07 -48.54
C PRO D 113 -30.95 -40.14 -49.74
N ALA D 114 -32.08 -40.19 -50.39
CA ALA D 114 -32.34 -39.20 -51.44
C ALA D 114 -32.66 -37.81 -50.86
N TYR D 115 -33.00 -37.82 -49.57
CA TYR D 115 -33.40 -36.60 -48.84
C TYR D 115 -32.40 -36.21 -47.81
N VAL D 116 -31.92 -37.19 -47.06
CA VAL D 116 -31.00 -36.94 -45.96
C VAL D 116 -29.56 -37.12 -46.39
N ILE D 117 -28.88 -35.99 -46.41
CA ILE D 117 -27.51 -35.89 -46.91
C ILE D 117 -26.54 -36.42 -45.85
N SER D 118 -26.80 -36.08 -44.56
CA SER D 118 -25.91 -36.54 -43.52
C SER D 118 -26.64 -36.44 -42.16
N SER D 119 -26.10 -37.19 -41.22
CA SER D 119 -26.70 -37.38 -39.87
C SER D 119 -25.60 -37.18 -38.80
N ARG D 120 -25.92 -36.49 -37.69
CA ARG D 120 -24.90 -36.06 -36.78
C ARG D 120 -25.49 -36.10 -35.35
N VAL D 121 -24.70 -36.55 -34.43
CA VAL D 121 -25.08 -36.35 -33.02
C VAL D 121 -23.87 -35.73 -32.28
N ARG D 122 -24.10 -34.60 -31.57
CA ARG D 122 -23.01 -33.90 -30.88
C ARG D 122 -23.41 -33.72 -29.42
N THR D 123 -22.43 -33.82 -28.51
CA THR D 123 -22.69 -33.45 -27.11
C THR D 123 -21.41 -32.80 -26.58
N GLY D 124 -21.46 -32.34 -25.36
CA GLY D 124 -20.27 -31.86 -24.68
C GLY D 124 -20.16 -32.49 -23.30
N ARG D 125 -18.96 -32.52 -22.77
CA ARG D 125 -18.72 -33.05 -21.43
C ARG D 125 -17.61 -32.28 -20.76
N ASN D 126 -17.76 -32.05 -19.45
CA ASN D 126 -16.71 -31.44 -18.65
C ASN D 126 -16.23 -32.43 -17.64
N ILE D 127 -15.04 -32.26 -17.11
CA ILE D 127 -14.50 -33.14 -16.09
C ILE D 127 -14.81 -32.61 -14.71
N ARG D 128 -15.46 -33.45 -13.92
CA ARG D 128 -15.79 -33.10 -12.55
C ARG D 128 -14.61 -32.61 -11.77
N GLY D 129 -14.84 -31.50 -11.05
CA GLY D 129 -13.86 -30.98 -10.10
C GLY D 129 -12.86 -30.05 -10.76
N MSE D 130 -12.99 -29.82 -12.07
CA MSE D 130 -12.11 -28.89 -12.77
CA MSE D 130 -12.11 -28.87 -12.73
C MSE D 130 -12.97 -27.69 -13.16
O MSE D 130 -14.15 -27.86 -13.52
CB MSE D 130 -11.55 -29.50 -14.06
CB MSE D 130 -11.44 -29.48 -13.96
CG MSE D 130 -10.96 -30.89 -13.92
CG MSE D 130 -11.46 -30.99 -13.97
SE MSE D 130 -9.40 -30.82 -12.79
SE MSE D 130 -9.65 -31.68 -14.07
CE MSE D 130 -8.17 -30.57 -14.23
CE MSE D 130 -8.72 -30.06 -13.50
N ALA D 131 -12.38 -26.51 -13.12
CA ALA D 131 -13.12 -25.31 -13.56
C ALA D 131 -13.48 -25.42 -15.05
N LEU D 132 -14.57 -24.74 -15.40
CA LEU D 132 -15.03 -24.66 -16.77
C LEU D 132 -14.24 -23.58 -17.54
N SER D 133 -14.41 -23.56 -18.85
CA SER D 133 -13.58 -22.67 -19.67
C SER D 133 -13.51 -21.17 -19.31
N PRO D 134 -14.57 -20.59 -18.72
CA PRO D 134 -14.43 -19.18 -18.39
C PRO D 134 -13.51 -18.93 -17.23
N HIS D 135 -13.13 -19.99 -16.50
CA HIS D 135 -12.40 -19.84 -15.24
C HIS D 135 -11.14 -20.70 -15.17
N VAL D 136 -11.06 -21.74 -16.02
CA VAL D 136 -10.00 -22.68 -15.99
C VAL D 136 -8.60 -22.03 -16.11
N CYS D 137 -7.64 -22.55 -15.34
CA CYS D 137 -6.25 -22.07 -15.43
C CYS D 137 -5.44 -23.01 -16.27
N ARG D 138 -4.23 -22.59 -16.64
CA ARG D 138 -3.48 -23.34 -17.64
C ARG D 138 -3.17 -24.72 -17.15
N SER D 139 -2.82 -24.82 -15.87
CA SER D 139 -2.50 -26.17 -15.32
C SER D 139 -3.70 -27.14 -15.41
N GLU D 140 -4.85 -26.70 -14.95
CA GLU D 140 -6.09 -27.50 -15.12
C GLU D 140 -6.34 -27.83 -16.61
N ARG D 141 -6.16 -26.84 -17.50
CA ARG D 141 -6.54 -27.05 -18.88
C ARG D 141 -5.55 -28.08 -19.48
N ARG D 142 -4.24 -27.97 -19.17
CA ARG D 142 -3.32 -29.00 -19.70
C ARG D 142 -3.62 -30.41 -19.14
N ALA D 143 -4.00 -30.54 -17.86
CA ALA D 143 -4.35 -31.87 -17.31
C ALA D 143 -5.55 -32.40 -18.03
N ILE D 144 -6.53 -31.54 -18.31
CA ILE D 144 -7.63 -32.02 -19.10
C ILE D 144 -7.21 -32.55 -20.49
N GLU D 145 -6.34 -31.80 -21.15
CA GLU D 145 -5.87 -32.19 -22.49
C GLU D 145 -5.19 -33.53 -22.40
N LYS D 146 -4.38 -33.69 -21.35
CA LYS D 146 -3.58 -34.91 -21.23
C LYS D 146 -4.51 -36.11 -21.00
N MSE D 147 -5.36 -36.03 -19.98
CA MSE D 147 -6.26 -37.19 -19.73
C MSE D 147 -7.19 -37.50 -20.91
O MSE D 147 -7.48 -38.67 -21.17
CB MSE D 147 -7.06 -37.05 -18.44
CG MSE D 147 -8.29 -36.18 -18.54
SE MSE D 147 -9.01 -35.76 -16.75
CE MSE D 147 -7.75 -34.44 -16.10
N VAL D 148 -7.72 -36.47 -21.58
CA VAL D 148 -8.65 -36.74 -22.65
C VAL D 148 -8.00 -37.26 -23.96
N SER D 149 -6.90 -36.62 -24.33
CA SER D 149 -6.12 -37.10 -25.45
C SER D 149 -5.63 -38.54 -25.19
N GLU D 150 -5.13 -38.86 -24.00
CA GLU D 150 -4.67 -40.25 -23.72
C GLU D 150 -5.85 -41.25 -23.86
N ALA D 151 -7.02 -40.88 -23.34
CA ALA D 151 -8.20 -41.75 -23.48
C ALA D 151 -8.57 -41.94 -24.95
N LEU D 152 -8.54 -40.85 -25.74
CA LEU D 152 -8.94 -40.99 -27.17
C LEU D 152 -7.85 -41.81 -27.90
N ASN D 153 -6.60 -41.65 -27.47
CA ASN D 153 -5.51 -42.43 -28.12
C ASN D 153 -5.62 -43.89 -27.81
N SER D 154 -6.33 -44.26 -26.76
CA SER D 154 -6.42 -45.64 -26.33
C SER D 154 -7.50 -46.36 -27.14
N LEU D 155 -8.31 -45.62 -27.88
CA LEU D 155 -9.39 -46.20 -28.63
C LEU D 155 -8.94 -47.10 -29.78
N ALA D 156 -9.67 -48.18 -29.94
CA ALA D 156 -9.32 -49.25 -30.89
C ALA D 156 -10.38 -49.53 -31.92
N ALA D 157 -10.05 -50.48 -32.80
CA ALA D 157 -10.92 -50.93 -33.91
C ALA D 157 -11.46 -49.75 -34.73
N ASP D 158 -12.75 -49.65 -34.96
CA ASP D 158 -13.19 -48.59 -35.83
C ASP D 158 -13.02 -47.19 -35.20
N LEU D 159 -12.73 -47.13 -33.89
CA LEU D 159 -12.50 -45.85 -33.16
C LEU D 159 -11.05 -45.36 -33.13
N LYS D 160 -10.18 -46.16 -33.73
CA LYS D 160 -8.77 -45.86 -33.79
C LYS D 160 -8.55 -44.50 -34.50
N GLY D 161 -7.78 -43.61 -33.85
CA GLY D 161 -7.62 -42.30 -34.40
C GLY D 161 -6.30 -41.61 -34.06
N LYS D 162 -6.27 -40.29 -34.19
CA LYS D 162 -5.06 -39.57 -33.89
C LYS D 162 -5.41 -38.19 -33.27
N TYR D 163 -4.57 -37.73 -32.40
CA TYR D 163 -4.78 -36.43 -31.73
C TYR D 163 -3.89 -35.37 -32.35
N TYR D 164 -4.44 -34.15 -32.63
CA TYR D 164 -3.77 -33.05 -33.28
C TYR D 164 -3.86 -31.87 -32.30
N SER D 165 -2.85 -31.75 -31.44
CA SER D 165 -2.79 -30.59 -30.55
C SER D 165 -2.61 -29.35 -31.41
N LEU D 166 -3.28 -28.24 -31.09
CA LEU D 166 -3.19 -27.04 -31.91
C LEU D 166 -1.78 -26.41 -31.87
N MSE D 167 -1.07 -26.55 -30.78
CA MSE D 167 0.27 -25.99 -30.73
CA MSE D 167 0.28 -25.97 -30.70
C MSE D 167 1.31 -26.80 -31.49
O MSE D 167 2.50 -26.44 -31.54
CB MSE D 167 0.69 -25.88 -29.27
CB MSE D 167 0.73 -25.80 -29.23
CG MSE D 167 -0.12 -24.90 -28.53
CG MSE D 167 0.51 -24.41 -28.58
SE MSE D 167 0.77 -24.68 -26.87
SE MSE D 167 1.51 -22.93 -29.40
CE MSE D 167 0.60 -22.79 -26.61
CE MSE D 167 3.40 -23.48 -29.19
N LYS D 168 0.89 -27.91 -32.09
CA LYS D 168 1.83 -28.79 -32.82
C LYS D 168 1.48 -28.94 -34.31
N MSE D 169 0.58 -28.08 -34.78
CA MSE D 169 0.04 -28.20 -36.14
C MSE D 169 0.87 -27.45 -37.20
O MSE D 169 1.05 -26.25 -37.10
CB MSE D 169 -1.40 -27.67 -36.15
CG MSE D 169 -2.38 -28.33 -37.16
SE MSE D 169 -4.08 -27.59 -36.65
CE MSE D 169 -4.23 -28.67 -35.04
N ASP D 170 1.39 -28.15 -38.20
CA ASP D 170 1.92 -27.44 -39.38
C ASP D 170 0.78 -27.10 -40.35
N GLU D 171 1.10 -26.34 -41.39
CA GLU D 171 0.09 -25.86 -42.37
C GLU D 171 -0.62 -26.97 -43.12
N LYS D 172 0.07 -28.08 -43.42
CA LYS D 172 -0.52 -29.15 -44.22
C LYS D 172 -1.62 -29.78 -43.38
N THR D 173 -1.33 -30.00 -42.09
CA THR D 173 -2.34 -30.55 -41.17
C THR D 173 -3.47 -29.54 -40.95
N GLN D 174 -3.12 -28.27 -40.77
CA GLN D 174 -4.18 -27.30 -40.62
C GLN D 174 -5.15 -27.35 -41.81
N GLN D 175 -4.58 -27.32 -43.01
CA GLN D 175 -5.35 -27.37 -44.26
C GLN D 175 -6.17 -28.64 -44.39
N GLN D 176 -5.59 -29.81 -44.08
CA GLN D 176 -6.37 -31.05 -44.09
C GLN D 176 -7.60 -30.96 -43.15
N LEU D 177 -7.40 -30.46 -41.93
CA LEU D 177 -8.52 -30.34 -40.99
C LEU D 177 -9.60 -29.37 -41.43
N ILE D 178 -9.16 -28.32 -42.12
CA ILE D 178 -10.07 -27.33 -42.70
C ILE D 178 -10.91 -27.95 -43.82
N ASP D 179 -10.22 -28.60 -44.76
CA ASP D 179 -10.88 -29.38 -45.82
C ASP D 179 -11.89 -30.39 -45.26
N ASP D 180 -11.57 -31.02 -44.13
CA ASP D 180 -12.44 -32.01 -43.45
C ASP D 180 -13.55 -31.44 -42.60
N HIS D 181 -13.57 -30.12 -42.43
CA HIS D 181 -14.52 -29.38 -41.58
C HIS D 181 -14.34 -29.83 -40.16
N PHE D 182 -13.07 -30.02 -39.73
CA PHE D 182 -12.83 -30.55 -38.39
C PHE D 182 -12.28 -29.50 -37.45
N LEU D 183 -11.73 -28.42 -37.99
CA LEU D 183 -11.11 -27.43 -37.10
C LEU D 183 -12.13 -26.45 -36.54
N PHE D 184 -12.15 -26.26 -35.23
CA PHE D 184 -12.95 -25.17 -34.61
C PHE D 184 -12.32 -23.77 -34.74
N ASP D 185 -13.19 -22.77 -34.85
CA ASP D 185 -12.78 -21.38 -34.99
C ASP D 185 -11.92 -20.96 -33.80
N ARG D 186 -10.88 -20.15 -34.02
CA ARG D 186 -10.10 -19.64 -32.89
C ARG D 186 -11.03 -18.67 -32.15
N PRO D 187 -10.74 -18.40 -30.88
CA PRO D 187 -11.83 -17.80 -30.10
C PRO D 187 -11.86 -16.25 -30.14
N VAL D 188 -12.33 -15.74 -31.30
CA VAL D 188 -12.38 -14.32 -31.58
C VAL D 188 -13.80 -13.78 -31.50
N SER D 189 -14.81 -14.64 -31.35
CA SER D 189 -16.18 -14.12 -31.16
C SER D 189 -16.34 -13.40 -29.82
N ARG D 190 -17.24 -12.42 -29.80
CA ARG D 190 -17.48 -11.73 -28.51
C ARG D 190 -18.00 -12.67 -27.46
N HIS D 191 -18.75 -13.72 -27.88
CA HIS D 191 -19.10 -14.79 -26.94
C HIS D 191 -17.84 -15.32 -26.22
N PHE D 192 -16.80 -15.60 -26.96
CA PHE D 192 -15.57 -16.15 -26.29
C PHE D 192 -14.77 -15.12 -25.47
N THR D 193 -14.62 -13.93 -26.00
CA THR D 193 -13.79 -12.95 -25.29
C THR D 193 -14.50 -12.41 -24.04
N SER D 194 -15.78 -12.08 -24.17
CA SER D 194 -16.56 -11.69 -23.00
C SER D 194 -16.69 -12.77 -21.94
N GLY D 195 -16.83 -14.05 -22.37
CA GLY D 195 -16.91 -15.15 -21.39
C GLY D 195 -15.58 -15.55 -20.72
N GLY D 196 -14.44 -14.89 -21.03
CA GLY D 196 -13.15 -15.33 -20.46
C GLY D 196 -12.65 -16.69 -21.03
N MSE D 197 -13.23 -17.14 -22.14
CA MSE D 197 -12.87 -18.48 -22.72
C MSE D 197 -11.75 -18.46 -23.75
O MSE D 197 -11.33 -19.51 -24.21
CB MSE D 197 -14.14 -19.20 -23.30
CG MSE D 197 -15.25 -19.36 -22.26
SE MSE D 197 -16.78 -20.27 -22.99
CE MSE D 197 -17.38 -18.90 -24.26
N ALA D 198 -11.24 -17.27 -24.11
CA ALA D 198 -10.18 -17.17 -25.16
C ALA D 198 -8.76 -17.24 -24.57
N ARG D 199 -8.66 -17.17 -23.25
CA ARG D 199 -7.34 -17.04 -22.62
C ARG D 199 -6.44 -18.17 -23.03
N ASP D 200 -5.18 -17.82 -23.31
CA ASP D 200 -4.07 -18.81 -23.48
C ASP D 200 -4.02 -19.52 -24.77
N PHE D 201 -5.04 -19.28 -25.61
CA PHE D 201 -5.17 -19.98 -26.90
C PHE D 201 -3.87 -19.86 -27.63
N PRO D 202 -3.37 -20.96 -28.21
CA PRO D 202 -4.01 -22.29 -28.34
C PRO D 202 -3.55 -23.29 -27.30
N ASP D 203 -3.03 -22.80 -26.15
CA ASP D 203 -2.51 -23.71 -25.17
C ASP D 203 -3.61 -24.59 -24.62
N GLY D 204 -3.37 -25.90 -24.67
CA GLY D 204 -4.31 -26.87 -24.08
C GLY D 204 -5.42 -27.24 -25.05
N ARG D 205 -5.44 -26.67 -26.26
CA ARG D 205 -6.54 -26.98 -27.21
C ARG D 205 -6.13 -28.02 -28.26
N GLY D 206 -7.07 -28.79 -28.79
CA GLY D 206 -6.73 -29.69 -29.89
C GLY D 206 -7.97 -30.37 -30.47
N ILE D 207 -7.74 -31.14 -31.51
CA ILE D 207 -8.82 -31.89 -32.13
C ILE D 207 -8.36 -33.33 -32.27
N TRP D 208 -9.31 -34.24 -32.10
CA TRP D 208 -8.96 -35.62 -32.33
C TRP D 208 -9.98 -36.18 -33.29
N HIS D 209 -9.61 -37.09 -34.21
CA HIS D 209 -10.67 -37.81 -34.94
C HIS D 209 -10.19 -39.22 -35.27
N ASN D 210 -11.14 -40.08 -35.50
CA ASN D 210 -10.76 -41.42 -35.89
C ASN D 210 -10.42 -41.52 -37.39
N ASP D 211 -9.78 -42.62 -37.77
CA ASP D 211 -9.23 -42.72 -39.14
C ASP D 211 -10.38 -42.76 -40.14
N LYS D 212 -11.47 -43.33 -39.72
CA LYS D 212 -12.67 -43.41 -40.54
C LYS D 212 -13.40 -42.08 -40.74
N LYS D 213 -13.03 -41.10 -39.94
CA LYS D 213 -13.57 -39.74 -40.04
C LYS D 213 -15.06 -39.73 -39.83
N ASN D 214 -15.50 -40.49 -38.85
CA ASN D 214 -16.86 -40.40 -38.42
C ASN D 214 -17.03 -40.22 -36.94
N PHE D 215 -15.97 -39.86 -36.24
CA PHE D 215 -16.04 -39.57 -34.81
C PHE D 215 -14.96 -38.54 -34.51
N LEU D 216 -15.35 -37.44 -33.88
CA LEU D 216 -14.50 -36.29 -33.77
C LEU D 216 -14.68 -35.62 -32.40
N VAL D 217 -13.58 -35.24 -31.77
CA VAL D 217 -13.64 -34.50 -30.48
C VAL D 217 -12.84 -33.20 -30.56
N TRP D 218 -13.41 -32.10 -30.08
CA TRP D 218 -12.68 -30.90 -29.79
C TRP D 218 -12.36 -30.84 -28.31
N ILE D 219 -11.10 -30.57 -28.01
CA ILE D 219 -10.61 -30.44 -26.68
C ILE D 219 -10.41 -28.99 -26.21
N ASN D 220 -11.00 -28.68 -25.05
CA ASN D 220 -10.90 -27.33 -24.45
C ASN D 220 -11.35 -26.11 -25.25
N GLU D 221 -12.43 -26.24 -26.00
CA GLU D 221 -13.09 -25.10 -26.62
C GLU D 221 -14.08 -24.59 -25.59
N GLU D 222 -15.38 -24.56 -25.94
CA GLU D 222 -16.35 -24.05 -25.00
C GLU D 222 -16.48 -24.94 -23.75
N ASP D 223 -16.52 -26.25 -23.99
CA ASP D 223 -16.58 -27.19 -22.88
C ASP D 223 -15.29 -27.99 -22.96
N HIS D 224 -14.96 -28.68 -21.89
CA HIS D 224 -13.73 -29.45 -21.93
C HIS D 224 -13.66 -30.42 -23.14
N THR D 225 -14.76 -31.08 -23.48
CA THR D 225 -14.81 -31.90 -24.75
C THR D 225 -16.07 -31.55 -25.52
N ARG D 226 -15.96 -31.49 -26.85
CA ARG D 226 -17.16 -31.50 -27.67
C ARG D 226 -17.05 -32.80 -28.46
N ILE D 227 -18.04 -33.65 -28.42
CA ILE D 227 -17.90 -35.05 -28.98
C ILE D 227 -18.97 -35.18 -30.09
N ILE D 228 -18.55 -35.57 -31.30
CA ILE D 228 -19.45 -35.54 -32.45
C ILE D 228 -19.33 -36.84 -33.22
N SER D 229 -20.45 -37.48 -33.49
CA SER D 229 -20.41 -38.65 -34.38
C SER D 229 -21.20 -38.28 -35.63
N MSE D 230 -20.67 -38.58 -36.83
CA MSE D 230 -21.35 -38.08 -38.01
C MSE D 230 -21.06 -38.96 -39.20
O MSE D 230 -20.04 -39.59 -39.27
CB MSE D 230 -20.93 -36.64 -38.40
CG MSE D 230 -19.43 -36.47 -38.84
SE MSE D 230 -18.19 -36.79 -37.42
CE MSE D 230 -16.55 -36.64 -38.47
N GLN D 231 -21.96 -38.93 -40.16
CA GLN D 231 -21.73 -39.67 -41.39
C GLN D 231 -22.75 -39.33 -42.47
N MSE D 232 -22.45 -39.70 -43.74
CA MSE D 232 -23.39 -39.44 -44.81
C MSE D 232 -24.61 -40.35 -44.68
O MSE D 232 -24.57 -41.47 -44.16
CB MSE D 232 -22.69 -39.58 -46.20
CG MSE D 232 -21.52 -38.67 -46.31
SE MSE D 232 -22.04 -36.81 -46.43
CE MSE D 232 -22.23 -36.50 -48.34
N GLY D 233 -25.75 -39.90 -45.14
CA GLY D 233 -26.89 -40.80 -45.18
C GLY D 233 -27.69 -40.58 -43.93
N GLY D 234 -28.63 -41.51 -43.72
CA GLY D 234 -29.77 -41.35 -42.80
C GLY D 234 -29.80 -42.37 -41.69
N ASN D 235 -28.70 -43.07 -41.50
CA ASN D 235 -28.74 -44.18 -40.54
C ASN D 235 -28.42 -43.64 -39.14
N MSE D 236 -29.41 -42.99 -38.53
CA MSE D 236 -29.15 -42.32 -37.23
C MSE D 236 -28.80 -43.29 -36.09
O MSE D 236 -27.97 -42.99 -35.21
CB MSE D 236 -30.38 -41.47 -36.85
CG MSE D 236 -30.13 -40.57 -35.63
SE MSE D 236 -28.77 -39.20 -35.93
CE MSE D 236 -29.77 -38.09 -37.18
N LYS D 237 -29.39 -44.48 -36.10
CA LYS D 237 -29.10 -45.42 -35.07
C LYS D 237 -27.64 -45.81 -35.07
N GLU D 238 -27.12 -46.04 -36.26
CA GLU D 238 -25.71 -46.35 -36.34
C GLU D 238 -24.84 -45.16 -35.79
N VAL D 239 -25.20 -43.95 -36.16
CA VAL D 239 -24.45 -42.77 -35.72
C VAL D 239 -24.45 -42.68 -34.18
N PHE D 240 -25.61 -42.93 -33.60
CA PHE D 240 -25.78 -42.92 -32.13
C PHE D 240 -25.11 -44.08 -31.38
N GLU D 241 -25.10 -45.26 -31.98
CA GLU D 241 -24.44 -46.37 -31.35
C GLU D 241 -22.98 -46.09 -31.26
N ARG D 242 -22.41 -45.49 -32.29
CA ARG D 242 -20.96 -45.23 -32.33
C ARG D 242 -20.63 -44.14 -31.31
N PHE D 243 -21.45 -43.08 -31.35
CA PHE D 243 -21.43 -41.99 -30.33
C PHE D 243 -21.39 -42.56 -28.89
N THR D 244 -22.26 -43.49 -28.54
CA THR D 244 -22.29 -43.93 -27.16
C THR D 244 -21.10 -44.86 -26.83
N ARG D 245 -20.62 -45.62 -27.79
CA ARG D 245 -19.53 -46.51 -27.52
C ARG D 245 -18.25 -45.71 -27.29
N GLY D 246 -18.12 -44.65 -28.07
CA GLY D 246 -17.01 -43.73 -27.82
C GLY D 246 -17.17 -42.98 -26.48
N LEU D 247 -18.33 -42.39 -26.19
CA LEU D 247 -18.50 -41.85 -24.82
C LEU D 247 -18.09 -42.84 -23.72
N THR D 248 -18.58 -44.07 -23.83
CA THR D 248 -18.41 -45.03 -22.75
C THR D 248 -16.92 -45.32 -22.57
N GLU D 249 -16.22 -45.49 -23.66
CA GLU D 249 -14.84 -46.00 -23.57
C GLU D 249 -13.90 -44.93 -23.12
N VAL D 250 -14.12 -43.70 -23.64
CA VAL D 250 -13.31 -42.56 -23.16
C VAL D 250 -13.51 -42.31 -21.68
N GLU D 251 -14.75 -42.33 -21.22
CA GLU D 251 -15.00 -42.02 -19.81
C GLU D 251 -14.35 -43.10 -18.91
N LYS D 252 -14.46 -44.36 -19.33
CA LYS D 252 -13.87 -45.47 -18.57
C LYS D 252 -12.35 -45.29 -18.56
N HIS D 253 -11.71 -44.91 -19.67
CA HIS D 253 -10.24 -44.71 -19.62
C HIS D 253 -9.82 -43.58 -18.66
N ILE D 254 -10.54 -42.46 -18.70
CA ILE D 254 -10.25 -41.39 -17.80
C ILE D 254 -10.41 -41.85 -16.37
N LYS D 255 -11.50 -42.56 -16.12
CA LYS D 255 -11.73 -43.03 -14.76
C LYS D 255 -10.64 -44.05 -14.37
N ASP D 256 -10.32 -45.00 -15.25
CA ASP D 256 -9.29 -46.03 -14.91
C ASP D 256 -7.91 -45.43 -14.66
N LYS D 257 -7.55 -44.41 -15.40
CA LYS D 257 -6.21 -43.87 -15.22
C LYS D 257 -6.07 -42.71 -14.21
N THR D 258 -7.16 -42.00 -13.91
CA THR D 258 -7.09 -40.75 -13.11
C THR D 258 -8.09 -40.73 -11.98
N GLY D 259 -9.06 -41.62 -12.03
CA GLY D 259 -10.17 -41.54 -11.06
C GLY D 259 -11.16 -40.42 -11.31
N LYS D 260 -10.94 -39.65 -12.36
CA LYS D 260 -11.90 -38.55 -12.63
C LYS D 260 -13.07 -39.00 -13.47
N GLU D 261 -14.17 -38.23 -13.46
CA GLU D 261 -15.36 -38.59 -14.26
C GLU D 261 -16.00 -37.35 -14.84
N PHE D 262 -17.01 -37.55 -15.67
CA PHE D 262 -17.77 -36.42 -16.24
C PHE D 262 -18.68 -35.72 -15.18
N MSE D 263 -18.78 -34.41 -15.34
CA MSE D 263 -19.53 -33.56 -14.45
C MSE D 263 -21.01 -33.74 -14.77
O MSE D 263 -21.47 -33.51 -15.92
CB MSE D 263 -19.08 -32.13 -14.72
CG MSE D 263 -19.43 -31.11 -13.63
SE MSE D 263 -18.93 -29.30 -14.25
CE MSE D 263 -17.01 -29.30 -13.93
N LYS D 264 -21.77 -34.06 -13.74
CA LYS D 264 -23.13 -34.41 -13.97
C LYS D 264 -23.77 -34.40 -12.63
N ASN D 265 -25.05 -34.04 -12.58
CA ASN D 265 -25.81 -34.24 -11.36
C ASN D 265 -27.26 -34.59 -11.62
N ASP D 266 -27.95 -34.97 -10.56
CA ASP D 266 -29.30 -35.43 -10.74
C ASP D 266 -30.26 -34.40 -11.28
N HIS D 267 -30.07 -33.16 -10.89
CA HIS D 267 -30.99 -32.11 -11.32
C HIS D 267 -30.79 -31.63 -12.77
N LEU D 268 -29.54 -31.40 -13.21
CA LEU D 268 -29.28 -30.68 -14.48
C LEU D 268 -28.75 -31.66 -15.54
N GLY D 269 -28.59 -32.92 -15.15
CA GLY D 269 -27.89 -33.93 -15.99
C GLY D 269 -26.44 -33.53 -16.18
N PHE D 270 -25.93 -33.58 -17.41
CA PHE D 270 -24.55 -33.15 -17.70
C PHE D 270 -24.40 -31.66 -17.54
N VAL D 271 -23.35 -31.25 -16.83
CA VAL D 271 -23.15 -29.81 -16.60
C VAL D 271 -22.23 -29.21 -17.63
N LEU D 272 -22.74 -28.23 -18.36
CA LEU D 272 -22.04 -27.65 -19.46
C LEU D 272 -21.92 -26.15 -19.15
N THR D 273 -21.01 -25.50 -19.85
CA THR D 273 -20.64 -24.11 -19.54
C THR D 273 -21.83 -23.12 -19.82
N CYS D 274 -22.50 -23.29 -20.97
CA CYS D 274 -23.61 -22.44 -21.32
C CYS D 274 -24.86 -23.14 -20.80
N PRO D 275 -25.73 -22.42 -20.08
CA PRO D 275 -26.94 -23.12 -19.58
C PRO D 275 -27.84 -23.67 -20.70
N SER D 276 -27.64 -23.21 -21.94
CA SER D 276 -28.50 -23.69 -23.02
C SER D 276 -28.21 -25.14 -23.30
N ASN D 277 -27.05 -25.61 -22.84
CA ASN D 277 -26.59 -26.96 -23.27
C ASN D 277 -26.74 -28.02 -22.19
N LEU D 278 -27.42 -27.69 -21.09
CA LEU D 278 -27.50 -28.63 -19.96
C LEU D 278 -28.35 -29.89 -20.27
N GLY D 279 -28.35 -30.88 -19.37
CA GLY D 279 -29.27 -32.02 -19.55
C GLY D 279 -28.56 -33.11 -20.36
N THR D 280 -28.90 -33.24 -21.64
CA THR D 280 -28.16 -34.17 -22.54
C THR D 280 -26.97 -33.44 -23.20
N GLY D 281 -27.04 -32.11 -23.25
CA GLY D 281 -26.14 -31.38 -24.14
C GLY D 281 -26.18 -31.83 -25.63
N VAL D 282 -27.24 -32.52 -26.06
CA VAL D 282 -27.26 -33.13 -27.40
C VAL D 282 -27.85 -32.23 -28.45
N ARG D 283 -27.10 -32.06 -29.54
CA ARG D 283 -27.70 -31.56 -30.74
C ARG D 283 -27.57 -32.70 -31.74
N CYS D 284 -28.72 -33.27 -32.09
CA CYS D 284 -28.82 -34.35 -33.05
C CYS D 284 -29.40 -33.71 -34.26
N SER D 285 -28.78 -33.89 -35.42
CA SER D 285 -29.28 -33.15 -36.58
C SER D 285 -29.11 -33.89 -37.90
N VAL D 286 -29.94 -33.55 -38.88
CA VAL D 286 -29.73 -34.02 -40.22
C VAL D 286 -29.63 -32.84 -41.15
N HIS D 287 -28.89 -32.98 -42.24
CA HIS D 287 -29.06 -32.06 -43.37
C HIS D 287 -29.96 -32.70 -44.34
N ALA D 288 -31.03 -31.99 -44.66
CA ALA D 288 -32.11 -32.57 -45.45
C ALA D 288 -32.52 -31.64 -46.60
N LYS D 289 -32.64 -32.22 -47.79
CA LYS D 289 -33.14 -31.51 -48.99
C LYS D 289 -34.64 -31.47 -49.03
N LEU D 290 -35.20 -30.35 -48.60
CA LEU D 290 -36.64 -30.24 -48.53
C LEU D 290 -37.09 -28.98 -49.26
N PRO D 291 -36.90 -28.95 -50.58
CA PRO D 291 -37.27 -27.68 -51.23
C PRO D 291 -38.76 -27.33 -51.24
N HIS D 292 -39.63 -28.33 -51.32
CA HIS D 292 -41.07 -28.10 -51.25
C HIS D 292 -41.56 -27.63 -49.87
N MSE D 293 -40.97 -28.16 -48.80
CA MSE D 293 -41.36 -27.74 -47.45
C MSE D 293 -40.85 -26.33 -47.32
O MSE D 293 -41.42 -25.48 -46.60
CB MSE D 293 -40.67 -28.59 -46.36
CG MSE D 293 -41.26 -29.97 -46.11
SE MSE D 293 -43.22 -29.99 -45.78
CE MSE D 293 -43.21 -28.85 -44.18
N ALA D 294 -39.74 -26.07 -48.00
CA ALA D 294 -38.99 -24.85 -47.76
C ALA D 294 -39.77 -23.65 -48.24
N LYS D 295 -40.89 -23.93 -48.92
CA LYS D 295 -41.74 -22.92 -49.52
C LYS D 295 -43.13 -22.99 -48.92
N ASP D 296 -43.38 -23.90 -47.97
CA ASP D 296 -44.72 -23.98 -47.35
C ASP D 296 -44.62 -23.20 -46.05
N LYS D 297 -45.54 -22.26 -45.83
CA LYS D 297 -45.37 -21.32 -44.70
C LYS D 297 -45.56 -22.00 -43.32
N ARG D 298 -46.16 -23.18 -43.29
CA ARG D 298 -46.30 -23.98 -42.05
C ARG D 298 -45.00 -24.67 -41.54
N PHE D 299 -43.98 -24.75 -42.39
CA PHE D 299 -42.75 -25.47 -42.11
C PHE D 299 -42.29 -25.19 -40.68
N GLU D 300 -42.24 -23.90 -40.39
CA GLU D 300 -41.72 -23.44 -39.13
C GLU D 300 -42.50 -24.07 -37.97
N GLU D 301 -43.83 -23.96 -38.02
CA GLU D 301 -44.66 -24.38 -36.91
C GLU D 301 -44.68 -25.89 -36.82
N ILE D 302 -44.63 -26.56 -37.98
CA ILE D 302 -44.62 -28.03 -38.01
C ILE D 302 -43.36 -28.51 -37.30
N CYS D 303 -42.19 -27.90 -37.64
CA CYS D 303 -40.93 -28.19 -36.94
C CYS D 303 -41.14 -27.99 -35.43
N THR D 304 -41.72 -26.88 -35.02
CA THR D 304 -41.83 -26.65 -33.57
C THR D 304 -42.74 -27.67 -32.87
N LYS D 305 -43.87 -28.01 -33.53
CA LYS D 305 -44.74 -29.05 -32.99
C LYS D 305 -44.08 -30.43 -32.80
N MSE D 306 -43.15 -30.81 -33.69
CA MSE D 306 -42.42 -32.07 -33.56
CA MSE D 306 -42.43 -32.08 -33.54
C MSE D 306 -41.20 -31.97 -32.62
O MSE D 306 -40.38 -32.86 -32.56
CB MSE D 306 -42.02 -32.57 -34.96
CB MSE D 306 -42.07 -32.71 -34.91
CG MSE D 306 -43.23 -32.53 -35.88
CG MSE D 306 -41.60 -31.77 -36.02
SE MSE D 306 -43.52 -33.90 -37.20
SE MSE D 306 -41.76 -32.61 -37.86
CE MSE D 306 -42.82 -33.10 -38.83
CE MSE D 306 -43.45 -33.51 -37.54
N ARG D 307 -41.10 -30.83 -31.93
CA ARG D 307 -39.94 -30.50 -31.06
C ARG D 307 -38.60 -30.44 -31.85
N LEU D 308 -38.65 -29.86 -33.06
CA LEU D 308 -37.51 -29.72 -33.93
C LEU D 308 -37.30 -28.27 -34.21
N GLN D 309 -36.06 -27.98 -34.54
CA GLN D 309 -35.75 -26.63 -35.05
C GLN D 309 -35.15 -26.79 -36.44
N LYS D 310 -35.36 -25.79 -37.30
CA LYS D 310 -34.77 -25.85 -38.64
C LYS D 310 -33.94 -24.59 -38.89
N ARG D 311 -32.91 -24.77 -39.72
CA ARG D 311 -31.96 -23.71 -40.04
C ARG D 311 -31.58 -23.93 -41.54
N GLY D 312 -31.89 -22.96 -42.40
CA GLY D 312 -31.59 -23.07 -43.82
C GLY D 312 -30.14 -22.75 -44.07
N GLY D 322 -31.16 -25.25 -53.96
CA GLY D 322 -31.42 -24.75 -52.61
C GLY D 322 -32.20 -25.79 -51.83
N GLY D 323 -32.93 -25.34 -50.82
CA GLY D 323 -33.89 -26.22 -50.17
C GLY D 323 -33.30 -27.10 -49.07
N VAL D 324 -32.02 -26.86 -48.74
CA VAL D 324 -31.29 -27.71 -47.78
C VAL D 324 -31.32 -27.11 -46.38
N TYR D 325 -31.65 -27.95 -45.40
CA TYR D 325 -31.84 -27.43 -44.05
C TYR D 325 -31.28 -28.36 -43.06
N ASP D 326 -30.76 -27.80 -41.98
CA ASP D 326 -30.27 -28.56 -40.85
C ASP D 326 -31.42 -28.67 -39.83
N ILE D 327 -31.85 -29.89 -39.54
CA ILE D 327 -33.03 -30.06 -38.71
C ILE D 327 -32.50 -30.70 -37.45
N SER D 328 -32.87 -30.22 -36.26
CA SER D 328 -32.22 -30.72 -35.05
C SER D 328 -33.22 -30.71 -33.93
N ASN D 329 -32.90 -31.42 -32.85
CA ASN D 329 -33.82 -31.39 -31.68
C ASN D 329 -33.85 -30.02 -30.98
N LEU D 330 -35.06 -29.60 -30.58
CA LEU D 330 -35.26 -28.35 -29.79
C LEU D 330 -34.84 -28.58 -28.36
N ASP D 331 -35.16 -29.76 -27.81
CA ASP D 331 -35.04 -29.93 -26.34
C ASP D 331 -33.68 -30.51 -25.91
N ARG D 332 -33.27 -30.18 -24.68
CA ARG D 332 -32.04 -30.65 -24.10
C ARG D 332 -32.24 -31.16 -22.69
N LEU D 333 -33.07 -30.44 -21.93
CA LEU D 333 -33.15 -30.69 -20.48
C LEU D 333 -34.55 -31.22 -20.17
N GLY D 334 -34.68 -32.25 -19.35
CA GLY D 334 -36.00 -32.77 -18.99
C GLY D 334 -36.52 -33.84 -19.95
N SER D 335 -35.74 -34.16 -21.00
CA SER D 335 -36.00 -35.35 -21.81
C SER D 335 -34.65 -36.02 -22.08
N SER D 336 -34.63 -37.35 -22.35
CA SER D 336 -33.35 -38.05 -22.53
C SER D 336 -32.71 -37.97 -23.94
N GLU D 337 -31.46 -38.41 -24.02
CA GLU D 337 -30.80 -38.63 -25.32
C GLU D 337 -31.66 -39.49 -26.28
N VAL D 338 -32.10 -40.63 -25.79
CA VAL D 338 -32.98 -41.50 -26.62
C VAL D 338 -34.21 -40.76 -27.13
N GLU D 339 -34.87 -40.05 -26.25
CA GLU D 339 -36.09 -39.29 -26.63
C GLU D 339 -35.77 -38.21 -27.68
N GLN D 340 -34.68 -37.45 -27.48
CA GLN D 340 -34.34 -36.37 -28.39
C GLN D 340 -33.94 -36.88 -29.78
N VAL D 341 -33.13 -37.91 -29.79
CA VAL D 341 -32.72 -38.53 -31.07
C VAL D 341 -33.92 -39.13 -31.79
N ASN D 342 -34.76 -39.82 -31.04
CA ASN D 342 -36.05 -40.37 -31.62
C ASN D 342 -36.99 -39.29 -32.20
N CYS D 343 -36.99 -38.14 -31.56
CA CYS D 343 -37.80 -37.03 -32.04
CA CYS D 343 -37.77 -37.03 -32.01
C CYS D 343 -37.31 -36.59 -33.39
N VAL D 344 -35.99 -36.49 -33.54
CA VAL D 344 -35.39 -36.15 -34.84
C VAL D 344 -35.76 -37.20 -35.87
N ILE D 345 -35.52 -38.47 -35.54
CA ILE D 345 -35.88 -39.51 -36.51
C ILE D 345 -37.40 -39.51 -36.93
N LYS D 346 -38.29 -39.61 -35.93
CA LYS D 346 -39.72 -39.63 -36.20
C LYS D 346 -40.15 -38.38 -36.99
N GLY D 347 -39.71 -37.20 -36.54
CA GLY D 347 -39.99 -35.95 -37.23
C GLY D 347 -39.54 -35.80 -38.68
N VAL D 348 -38.29 -36.11 -38.95
CA VAL D 348 -37.78 -36.00 -40.29
C VAL D 348 -38.45 -37.03 -41.20
N LYS D 349 -38.76 -38.22 -40.67
CA LYS D 349 -39.55 -39.19 -41.49
C LYS D 349 -40.82 -38.53 -41.98
N VAL D 350 -41.52 -37.83 -41.08
CA VAL D 350 -42.74 -37.13 -41.50
C VAL D 350 -42.46 -36.01 -42.52
N LEU D 351 -41.42 -35.20 -42.27
CA LEU D 351 -41.07 -34.09 -43.20
C LEU D 351 -40.78 -34.72 -44.59
N ILE D 352 -40.21 -35.93 -44.60
CA ILE D 352 -39.87 -36.56 -45.88
C ILE D 352 -41.13 -37.04 -46.57
N GLU D 353 -42.06 -37.59 -45.79
CA GLU D 353 -43.35 -38.02 -46.35
C GLU D 353 -44.13 -36.85 -46.92
N MSE D 354 -44.10 -35.72 -46.21
CA MSE D 354 -44.69 -34.45 -46.66
C MSE D 354 -44.00 -33.95 -47.96
O MSE D 354 -44.65 -33.52 -48.95
CB MSE D 354 -44.51 -33.40 -45.56
CG MSE D 354 -45.46 -33.56 -44.36
SE MSE D 354 -44.96 -32.18 -43.02
CE MSE D 354 -46.58 -32.40 -41.88
N GLU D 355 -42.68 -33.95 -47.96
CA GLU D 355 -41.99 -33.57 -49.14
C GLU D 355 -42.45 -34.33 -50.38
N LYS D 356 -42.54 -35.64 -50.26
CA LYS D 356 -42.91 -36.49 -51.40
C LYS D 356 -44.33 -36.23 -51.87
N LYS D 357 -45.21 -35.87 -50.94
CA LYS D 357 -46.59 -35.52 -51.36
C LYS D 357 -46.59 -34.18 -52.08
N LEU D 358 -45.87 -33.17 -51.56
CA LEU D 358 -45.79 -31.91 -52.26
C LEU D 358 -45.17 -32.11 -53.65
N GLU D 359 -44.26 -33.08 -53.79
CA GLU D 359 -43.68 -33.35 -55.11
C GLU D 359 -44.76 -33.79 -56.08
N LYS D 360 -45.73 -34.55 -55.60
CA LYS D 360 -46.87 -34.90 -56.43
C LYS D 360 -48.00 -33.90 -56.49
N GLY D 361 -47.80 -32.69 -55.98
CA GLY D 361 -48.88 -31.68 -55.87
C GLY D 361 -50.07 -32.16 -55.02
N GLU D 362 -49.84 -33.10 -54.12
CA GLU D 362 -50.89 -33.56 -53.27
C GLU D 362 -50.87 -32.77 -51.95
N SER D 363 -51.91 -32.97 -51.14
CA SER D 363 -52.08 -32.25 -49.87
C SER D 363 -51.35 -32.92 -48.72
N ILE D 364 -50.78 -32.11 -47.84
CA ILE D 364 -50.20 -32.62 -46.58
C ILE D 364 -51.00 -32.22 -45.33
N ASP D 365 -52.28 -31.84 -45.49
CA ASP D 365 -53.14 -31.40 -44.34
C ASP D 365 -53.36 -32.47 -43.29
N ASP D 366 -53.21 -33.70 -43.73
CA ASP D 366 -53.62 -34.82 -42.94
C ASP D 366 -52.37 -35.39 -42.24
N LEU D 367 -51.22 -34.79 -42.56
CA LEU D 367 -49.94 -35.11 -41.91
C LEU D 367 -49.48 -34.03 -40.91
N VAL D 368 -50.09 -32.85 -40.97
CA VAL D 368 -49.62 -31.77 -40.16
C VAL D 368 -49.90 -32.15 -38.70
N PRO D 369 -48.87 -32.12 -37.87
CA PRO D 369 -49.01 -32.40 -36.43
C PRO D 369 -49.99 -31.41 -35.78
N LYS D 370 -50.79 -31.89 -34.83
CA LYS D 370 -51.68 -30.98 -34.13
C LYS D 370 -51.02 -30.39 -32.91
MG MG E . 8.82 15.99 11.84
MG MG F . -8.37 -13.38 -11.47
#